data_5FZS
# 
_entry.id   5FZS 
# 
_audit_conform.dict_name       mmcif_pdbx.dic 
_audit_conform.dict_version    5.383 
_audit_conform.dict_location   http://mmcif.pdb.org/dictionaries/ascii/mmcif_pdbx.dic 
# 
loop_
_database_2.database_id 
_database_2.database_code 
_database_2.pdbx_database_accession 
_database_2.pdbx_DOI 
PDB   5FZS         pdb_00005fzs 10.2210/pdb5fzs/pdb 
PDBE  EBI-66485    ?            ?                   
WWPDB D_1290066485 ?            ?                   
# 
loop_
_pdbx_audit_revision_history.ordinal 
_pdbx_audit_revision_history.data_content_type 
_pdbx_audit_revision_history.major_revision 
_pdbx_audit_revision_history.minor_revision 
_pdbx_audit_revision_history.revision_date 
1 'Structure model' 1 0 2016-10-12 
2 'Structure model' 1 1 2017-03-15 
3 'Structure model' 1 2 2024-01-10 
# 
_pdbx_audit_revision_details.ordinal             1 
_pdbx_audit_revision_details.revision_ordinal    1 
_pdbx_audit_revision_details.data_content_type   'Structure model' 
_pdbx_audit_revision_details.provider            repository 
_pdbx_audit_revision_details.type                'Initial release' 
_pdbx_audit_revision_details.description         ? 
_pdbx_audit_revision_details.details             ? 
# 
loop_
_pdbx_audit_revision_group.ordinal 
_pdbx_audit_revision_group.revision_ordinal 
_pdbx_audit_revision_group.data_content_type 
_pdbx_audit_revision_group.group 
1 2 'Structure model' 'Database references'    
2 3 'Structure model' 'Data collection'        
3 3 'Structure model' 'Database references'    
4 3 'Structure model' Other                    
5 3 'Structure model' 'Refinement description' 
# 
loop_
_pdbx_audit_revision_category.ordinal 
_pdbx_audit_revision_category.revision_ordinal 
_pdbx_audit_revision_category.data_content_type 
_pdbx_audit_revision_category.category 
1 3 'Structure model' chem_comp_atom                
2 3 'Structure model' chem_comp_bond                
3 3 'Structure model' database_2                    
4 3 'Structure model' pdbx_database_status          
5 3 'Structure model' pdbx_initial_refinement_model 
# 
loop_
_pdbx_audit_revision_item.ordinal 
_pdbx_audit_revision_item.revision_ordinal 
_pdbx_audit_revision_item.data_content_type 
_pdbx_audit_revision_item.item 
1 3 'Structure model' '_database_2.pdbx_DOI'                 
2 3 'Structure model' '_database_2.pdbx_database_accession'  
3 3 'Structure model' '_pdbx_database_status.status_code_sf' 
# 
_pdbx_database_status.status_code                     REL 
_pdbx_database_status.entry_id                        5FZS 
_pdbx_database_status.deposit_site                    PDBE 
_pdbx_database_status.process_site                    PDBE 
_pdbx_database_status.SG_entry                        . 
_pdbx_database_status.recvd_initial_deposition_date   2016-03-15 
_pdbx_database_status.pdb_format_compatible           Y 
_pdbx_database_status.status_code_sf                  REL 
_pdbx_database_status.status_code_mr                  ? 
_pdbx_database_status.status_code_cs                  ? 
_pdbx_database_status.methods_development_category    ? 
_pdbx_database_status.status_code_nmr_data            ? 
# 
loop_
_pdbx_database_related.db_name 
_pdbx_database_related.db_id 
_pdbx_database_related.content_type 
_pdbx_database_related.details 
PDB 5FZQ unspecified 'DESIGNED TPR PROTEIN M4N'                
PDB 5FZR unspecified 'DESIGNED TPR PROTEIN M4N DELTA C (CF I)' 
# 
loop_
_audit_author.name 
_audit_author.pdbx_ordinal 
'Albrecht, R.'   1 
'Zhu, H.'        2 
'Hartmann, M.D.' 3 
# 
_citation.id                        primary 
_citation.title                     'Origin of a folded repeat protein from an intrinsically disordered ancestor.' 
_citation.journal_abbrev            Elife 
_citation.journal_volume            5 
_citation.page_first                ? 
_citation.page_last                 ? 
_citation.year                      2016 
_citation.journal_id_ASTM           ? 
_citation.country                   US 
_citation.journal_id_ISSN           2050-084X 
_citation.journal_id_CSD            ? 
_citation.book_publisher            ? 
_citation.pdbx_database_id_PubMed   27623012 
_citation.pdbx_database_id_DOI      10.7554/eLife.16761 
# 
loop_
_citation_author.citation_id 
_citation_author.name 
_citation_author.ordinal 
_citation_author.identifier_ORCID 
primary 'Zhu, H.'        1  ? 
primary 'Sepulveda, E.'  2  ? 
primary 'Hartmann, M.D.' 3  ? 
primary 'Kogenaru, M.'   4  ? 
primary 'Ursinus, A.'    5  ? 
primary 'Sulz, E.'       6  ? 
primary 'Albrecht, R.'   7  ? 
primary 'Coles, M.'      8  ? 
primary 'Martin, J.'     9  ? 
primary 'Lupas, A.N.'    10 ? 
# 
loop_
_entity.id 
_entity.type 
_entity.src_method 
_entity.pdbx_description 
_entity.formula_weight 
_entity.pdbx_number_of_molecules 
_entity.pdbx_ec 
_entity.pdbx_mutation 
_entity.pdbx_fragment 
_entity.details 
1 polymer man 'DESIGNED TPR PROTEIN' 11831.779 1  ? ? ? ? 
2 water   nat water                  18.015    45 ? ? ? ? 
# 
_entity_poly.entity_id                      1 
_entity_poly.type                           'polypeptide(L)' 
_entity_poly.nstd_linkage                   no 
_entity_poly.nstd_monomer                   no 
_entity_poly.pdbx_seq_one_letter_code       
;MGNSIKTLSNLANLLAQEGKAEEAIKYMRKAVSLDPNNIKTLSNLANLLAQEGKAEEAIKYMRKAVSLDPNNIKTLSNLA
VLLAQEGKAEEAIKYMRKAVSLIDKAAKG
;
_entity_poly.pdbx_seq_one_letter_code_can   
;MGNSIKTLSNLANLLAQEGKAEEAIKYMRKAVSLDPNNIKTLSNLANLLAQEGKAEEAIKYMRKAVSLDPNNIKTLSNLA
VLLAQEGKAEEAIKYMRKAVSLIDKAAKG
;
_entity_poly.pdbx_strand_id                 A 
_entity_poly.pdbx_target_identifier         ? 
# 
_pdbx_entity_nonpoly.entity_id   2 
_pdbx_entity_nonpoly.name        water 
_pdbx_entity_nonpoly.comp_id     HOH 
# 
loop_
_entity_poly_seq.entity_id 
_entity_poly_seq.num 
_entity_poly_seq.mon_id 
_entity_poly_seq.hetero 
1 1   MET n 
1 2   GLY n 
1 3   ASN n 
1 4   SER n 
1 5   ILE n 
1 6   LYS n 
1 7   THR n 
1 8   LEU n 
1 9   SER n 
1 10  ASN n 
1 11  LEU n 
1 12  ALA n 
1 13  ASN n 
1 14  LEU n 
1 15  LEU n 
1 16  ALA n 
1 17  GLN n 
1 18  GLU n 
1 19  GLY n 
1 20  LYS n 
1 21  ALA n 
1 22  GLU n 
1 23  GLU n 
1 24  ALA n 
1 25  ILE n 
1 26  LYS n 
1 27  TYR n 
1 28  MET n 
1 29  ARG n 
1 30  LYS n 
1 31  ALA n 
1 32  VAL n 
1 33  SER n 
1 34  LEU n 
1 35  ASP n 
1 36  PRO n 
1 37  ASN n 
1 38  ASN n 
1 39  ILE n 
1 40  LYS n 
1 41  THR n 
1 42  LEU n 
1 43  SER n 
1 44  ASN n 
1 45  LEU n 
1 46  ALA n 
1 47  ASN n 
1 48  LEU n 
1 49  LEU n 
1 50  ALA n 
1 51  GLN n 
1 52  GLU n 
1 53  GLY n 
1 54  LYS n 
1 55  ALA n 
1 56  GLU n 
1 57  GLU n 
1 58  ALA n 
1 59  ILE n 
1 60  LYS n 
1 61  TYR n 
1 62  MET n 
1 63  ARG n 
1 64  LYS n 
1 65  ALA n 
1 66  VAL n 
1 67  SER n 
1 68  LEU n 
1 69  ASP n 
1 70  PRO n 
1 71  ASN n 
1 72  ASN n 
1 73  ILE n 
1 74  LYS n 
1 75  THR n 
1 76  LEU n 
1 77  SER n 
1 78  ASN n 
1 79  LEU n 
1 80  ALA n 
1 81  VAL n 
1 82  LEU n 
1 83  LEU n 
1 84  ALA n 
1 85  GLN n 
1 86  GLU n 
1 87  GLY n 
1 88  LYS n 
1 89  ALA n 
1 90  GLU n 
1 91  GLU n 
1 92  ALA n 
1 93  ILE n 
1 94  LYS n 
1 95  TYR n 
1 96  MET n 
1 97  ARG n 
1 98  LYS n 
1 99  ALA n 
1 100 VAL n 
1 101 SER n 
1 102 LEU n 
1 103 ILE n 
1 104 ASP n 
1 105 LYS n 
1 106 ALA n 
1 107 ALA n 
1 108 LYS n 
1 109 GLY n 
# 
_entity_src_gen.entity_id                          1 
_entity_src_gen.pdbx_src_id                        1 
_entity_src_gen.pdbx_alt_source_flag               sample 
_entity_src_gen.pdbx_seq_type                      ? 
_entity_src_gen.pdbx_beg_seq_num                   ? 
_entity_src_gen.pdbx_end_seq_num                   ? 
_entity_src_gen.gene_src_common_name               ? 
_entity_src_gen.gene_src_genus                     ? 
_entity_src_gen.pdbx_gene_src_gene                 ? 
_entity_src_gen.gene_src_species                   ? 
_entity_src_gen.gene_src_strain                    ? 
_entity_src_gen.gene_src_tissue                    ? 
_entity_src_gen.gene_src_tissue_fraction           ? 
_entity_src_gen.gene_src_details                   ? 
_entity_src_gen.pdbx_gene_src_fragment             ? 
_entity_src_gen.pdbx_gene_src_scientific_name      'SYNTHETIC CONSTRUCT' 
_entity_src_gen.pdbx_gene_src_ncbi_taxonomy_id     32630 
_entity_src_gen.pdbx_gene_src_variant              ? 
_entity_src_gen.pdbx_gene_src_cell_line            ? 
_entity_src_gen.pdbx_gene_src_atcc                 ? 
_entity_src_gen.pdbx_gene_src_organ                ? 
_entity_src_gen.pdbx_gene_src_organelle            ? 
_entity_src_gen.pdbx_gene_src_cell                 ? 
_entity_src_gen.pdbx_gene_src_cellular_location    ? 
_entity_src_gen.host_org_common_name               ? 
_entity_src_gen.pdbx_host_org_scientific_name      'ESCHERICHIA COLI' 
_entity_src_gen.pdbx_host_org_ncbi_taxonomy_id     562 
_entity_src_gen.host_org_genus                     ? 
_entity_src_gen.pdbx_host_org_gene                 ? 
_entity_src_gen.pdbx_host_org_organ                ? 
_entity_src_gen.host_org_species                   ? 
_entity_src_gen.pdbx_host_org_tissue               ? 
_entity_src_gen.pdbx_host_org_tissue_fraction      ? 
_entity_src_gen.pdbx_host_org_strain               ? 
_entity_src_gen.pdbx_host_org_variant              ? 
_entity_src_gen.pdbx_host_org_cell_line            ? 
_entity_src_gen.pdbx_host_org_atcc                 ? 
_entity_src_gen.pdbx_host_org_culture_collection   ? 
_entity_src_gen.pdbx_host_org_cell                 ? 
_entity_src_gen.pdbx_host_org_organelle            ? 
_entity_src_gen.pdbx_host_org_cellular_location    ? 
_entity_src_gen.pdbx_host_org_vector_type          ? 
_entity_src_gen.pdbx_host_org_vector               ? 
_entity_src_gen.host_org_details                   ? 
_entity_src_gen.expression_system_id               ? 
_entity_src_gen.plasmid_name                       ? 
_entity_src_gen.plasmid_details                    ? 
_entity_src_gen.pdbx_description                   ? 
# 
loop_
_chem_comp.id 
_chem_comp.type 
_chem_comp.mon_nstd_flag 
_chem_comp.name 
_chem_comp.pdbx_synonyms 
_chem_comp.formula 
_chem_comp.formula_weight 
ALA 'L-peptide linking' y ALANINE         ? 'C3 H7 N O2'     89.093  
ARG 'L-peptide linking' y ARGININE        ? 'C6 H15 N4 O2 1' 175.209 
ASN 'L-peptide linking' y ASPARAGINE      ? 'C4 H8 N2 O3'    132.118 
ASP 'L-peptide linking' y 'ASPARTIC ACID' ? 'C4 H7 N O4'     133.103 
GLN 'L-peptide linking' y GLUTAMINE       ? 'C5 H10 N2 O3'   146.144 
GLU 'L-peptide linking' y 'GLUTAMIC ACID' ? 'C5 H9 N O4'     147.129 
GLY 'peptide linking'   y GLYCINE         ? 'C2 H5 N O2'     75.067  
HOH non-polymer         . WATER           ? 'H2 O'           18.015  
ILE 'L-peptide linking' y ISOLEUCINE      ? 'C6 H13 N O2'    131.173 
LEU 'L-peptide linking' y LEUCINE         ? 'C6 H13 N O2'    131.173 
LYS 'L-peptide linking' y LYSINE          ? 'C6 H15 N2 O2 1' 147.195 
MET 'L-peptide linking' y METHIONINE      ? 'C5 H11 N O2 S'  149.211 
PRO 'L-peptide linking' y PROLINE         ? 'C5 H9 N O2'     115.130 
SER 'L-peptide linking' y SERINE          ? 'C3 H7 N O3'     105.093 
THR 'L-peptide linking' y THREONINE       ? 'C4 H9 N O3'     119.119 
TYR 'L-peptide linking' y TYROSINE        ? 'C9 H11 N O3'    181.189 
VAL 'L-peptide linking' y VALINE          ? 'C5 H11 N O2'    117.146 
# 
loop_
_pdbx_poly_seq_scheme.asym_id 
_pdbx_poly_seq_scheme.entity_id 
_pdbx_poly_seq_scheme.seq_id 
_pdbx_poly_seq_scheme.mon_id 
_pdbx_poly_seq_scheme.ndb_seq_num 
_pdbx_poly_seq_scheme.pdb_seq_num 
_pdbx_poly_seq_scheme.auth_seq_num 
_pdbx_poly_seq_scheme.pdb_mon_id 
_pdbx_poly_seq_scheme.auth_mon_id 
_pdbx_poly_seq_scheme.pdb_strand_id 
_pdbx_poly_seq_scheme.pdb_ins_code 
_pdbx_poly_seq_scheme.hetero 
A 1 1   MET 1   -1  ?   ?   ?   A . n 
A 1 2   GLY 2   0   ?   ?   ?   A . n 
A 1 3   ASN 3   1   1   ASN ASN A . n 
A 1 4   SER 4   2   2   SER SER A . n 
A 1 5   ILE 5   3   3   ILE ILE A . n 
A 1 6   LYS 6   4   4   LYS LYS A . n 
A 1 7   THR 7   5   5   THR THR A . n 
A 1 8   LEU 8   6   6   LEU LEU A . n 
A 1 9   SER 9   7   7   SER SER A . n 
A 1 10  ASN 10  8   8   ASN ASN A . n 
A 1 11  LEU 11  9   9   LEU LEU A . n 
A 1 12  ALA 12  10  10  ALA ALA A . n 
A 1 13  ASN 13  11  11  ASN ASN A . n 
A 1 14  LEU 14  12  12  LEU LEU A . n 
A 1 15  LEU 15  13  13  LEU LEU A . n 
A 1 16  ALA 16  14  14  ALA ALA A . n 
A 1 17  GLN 17  15  15  GLN GLN A . n 
A 1 18  GLU 18  16  16  GLU GLU A . n 
A 1 19  GLY 19  17  17  GLY GLY A . n 
A 1 20  LYS 20  18  18  LYS LYS A . n 
A 1 21  ALA 21  19  19  ALA ALA A . n 
A 1 22  GLU 22  20  20  GLU GLU A . n 
A 1 23  GLU 23  21  21  GLU GLU A . n 
A 1 24  ALA 24  22  22  ALA ALA A . n 
A 1 25  ILE 25  23  23  ILE ILE A . n 
A 1 26  LYS 26  24  24  LYS LYS A . n 
A 1 27  TYR 27  25  25  TYR TYR A . n 
A 1 28  MET 28  26  26  MET MET A . n 
A 1 29  ARG 29  27  27  ARG ARG A . n 
A 1 30  LYS 30  28  28  LYS LYS A . n 
A 1 31  ALA 31  29  29  ALA ALA A . n 
A 1 32  VAL 32  30  30  VAL VAL A . n 
A 1 33  SER 33  31  31  SER SER A . n 
A 1 34  LEU 34  32  32  LEU LEU A . n 
A 1 35  ASP 35  33  33  ASP ASP A . n 
A 1 36  PRO 36  34  34  PRO PRO A . n 
A 1 37  ASN 37  35  35  ASN ASN A . n 
A 1 38  ASN 38  36  36  ASN ASN A . n 
A 1 39  ILE 39  37  37  ILE ILE A . n 
A 1 40  LYS 40  38  38  LYS LYS A . n 
A 1 41  THR 41  39  39  THR THR A . n 
A 1 42  LEU 42  40  40  LEU LEU A . n 
A 1 43  SER 43  41  41  SER SER A . n 
A 1 44  ASN 44  42  42  ASN ASN A . n 
A 1 45  LEU 45  43  43  LEU LEU A . n 
A 1 46  ALA 46  44  44  ALA ALA A . n 
A 1 47  ASN 47  45  45  ASN ASN A . n 
A 1 48  LEU 48  46  46  LEU LEU A . n 
A 1 49  LEU 49  47  47  LEU LEU A . n 
A 1 50  ALA 50  48  48  ALA ALA A . n 
A 1 51  GLN 51  49  49  GLN GLN A . n 
A 1 52  GLU 52  50  50  GLU GLU A . n 
A 1 53  GLY 53  51  51  GLY GLY A . n 
A 1 54  LYS 54  52  52  LYS LYS A . n 
A 1 55  ALA 55  53  53  ALA ALA A . n 
A 1 56  GLU 56  54  54  GLU GLU A . n 
A 1 57  GLU 57  55  55  GLU GLU A . n 
A 1 58  ALA 58  56  56  ALA ALA A . n 
A 1 59  ILE 59  57  57  ILE ILE A . n 
A 1 60  LYS 60  58  58  LYS LYS A . n 
A 1 61  TYR 61  59  59  TYR TYR A . n 
A 1 62  MET 62  60  60  MET MET A . n 
A 1 63  ARG 63  61  61  ARG ARG A . n 
A 1 64  LYS 64  62  62  LYS LYS A . n 
A 1 65  ALA 65  63  63  ALA ALA A . n 
A 1 66  VAL 66  64  64  VAL VAL A . n 
A 1 67  SER 67  65  65  SER SER A . n 
A 1 68  LEU 68  66  66  LEU LEU A . n 
A 1 69  ASP 69  67  67  ASP ASP A . n 
A 1 70  PRO 70  68  68  PRO PRO A . n 
A 1 71  ASN 71  69  69  ASN ASN A . n 
A 1 72  ASN 72  70  70  ASN ASN A . n 
A 1 73  ILE 73  71  71  ILE ILE A . n 
A 1 74  LYS 74  72  72  LYS LYS A . n 
A 1 75  THR 75  73  73  THR THR A . n 
A 1 76  LEU 76  74  74  LEU LEU A . n 
A 1 77  SER 77  75  75  SER SER A . n 
A 1 78  ASN 78  76  76  ASN ASN A . n 
A 1 79  LEU 79  77  77  LEU LEU A . n 
A 1 80  ALA 80  78  78  ALA ALA A . n 
A 1 81  VAL 81  79  79  VAL VAL A . n 
A 1 82  LEU 82  80  80  LEU LEU A . n 
A 1 83  LEU 83  81  81  LEU LEU A . n 
A 1 84  ALA 84  82  82  ALA ALA A . n 
A 1 85  GLN 85  83  83  GLN GLN A . n 
A 1 86  GLU 86  84  84  GLU GLU A . n 
A 1 87  GLY 87  85  85  GLY GLY A . n 
A 1 88  LYS 88  86  86  LYS LYS A . n 
A 1 89  ALA 89  87  87  ALA ALA A . n 
A 1 90  GLU 90  88  88  GLU GLU A . n 
A 1 91  GLU 91  89  89  GLU GLU A . n 
A 1 92  ALA 92  90  90  ALA ALA A . n 
A 1 93  ILE 93  91  91  ILE ILE A . n 
A 1 94  LYS 94  92  92  LYS LYS A . n 
A 1 95  TYR 95  93  93  TYR TYR A . n 
A 1 96  MET 96  94  94  MET MET A . n 
A 1 97  ARG 97  95  95  ARG ARG A . n 
A 1 98  LYS 98  96  96  LYS LYS A . n 
A 1 99  ALA 99  97  97  ALA ALA A . n 
A 1 100 VAL 100 98  98  VAL VAL A . n 
A 1 101 SER 101 99  99  SER SER A . n 
A 1 102 LEU 102 100 100 LEU LEU A . n 
A 1 103 ILE 103 101 101 ILE ILE A . n 
A 1 104 ASP 104 102 102 ASP ASP A . n 
A 1 105 LYS 105 103 103 LYS LYS A . n 
A 1 106 ALA 106 104 104 ALA ALA A . n 
A 1 107 ALA 107 105 105 ALA ALA A . n 
A 1 108 LYS 108 106 106 LYS LYS A . n 
A 1 109 GLY 109 107 107 GLY GLY A . n 
# 
loop_
_pdbx_nonpoly_scheme.asym_id 
_pdbx_nonpoly_scheme.entity_id 
_pdbx_nonpoly_scheme.mon_id 
_pdbx_nonpoly_scheme.ndb_seq_num 
_pdbx_nonpoly_scheme.pdb_seq_num 
_pdbx_nonpoly_scheme.auth_seq_num 
_pdbx_nonpoly_scheme.pdb_mon_id 
_pdbx_nonpoly_scheme.auth_mon_id 
_pdbx_nonpoly_scheme.pdb_strand_id 
_pdbx_nonpoly_scheme.pdb_ins_code 
B 2 HOH 1  2001 2001 HOH HOH A . 
B 2 HOH 2  2002 2002 HOH HOH A . 
B 2 HOH 3  2003 2003 HOH HOH A . 
B 2 HOH 4  2004 2004 HOH HOH A . 
B 2 HOH 5  2005 2005 HOH HOH A . 
B 2 HOH 6  2006 2006 HOH HOH A . 
B 2 HOH 7  2007 2007 HOH HOH A . 
B 2 HOH 8  2008 2008 HOH HOH A . 
B 2 HOH 9  2009 2009 HOH HOH A . 
B 2 HOH 10 2010 2010 HOH HOH A . 
B 2 HOH 11 2011 2011 HOH HOH A . 
B 2 HOH 12 2012 2012 HOH HOH A . 
B 2 HOH 13 2013 2013 HOH HOH A . 
B 2 HOH 14 2014 2014 HOH HOH A . 
B 2 HOH 15 2015 2015 HOH HOH A . 
B 2 HOH 16 2016 2016 HOH HOH A . 
B 2 HOH 17 2017 2017 HOH HOH A . 
B 2 HOH 18 2018 2018 HOH HOH A . 
B 2 HOH 19 2019 2019 HOH HOH A . 
B 2 HOH 20 2020 2020 HOH HOH A . 
B 2 HOH 21 2021 2021 HOH HOH A . 
B 2 HOH 22 2022 2022 HOH HOH A . 
B 2 HOH 23 2023 2023 HOH HOH A . 
B 2 HOH 24 2024 2024 HOH HOH A . 
B 2 HOH 25 2025 2025 HOH HOH A . 
B 2 HOH 26 2026 2026 HOH HOH A . 
B 2 HOH 27 2027 2027 HOH HOH A . 
B 2 HOH 28 2028 2028 HOH HOH A . 
B 2 HOH 29 2029 2029 HOH HOH A . 
B 2 HOH 30 2030 2030 HOH HOH A . 
B 2 HOH 31 2031 2031 HOH HOH A . 
B 2 HOH 32 2032 2032 HOH HOH A . 
B 2 HOH 33 2033 2033 HOH HOH A . 
B 2 HOH 34 2034 2034 HOH HOH A . 
B 2 HOH 35 2035 2035 HOH HOH A . 
B 2 HOH 36 2036 2036 HOH HOH A . 
B 2 HOH 37 2037 2037 HOH HOH A . 
B 2 HOH 38 2038 2038 HOH HOH A . 
B 2 HOH 39 2039 2039 HOH HOH A . 
B 2 HOH 40 2040 2040 HOH HOH A . 
B 2 HOH 41 2041 2041 HOH HOH A . 
B 2 HOH 42 2042 2042 HOH HOH A . 
B 2 HOH 43 2043 2043 HOH HOH A . 
B 2 HOH 44 2044 2044 HOH HOH A . 
B 2 HOH 45 2045 2045 HOH HOH A . 
# 
loop_
_pdbx_unobs_or_zero_occ_atoms.id 
_pdbx_unobs_or_zero_occ_atoms.PDB_model_num 
_pdbx_unobs_or_zero_occ_atoms.polymer_flag 
_pdbx_unobs_or_zero_occ_atoms.occupancy_flag 
_pdbx_unobs_or_zero_occ_atoms.auth_asym_id 
_pdbx_unobs_or_zero_occ_atoms.auth_comp_id 
_pdbx_unobs_or_zero_occ_atoms.auth_seq_id 
_pdbx_unobs_or_zero_occ_atoms.PDB_ins_code 
_pdbx_unobs_or_zero_occ_atoms.auth_atom_id 
_pdbx_unobs_or_zero_occ_atoms.label_alt_id 
_pdbx_unobs_or_zero_occ_atoms.label_asym_id 
_pdbx_unobs_or_zero_occ_atoms.label_comp_id 
_pdbx_unobs_or_zero_occ_atoms.label_seq_id 
_pdbx_unobs_or_zero_occ_atoms.label_atom_id 
1  1 Y 1 A GLU 20 ? CG  ? A GLU 22 CG  
2  1 Y 1 A GLU 20 ? CD  ? A GLU 22 CD  
3  1 Y 1 A GLU 20 ? OE1 ? A GLU 22 OE1 
4  1 Y 1 A GLU 20 ? OE2 ? A GLU 22 OE2 
5  1 Y 1 A GLU 21 ? CD  ? A GLU 23 CD  
6  1 Y 1 A GLU 21 ? OE1 ? A GLU 23 OE1 
7  1 Y 1 A GLU 21 ? OE2 ? A GLU 23 OE2 
8  1 Y 1 A GLU 54 ? CD  ? A GLU 56 CD  
9  1 Y 1 A GLU 54 ? OE1 ? A GLU 56 OE1 
10 1 Y 1 A GLU 54 ? OE2 ? A GLU 56 OE2 
11 1 Y 1 A ARG 61 ? NE  ? A ARG 63 NE  
12 1 Y 1 A ARG 61 ? CZ  ? A ARG 63 CZ  
13 1 Y 1 A ARG 61 ? NH1 ? A ARG 63 NH1 
14 1 Y 1 A ARG 61 ? NH2 ? A ARG 63 NH2 
15 1 Y 1 A LYS 72 ? CG  ? A LYS 74 CG  
16 1 Y 1 A LYS 72 ? CD  ? A LYS 74 CD  
17 1 Y 1 A LYS 72 ? CE  ? A LYS 74 CE  
18 1 Y 1 A LYS 72 ? NZ  ? A LYS 74 NZ  
19 1 Y 1 A GLU 88 ? CG  ? A GLU 90 CG  
20 1 Y 1 A GLU 88 ? CD  ? A GLU 90 CD  
21 1 Y 1 A GLU 88 ? OE1 ? A GLU 90 OE1 
22 1 Y 1 A GLU 88 ? OE2 ? A GLU 90 OE2 
23 1 Y 1 A GLU 89 ? CG  ? A GLU 91 CG  
24 1 Y 1 A GLU 89 ? CD  ? A GLU 91 CD  
25 1 Y 1 A GLU 89 ? OE1 ? A GLU 91 OE1 
26 1 Y 1 A GLU 89 ? OE2 ? A GLU 91 OE2 
# 
loop_
_software.name 
_software.classification 
_software.version 
_software.citation_id 
_software.pdbx_ordinal 
PHENIX refinement       '(PHENIX.REFINE)' ? 1 
XDS    'data reduction' .                 ? 2 
XDS    'data scaling'   .                 ? 3 
MOLREP phasing          .                 ? 4 
# 
_cell.entry_id           5FZS 
_cell.length_a           64.752 
_cell.length_b           64.752 
_cell.length_c           86.833 
_cell.angle_alpha        90.00 
_cell.angle_beta         90.00 
_cell.angle_gamma        120.00 
_cell.Z_PDB              12 
_cell.pdbx_unique_axis   ? 
# 
_symmetry.entry_id                         5FZS 
_symmetry.space_group_name_H-M             'P 6 2 2' 
_symmetry.pdbx_full_space_group_name_H-M   ? 
_symmetry.cell_setting                     ? 
_symmetry.Int_Tables_number                177 
# 
_exptl.entry_id          5FZS 
_exptl.method            'X-RAY DIFFRACTION' 
_exptl.crystals_number   1 
# 
_exptl_crystal.id                    1 
_exptl_crystal.density_meas          ? 
_exptl_crystal.density_Matthews      2.1 
_exptl_crystal.density_percent_sol   43 
_exptl_crystal.description           NONE 
# 
_diffrn.id                     1 
_diffrn.ambient_temp           100 
_diffrn.ambient_temp_details   ? 
_diffrn.crystal_id             1 
# 
_diffrn_detector.diffrn_id              1 
_diffrn_detector.detector               PIXEL 
_diffrn_detector.type                   'DECTRIS PILATUS 6M' 
_diffrn_detector.pdbx_collection_date   2014-04-10 
_diffrn_detector.details                ? 
# 
_diffrn_radiation.diffrn_id                        1 
_diffrn_radiation.wavelength_id                    1 
_diffrn_radiation.pdbx_monochromatic_or_laue_m_l   M 
_diffrn_radiation.monochromator                    ? 
_diffrn_radiation.pdbx_diffrn_protocol             'SINGLE WAVELENGTH' 
_diffrn_radiation.pdbx_scattering_type             x-ray 
# 
_diffrn_radiation_wavelength.id           1 
_diffrn_radiation_wavelength.wavelength   1.0 
_diffrn_radiation_wavelength.wt           1.0 
# 
_diffrn_source.diffrn_id                   1 
_diffrn_source.source                      SYNCHROTRON 
_diffrn_source.type                        'SLS BEAMLINE X10SA' 
_diffrn_source.pdbx_synchrotron_site       SLS 
_diffrn_source.pdbx_synchrotron_beamline   X10SA 
_diffrn_source.pdbx_wavelength             1.0 
_diffrn_source.pdbx_wavelength_list        ? 
# 
_reflns.pdbx_diffrn_id               1 
_reflns.pdbx_ordinal                 1 
_reflns.entry_id                     5FZS 
_reflns.observed_criterion_sigma_I   -3.0 
_reflns.observed_criterion_sigma_F   ? 
_reflns.d_resolution_low             34.30 
_reflns.d_resolution_high            1.65 
_reflns.number_obs                   13476 
_reflns.number_all                   ? 
_reflns.percent_possible_obs         99.6 
_reflns.pdbx_Rmerge_I_obs            0.04 
_reflns.pdbx_Rsym_value              ? 
_reflns.pdbx_netI_over_sigmaI        32.60 
_reflns.B_iso_Wilson_estimate        25.17 
_reflns.pdbx_redundancy              9.21 
# 
_reflns_shell.pdbx_diffrn_id         1 
_reflns_shell.pdbx_ordinal           1 
_reflns_shell.d_res_high             1.65 
_reflns_shell.d_res_low              1.75 
_reflns_shell.percent_possible_all   99.0 
_reflns_shell.Rmerge_I_obs           0.71 
_reflns_shell.pdbx_Rsym_value        ? 
_reflns_shell.meanI_over_sigI_obs    3.28 
_reflns_shell.pdbx_redundancy        9.44 
# 
_refine.pdbx_refine_id                           'X-RAY DIFFRACTION' 
_refine.entry_id                                 5FZS 
_refine.pdbx_diffrn_id                           1 
_refine.pdbx_TLS_residual_ADP_flag               ? 
_refine.ls_number_reflns_obs                     13475 
_refine.ls_number_reflns_all                     ? 
_refine.pdbx_ls_sigma_I                          ? 
_refine.pdbx_ls_sigma_F                          1.36 
_refine.pdbx_data_cutoff_high_absF               ? 
_refine.pdbx_data_cutoff_low_absF                ? 
_refine.pdbx_data_cutoff_high_rms_absF           ? 
_refine.ls_d_res_low                             34.330 
_refine.ls_d_res_high                            1.652 
_refine.ls_percent_reflns_obs                    99.61 
_refine.ls_R_factor_obs                          0.1997 
_refine.ls_R_factor_all                          ? 
_refine.ls_R_factor_R_work                       0.1982 
_refine.ls_R_factor_R_free                       0.2194 
_refine.ls_R_factor_R_free_error                 ? 
_refine.ls_R_factor_R_free_error_details         ? 
_refine.ls_percent_reflns_R_free                 7.0 
_refine.ls_number_reflns_R_free                  944 
_refine.ls_number_parameters                     ? 
_refine.ls_number_restraints                     ? 
_refine.occupancy_min                            ? 
_refine.occupancy_max                            ? 
_refine.correlation_coeff_Fo_to_Fc               ? 
_refine.correlation_coeff_Fo_to_Fc_free          ? 
_refine.B_iso_mean                               ? 
_refine.aniso_B[1][1]                            ? 
_refine.aniso_B[2][2]                            ? 
_refine.aniso_B[3][3]                            ? 
_refine.aniso_B[1][2]                            ? 
_refine.aniso_B[1][3]                            ? 
_refine.aniso_B[2][3]                            ? 
_refine.solvent_model_details                    'FLAT BULK SOLVENT MODEL' 
_refine.solvent_model_param_ksol                 ? 
_refine.solvent_model_param_bsol                 ? 
_refine.pdbx_solvent_vdw_probe_radii             1.11 
_refine.pdbx_solvent_ion_probe_radii             ? 
_refine.pdbx_solvent_shrinkage_radii             0.90 
_refine.pdbx_ls_cross_valid_method               ? 
_refine.details                                  ? 
_refine.pdbx_starting_model                      'PDB ENTRY 5FZQ' 
_refine.pdbx_method_to_determine_struct          'MOLECULAR REPLACEMENT' 
_refine.pdbx_isotropic_thermal_model             ? 
_refine.pdbx_stereochemistry_target_values       ML 
_refine.pdbx_stereochem_target_val_spec_case     ? 
_refine.pdbx_R_Free_selection_details            ? 
_refine.pdbx_overall_ESU_R                       ? 
_refine.pdbx_overall_ESU_R_Free                  ? 
_refine.overall_SU_ML                            0.19 
_refine.pdbx_overall_phase_error                 22.20 
_refine.overall_SU_B                             ? 
_refine.overall_SU_R_Cruickshank_DPI             ? 
_refine.pdbx_overall_SU_R_free_Cruickshank_DPI   ? 
_refine.pdbx_overall_SU_R_Blow_DPI               ? 
_refine.pdbx_overall_SU_R_free_Blow_DPI          ? 
# 
_refine_hist.pdbx_refine_id                   'X-RAY DIFFRACTION' 
_refine_hist.cycle_id                         LAST 
_refine_hist.pdbx_number_atoms_protein        787 
_refine_hist.pdbx_number_atoms_nucleic_acid   0 
_refine_hist.pdbx_number_atoms_ligand         0 
_refine_hist.number_atoms_solvent             45 
_refine_hist.number_atoms_total               832 
_refine_hist.d_res_high                       1.652 
_refine_hist.d_res_low                        34.330 
# 
loop_
_refine_ls_restr.type 
_refine_ls_restr.dev_ideal 
_refine_ls_restr.dev_ideal_target 
_refine_ls_restr.weight 
_refine_ls_restr.number 
_refine_ls_restr.pdbx_refine_id 
_refine_ls_restr.pdbx_restraint_function 
f_bond_d           0.006  ? ? 813  'X-RAY DIFFRACTION' ? 
f_angle_d          0.883  ? ? 1096 'X-RAY DIFFRACTION' ? 
f_dihedral_angle_d 11.160 ? ? 318  'X-RAY DIFFRACTION' ? 
f_chiral_restr     0.039  ? ? 135  'X-RAY DIFFRACTION' ? 
f_plane_restr      0.004  ? ? 138  'X-RAY DIFFRACTION' ? 
# 
loop_
_refine_ls_shell.pdbx_refine_id 
_refine_ls_shell.pdbx_total_number_of_bins_used 
_refine_ls_shell.d_res_high 
_refine_ls_shell.d_res_low 
_refine_ls_shell.number_reflns_R_work 
_refine_ls_shell.R_factor_R_work 
_refine_ls_shell.percent_reflns_obs 
_refine_ls_shell.R_factor_R_free 
_refine_ls_shell.R_factor_R_free_error 
_refine_ls_shell.percent_reflns_R_free 
_refine_ls_shell.number_reflns_R_free 
_refine_ls_shell.number_reflns_all 
_refine_ls_shell.R_factor_all 
'X-RAY DIFFRACTION' . 1.6516 1.7387  1712 0.2548 99.00  0.2873 . . 129 . . 
'X-RAY DIFFRACTION' . 1.7387 1.8476  1765 0.2333 100.00 0.2699 . . 133 . . 
'X-RAY DIFFRACTION' . 1.8476 1.9903  1741 0.2041 100.00 0.2028 . . 131 . . 
'X-RAY DIFFRACTION' . 1.9903 2.1905  1765 0.1980 100.00 0.2368 . . 133 . . 
'X-RAY DIFFRACTION' . 2.1905 2.5074  1792 0.1792 100.00 0.2288 . . 135 . . 
'X-RAY DIFFRACTION' . 2.5074 3.1587  1815 0.2014 100.00 0.1966 . . 136 . . 
'X-RAY DIFFRACTION' . 3.1587 34.3372 1941 0.1942 99.00  0.2156 . . 147 . . 
# 
_struct.entry_id                  5FZS 
_struct.title                     'Designed TPR Protein M4N delta C (CF II)' 
_struct.pdbx_model_details        ? 
_struct.pdbx_CASP_flag            ? 
_struct.pdbx_model_type_details   ? 
# 
_struct_keywords.entry_id        5FZS 
_struct_keywords.pdbx_keywords   'UNKNOWN FUNCTION' 
_struct_keywords.text            'UNKNOWN FUNCTION, TETRATRICOPEPTIDE REPEAT' 
# 
loop_
_struct_asym.id 
_struct_asym.pdbx_blank_PDB_chainid_flag 
_struct_asym.pdbx_modified 
_struct_asym.entity_id 
_struct_asym.details 
A N N 1 ? 
B N N 2 ? 
# 
_struct_ref.id                         1 
_struct_ref.db_name                    PDB 
_struct_ref.db_code                    5FZS 
_struct_ref.entity_id                  1 
_struct_ref.pdbx_seq_one_letter_code   ? 
_struct_ref.pdbx_align_begin           ? 
_struct_ref.pdbx_db_accession          5FZS 
_struct_ref.pdbx_db_isoform            ? 
# 
_struct_ref_seq.align_id                      1 
_struct_ref_seq.ref_id                        1 
_struct_ref_seq.pdbx_PDB_id_code              5FZS 
_struct_ref_seq.pdbx_strand_id                A 
_struct_ref_seq.seq_align_beg                 1 
_struct_ref_seq.pdbx_seq_align_beg_ins_code   ? 
_struct_ref_seq.seq_align_end                 109 
_struct_ref_seq.pdbx_seq_align_end_ins_code   ? 
_struct_ref_seq.pdbx_db_accession             5FZS 
_struct_ref_seq.db_align_beg                  -1 
_struct_ref_seq.pdbx_db_align_beg_ins_code    ? 
_struct_ref_seq.db_align_end                  107 
_struct_ref_seq.pdbx_db_align_end_ins_code    ? 
_struct_ref_seq.pdbx_auth_seq_align_beg       -1 
_struct_ref_seq.pdbx_auth_seq_align_end       107 
# 
_pdbx_struct_assembly.id                   1 
_pdbx_struct_assembly.details              author_and_software_defined_assembly 
_pdbx_struct_assembly.method_details       PISA 
_pdbx_struct_assembly.oligomeric_details   dimeric 
_pdbx_struct_assembly.oligomeric_count     2 
# 
loop_
_pdbx_struct_assembly_prop.biol_id 
_pdbx_struct_assembly_prop.type 
_pdbx_struct_assembly_prop.value 
_pdbx_struct_assembly_prop.details 
1 'ABSA (A^2)' 1870  ? 
1 MORE         -19.2 ? 
1 'SSA (A^2)'  10670 ? 
# 
_pdbx_struct_assembly_gen.assembly_id       1 
_pdbx_struct_assembly_gen.oper_expression   1,2 
_pdbx_struct_assembly_gen.asym_id_list      A,B 
# 
loop_
_pdbx_struct_oper_list.id 
_pdbx_struct_oper_list.type 
_pdbx_struct_oper_list.name 
_pdbx_struct_oper_list.symmetry_operation 
_pdbx_struct_oper_list.matrix[1][1] 
_pdbx_struct_oper_list.matrix[1][2] 
_pdbx_struct_oper_list.matrix[1][3] 
_pdbx_struct_oper_list.vector[1] 
_pdbx_struct_oper_list.matrix[2][1] 
_pdbx_struct_oper_list.matrix[2][2] 
_pdbx_struct_oper_list.matrix[2][3] 
_pdbx_struct_oper_list.vector[2] 
_pdbx_struct_oper_list.matrix[3][1] 
_pdbx_struct_oper_list.matrix[3][2] 
_pdbx_struct_oper_list.matrix[3][3] 
_pdbx_struct_oper_list.vector[3] 
1 'identity operation'         1_555 x,y,z       1.0000000000  0.0000000000  0.0000000000 0.0000000000   0.0000000000  1.0000000000  0.0000000000  0.0000000000  0.0000000000 0.0000000000  1.0000000000 0.0000000000 
2 'crystal symmetry operation' 4_665 -x+1,-y+1,z -0.9941322959 -0.0245027375 0.1053593566 -17.0915150753 -0.0245027375 -0.8976798866 -0.4399664045 -2.6564148269 0.1053593566 -0.4399664045 0.8918121825 0.3340806011 
# 
_struct_biol.id   1 
# 
loop_
_struct_conf.conf_type_id 
_struct_conf.id 
_struct_conf.pdbx_PDB_helix_id 
_struct_conf.beg_label_comp_id 
_struct_conf.beg_label_asym_id 
_struct_conf.beg_label_seq_id 
_struct_conf.pdbx_beg_PDB_ins_code 
_struct_conf.end_label_comp_id 
_struct_conf.end_label_asym_id 
_struct_conf.end_label_seq_id 
_struct_conf.pdbx_end_PDB_ins_code 
_struct_conf.beg_auth_comp_id 
_struct_conf.beg_auth_asym_id 
_struct_conf.beg_auth_seq_id 
_struct_conf.end_auth_comp_id 
_struct_conf.end_auth_asym_id 
_struct_conf.end_auth_seq_id 
_struct_conf.pdbx_PDB_helix_class 
_struct_conf.details 
_struct_conf.pdbx_PDB_helix_length 
HELX_P HELX_P1 1 ASN A 3  ? GLU A 18  ? ASN A 1  GLU A 16  1 ? 16 
HELX_P HELX_P2 2 LYS A 20 ? ASP A 35  ? LYS A 18 ASP A 33  1 ? 16 
HELX_P HELX_P3 3 ASN A 38 ? GLU A 52  ? ASN A 36 GLU A 50  1 ? 15 
HELX_P HELX_P4 4 LYS A 54 ? ASP A 69  ? LYS A 52 ASP A 67  1 ? 16 
HELX_P HELX_P5 5 ASN A 72 ? GLU A 86  ? ASN A 70 GLU A 84  1 ? 15 
HELX_P HELX_P6 6 LYS A 88 ? GLY A 109 ? LYS A 86 GLY A 107 1 ? 22 
# 
_struct_conf_type.id          HELX_P 
_struct_conf_type.criteria    ? 
_struct_conf_type.reference   ? 
# 
loop_
_pdbx_validate_torsion.id 
_pdbx_validate_torsion.PDB_model_num 
_pdbx_validate_torsion.auth_comp_id 
_pdbx_validate_torsion.auth_asym_id 
_pdbx_validate_torsion.auth_seq_id 
_pdbx_validate_torsion.PDB_ins_code 
_pdbx_validate_torsion.label_alt_id 
_pdbx_validate_torsion.phi 
_pdbx_validate_torsion.psi 
1 1 LYS A 18 ? ? -118.32 56.69 
2 1 ASP A 33 ? ? -156.01 87.46 
3 1 ASP A 67 ? ? -154.13 84.58 
4 1 LYS A 86 ? ? -116.22 52.62 
# 
_pdbx_refine_tls.pdbx_refine_id   'X-RAY DIFFRACTION' 
_pdbx_refine_tls.id               1 
_pdbx_refine_tls.details          ? 
_pdbx_refine_tls.method           refined 
_pdbx_refine_tls.origin_x         0.1645 
_pdbx_refine_tls.origin_y         0.2986 
_pdbx_refine_tls.origin_z         -0.3631 
_pdbx_refine_tls.T[1][1]          0.1182 
_pdbx_refine_tls.T[2][2]          0.1357 
_pdbx_refine_tls.T[3][3]          0.2848 
_pdbx_refine_tls.T[1][2]          -0.0373 
_pdbx_refine_tls.T[1][3]          -0.0038 
_pdbx_refine_tls.T[2][3]          -0.0260 
_pdbx_refine_tls.L[1][1]          1.7039 
_pdbx_refine_tls.L[2][2]          0.3579 
_pdbx_refine_tls.L[3][3]          5.1295 
_pdbx_refine_tls.L[1][2]          -0.1097 
_pdbx_refine_tls.L[1][3]          -0.7473 
_pdbx_refine_tls.L[2][3]          -0.8520 
_pdbx_refine_tls.S[1][1]          0.0650 
_pdbx_refine_tls.S[1][2]          -0.0982 
_pdbx_refine_tls.S[1][3]          -0.0039 
_pdbx_refine_tls.S[2][1]          0.0646 
_pdbx_refine_tls.S[2][2]          -0.0395 
_pdbx_refine_tls.S[2][3]          -0.0267 
_pdbx_refine_tls.S[3][1]          -0.0511 
_pdbx_refine_tls.S[3][2]          0.0025 
_pdbx_refine_tls.S[3][3]          -0.0307 
# 
_pdbx_refine_tls_group.pdbx_refine_id      'X-RAY DIFFRACTION' 
_pdbx_refine_tls_group.id                  1 
_pdbx_refine_tls_group.refine_tls_id       1 
_pdbx_refine_tls_group.beg_auth_asym_id    ? 
_pdbx_refine_tls_group.beg_auth_seq_id     ? 
_pdbx_refine_tls_group.beg_label_asym_id   ? 
_pdbx_refine_tls_group.beg_label_seq_id    ? 
_pdbx_refine_tls_group.end_auth_asym_id    ? 
_pdbx_refine_tls_group.end_auth_seq_id     ? 
_pdbx_refine_tls_group.end_label_asym_id   ? 
_pdbx_refine_tls_group.end_label_seq_id    ? 
_pdbx_refine_tls_group.selection           ? 
_pdbx_refine_tls_group.selection_details   '(CHAIN A)' 
# 
loop_
_pdbx_unobs_or_zero_occ_residues.id 
_pdbx_unobs_or_zero_occ_residues.PDB_model_num 
_pdbx_unobs_or_zero_occ_residues.polymer_flag 
_pdbx_unobs_or_zero_occ_residues.occupancy_flag 
_pdbx_unobs_or_zero_occ_residues.auth_asym_id 
_pdbx_unobs_or_zero_occ_residues.auth_comp_id 
_pdbx_unobs_or_zero_occ_residues.auth_seq_id 
_pdbx_unobs_or_zero_occ_residues.PDB_ins_code 
_pdbx_unobs_or_zero_occ_residues.label_asym_id 
_pdbx_unobs_or_zero_occ_residues.label_comp_id 
_pdbx_unobs_or_zero_occ_residues.label_seq_id 
1 1 Y 1 A MET -1 ? A MET 1 
2 1 Y 1 A GLY 0  ? A GLY 2 
# 
loop_
_chem_comp_atom.comp_id 
_chem_comp_atom.atom_id 
_chem_comp_atom.type_symbol 
_chem_comp_atom.pdbx_aromatic_flag 
_chem_comp_atom.pdbx_stereo_config 
_chem_comp_atom.pdbx_ordinal 
ALA N    N N N 1   
ALA CA   C N S 2   
ALA C    C N N 3   
ALA O    O N N 4   
ALA CB   C N N 5   
ALA OXT  O N N 6   
ALA H    H N N 7   
ALA H2   H N N 8   
ALA HA   H N N 9   
ALA HB1  H N N 10  
ALA HB2  H N N 11  
ALA HB3  H N N 12  
ALA HXT  H N N 13  
ARG N    N N N 14  
ARG CA   C N S 15  
ARG C    C N N 16  
ARG O    O N N 17  
ARG CB   C N N 18  
ARG CG   C N N 19  
ARG CD   C N N 20  
ARG NE   N N N 21  
ARG CZ   C N N 22  
ARG NH1  N N N 23  
ARG NH2  N N N 24  
ARG OXT  O N N 25  
ARG H    H N N 26  
ARG H2   H N N 27  
ARG HA   H N N 28  
ARG HB2  H N N 29  
ARG HB3  H N N 30  
ARG HG2  H N N 31  
ARG HG3  H N N 32  
ARG HD2  H N N 33  
ARG HD3  H N N 34  
ARG HE   H N N 35  
ARG HH11 H N N 36  
ARG HH12 H N N 37  
ARG HH21 H N N 38  
ARG HH22 H N N 39  
ARG HXT  H N N 40  
ASN N    N N N 41  
ASN CA   C N S 42  
ASN C    C N N 43  
ASN O    O N N 44  
ASN CB   C N N 45  
ASN CG   C N N 46  
ASN OD1  O N N 47  
ASN ND2  N N N 48  
ASN OXT  O N N 49  
ASN H    H N N 50  
ASN H2   H N N 51  
ASN HA   H N N 52  
ASN HB2  H N N 53  
ASN HB3  H N N 54  
ASN HD21 H N N 55  
ASN HD22 H N N 56  
ASN HXT  H N N 57  
ASP N    N N N 58  
ASP CA   C N S 59  
ASP C    C N N 60  
ASP O    O N N 61  
ASP CB   C N N 62  
ASP CG   C N N 63  
ASP OD1  O N N 64  
ASP OD2  O N N 65  
ASP OXT  O N N 66  
ASP H    H N N 67  
ASP H2   H N N 68  
ASP HA   H N N 69  
ASP HB2  H N N 70  
ASP HB3  H N N 71  
ASP HD2  H N N 72  
ASP HXT  H N N 73  
GLN N    N N N 74  
GLN CA   C N S 75  
GLN C    C N N 76  
GLN O    O N N 77  
GLN CB   C N N 78  
GLN CG   C N N 79  
GLN CD   C N N 80  
GLN OE1  O N N 81  
GLN NE2  N N N 82  
GLN OXT  O N N 83  
GLN H    H N N 84  
GLN H2   H N N 85  
GLN HA   H N N 86  
GLN HB2  H N N 87  
GLN HB3  H N N 88  
GLN HG2  H N N 89  
GLN HG3  H N N 90  
GLN HE21 H N N 91  
GLN HE22 H N N 92  
GLN HXT  H N N 93  
GLU N    N N N 94  
GLU CA   C N S 95  
GLU C    C N N 96  
GLU O    O N N 97  
GLU CB   C N N 98  
GLU CG   C N N 99  
GLU CD   C N N 100 
GLU OE1  O N N 101 
GLU OE2  O N N 102 
GLU OXT  O N N 103 
GLU H    H N N 104 
GLU H2   H N N 105 
GLU HA   H N N 106 
GLU HB2  H N N 107 
GLU HB3  H N N 108 
GLU HG2  H N N 109 
GLU HG3  H N N 110 
GLU HE2  H N N 111 
GLU HXT  H N N 112 
GLY N    N N N 113 
GLY CA   C N N 114 
GLY C    C N N 115 
GLY O    O N N 116 
GLY OXT  O N N 117 
GLY H    H N N 118 
GLY H2   H N N 119 
GLY HA2  H N N 120 
GLY HA3  H N N 121 
GLY HXT  H N N 122 
HOH O    O N N 123 
HOH H1   H N N 124 
HOH H2   H N N 125 
ILE N    N N N 126 
ILE CA   C N S 127 
ILE C    C N N 128 
ILE O    O N N 129 
ILE CB   C N S 130 
ILE CG1  C N N 131 
ILE CG2  C N N 132 
ILE CD1  C N N 133 
ILE OXT  O N N 134 
ILE H    H N N 135 
ILE H2   H N N 136 
ILE HA   H N N 137 
ILE HB   H N N 138 
ILE HG12 H N N 139 
ILE HG13 H N N 140 
ILE HG21 H N N 141 
ILE HG22 H N N 142 
ILE HG23 H N N 143 
ILE HD11 H N N 144 
ILE HD12 H N N 145 
ILE HD13 H N N 146 
ILE HXT  H N N 147 
LEU N    N N N 148 
LEU CA   C N S 149 
LEU C    C N N 150 
LEU O    O N N 151 
LEU CB   C N N 152 
LEU CG   C N N 153 
LEU CD1  C N N 154 
LEU CD2  C N N 155 
LEU OXT  O N N 156 
LEU H    H N N 157 
LEU H2   H N N 158 
LEU HA   H N N 159 
LEU HB2  H N N 160 
LEU HB3  H N N 161 
LEU HG   H N N 162 
LEU HD11 H N N 163 
LEU HD12 H N N 164 
LEU HD13 H N N 165 
LEU HD21 H N N 166 
LEU HD22 H N N 167 
LEU HD23 H N N 168 
LEU HXT  H N N 169 
LYS N    N N N 170 
LYS CA   C N S 171 
LYS C    C N N 172 
LYS O    O N N 173 
LYS CB   C N N 174 
LYS CG   C N N 175 
LYS CD   C N N 176 
LYS CE   C N N 177 
LYS NZ   N N N 178 
LYS OXT  O N N 179 
LYS H    H N N 180 
LYS H2   H N N 181 
LYS HA   H N N 182 
LYS HB2  H N N 183 
LYS HB3  H N N 184 
LYS HG2  H N N 185 
LYS HG3  H N N 186 
LYS HD2  H N N 187 
LYS HD3  H N N 188 
LYS HE2  H N N 189 
LYS HE3  H N N 190 
LYS HZ1  H N N 191 
LYS HZ2  H N N 192 
LYS HZ3  H N N 193 
LYS HXT  H N N 194 
MET N    N N N 195 
MET CA   C N S 196 
MET C    C N N 197 
MET O    O N N 198 
MET CB   C N N 199 
MET CG   C N N 200 
MET SD   S N N 201 
MET CE   C N N 202 
MET OXT  O N N 203 
MET H    H N N 204 
MET H2   H N N 205 
MET HA   H N N 206 
MET HB2  H N N 207 
MET HB3  H N N 208 
MET HG2  H N N 209 
MET HG3  H N N 210 
MET HE1  H N N 211 
MET HE2  H N N 212 
MET HE3  H N N 213 
MET HXT  H N N 214 
PRO N    N N N 215 
PRO CA   C N S 216 
PRO C    C N N 217 
PRO O    O N N 218 
PRO CB   C N N 219 
PRO CG   C N N 220 
PRO CD   C N N 221 
PRO OXT  O N N 222 
PRO H    H N N 223 
PRO HA   H N N 224 
PRO HB2  H N N 225 
PRO HB3  H N N 226 
PRO HG2  H N N 227 
PRO HG3  H N N 228 
PRO HD2  H N N 229 
PRO HD3  H N N 230 
PRO HXT  H N N 231 
SER N    N N N 232 
SER CA   C N S 233 
SER C    C N N 234 
SER O    O N N 235 
SER CB   C N N 236 
SER OG   O N N 237 
SER OXT  O N N 238 
SER H    H N N 239 
SER H2   H N N 240 
SER HA   H N N 241 
SER HB2  H N N 242 
SER HB3  H N N 243 
SER HG   H N N 244 
SER HXT  H N N 245 
THR N    N N N 246 
THR CA   C N S 247 
THR C    C N N 248 
THR O    O N N 249 
THR CB   C N R 250 
THR OG1  O N N 251 
THR CG2  C N N 252 
THR OXT  O N N 253 
THR H    H N N 254 
THR H2   H N N 255 
THR HA   H N N 256 
THR HB   H N N 257 
THR HG1  H N N 258 
THR HG21 H N N 259 
THR HG22 H N N 260 
THR HG23 H N N 261 
THR HXT  H N N 262 
TYR N    N N N 263 
TYR CA   C N S 264 
TYR C    C N N 265 
TYR O    O N N 266 
TYR CB   C N N 267 
TYR CG   C Y N 268 
TYR CD1  C Y N 269 
TYR CD2  C Y N 270 
TYR CE1  C Y N 271 
TYR CE2  C Y N 272 
TYR CZ   C Y N 273 
TYR OH   O N N 274 
TYR OXT  O N N 275 
TYR H    H N N 276 
TYR H2   H N N 277 
TYR HA   H N N 278 
TYR HB2  H N N 279 
TYR HB3  H N N 280 
TYR HD1  H N N 281 
TYR HD2  H N N 282 
TYR HE1  H N N 283 
TYR HE2  H N N 284 
TYR HH   H N N 285 
TYR HXT  H N N 286 
VAL N    N N N 287 
VAL CA   C N S 288 
VAL C    C N N 289 
VAL O    O N N 290 
VAL CB   C N N 291 
VAL CG1  C N N 292 
VAL CG2  C N N 293 
VAL OXT  O N N 294 
VAL H    H N N 295 
VAL H2   H N N 296 
VAL HA   H N N 297 
VAL HB   H N N 298 
VAL HG11 H N N 299 
VAL HG12 H N N 300 
VAL HG13 H N N 301 
VAL HG21 H N N 302 
VAL HG22 H N N 303 
VAL HG23 H N N 304 
VAL HXT  H N N 305 
# 
loop_
_chem_comp_bond.comp_id 
_chem_comp_bond.atom_id_1 
_chem_comp_bond.atom_id_2 
_chem_comp_bond.value_order 
_chem_comp_bond.pdbx_aromatic_flag 
_chem_comp_bond.pdbx_stereo_config 
_chem_comp_bond.pdbx_ordinal 
ALA N   CA   sing N N 1   
ALA N   H    sing N N 2   
ALA N   H2   sing N N 3   
ALA CA  C    sing N N 4   
ALA CA  CB   sing N N 5   
ALA CA  HA   sing N N 6   
ALA C   O    doub N N 7   
ALA C   OXT  sing N N 8   
ALA CB  HB1  sing N N 9   
ALA CB  HB2  sing N N 10  
ALA CB  HB3  sing N N 11  
ALA OXT HXT  sing N N 12  
ARG N   CA   sing N N 13  
ARG N   H    sing N N 14  
ARG N   H2   sing N N 15  
ARG CA  C    sing N N 16  
ARG CA  CB   sing N N 17  
ARG CA  HA   sing N N 18  
ARG C   O    doub N N 19  
ARG C   OXT  sing N N 20  
ARG CB  CG   sing N N 21  
ARG CB  HB2  sing N N 22  
ARG CB  HB3  sing N N 23  
ARG CG  CD   sing N N 24  
ARG CG  HG2  sing N N 25  
ARG CG  HG3  sing N N 26  
ARG CD  NE   sing N N 27  
ARG CD  HD2  sing N N 28  
ARG CD  HD3  sing N N 29  
ARG NE  CZ   sing N N 30  
ARG NE  HE   sing N N 31  
ARG CZ  NH1  sing N N 32  
ARG CZ  NH2  doub N N 33  
ARG NH1 HH11 sing N N 34  
ARG NH1 HH12 sing N N 35  
ARG NH2 HH21 sing N N 36  
ARG NH2 HH22 sing N N 37  
ARG OXT HXT  sing N N 38  
ASN N   CA   sing N N 39  
ASN N   H    sing N N 40  
ASN N   H2   sing N N 41  
ASN CA  C    sing N N 42  
ASN CA  CB   sing N N 43  
ASN CA  HA   sing N N 44  
ASN C   O    doub N N 45  
ASN C   OXT  sing N N 46  
ASN CB  CG   sing N N 47  
ASN CB  HB2  sing N N 48  
ASN CB  HB3  sing N N 49  
ASN CG  OD1  doub N N 50  
ASN CG  ND2  sing N N 51  
ASN ND2 HD21 sing N N 52  
ASN ND2 HD22 sing N N 53  
ASN OXT HXT  sing N N 54  
ASP N   CA   sing N N 55  
ASP N   H    sing N N 56  
ASP N   H2   sing N N 57  
ASP CA  C    sing N N 58  
ASP CA  CB   sing N N 59  
ASP CA  HA   sing N N 60  
ASP C   O    doub N N 61  
ASP C   OXT  sing N N 62  
ASP CB  CG   sing N N 63  
ASP CB  HB2  sing N N 64  
ASP CB  HB3  sing N N 65  
ASP CG  OD1  doub N N 66  
ASP CG  OD2  sing N N 67  
ASP OD2 HD2  sing N N 68  
ASP OXT HXT  sing N N 69  
GLN N   CA   sing N N 70  
GLN N   H    sing N N 71  
GLN N   H2   sing N N 72  
GLN CA  C    sing N N 73  
GLN CA  CB   sing N N 74  
GLN CA  HA   sing N N 75  
GLN C   O    doub N N 76  
GLN C   OXT  sing N N 77  
GLN CB  CG   sing N N 78  
GLN CB  HB2  sing N N 79  
GLN CB  HB3  sing N N 80  
GLN CG  CD   sing N N 81  
GLN CG  HG2  sing N N 82  
GLN CG  HG3  sing N N 83  
GLN CD  OE1  doub N N 84  
GLN CD  NE2  sing N N 85  
GLN NE2 HE21 sing N N 86  
GLN NE2 HE22 sing N N 87  
GLN OXT HXT  sing N N 88  
GLU N   CA   sing N N 89  
GLU N   H    sing N N 90  
GLU N   H2   sing N N 91  
GLU CA  C    sing N N 92  
GLU CA  CB   sing N N 93  
GLU CA  HA   sing N N 94  
GLU C   O    doub N N 95  
GLU C   OXT  sing N N 96  
GLU CB  CG   sing N N 97  
GLU CB  HB2  sing N N 98  
GLU CB  HB3  sing N N 99  
GLU CG  CD   sing N N 100 
GLU CG  HG2  sing N N 101 
GLU CG  HG3  sing N N 102 
GLU CD  OE1  doub N N 103 
GLU CD  OE2  sing N N 104 
GLU OE2 HE2  sing N N 105 
GLU OXT HXT  sing N N 106 
GLY N   CA   sing N N 107 
GLY N   H    sing N N 108 
GLY N   H2   sing N N 109 
GLY CA  C    sing N N 110 
GLY CA  HA2  sing N N 111 
GLY CA  HA3  sing N N 112 
GLY C   O    doub N N 113 
GLY C   OXT  sing N N 114 
GLY OXT HXT  sing N N 115 
HOH O   H1   sing N N 116 
HOH O   H2   sing N N 117 
ILE N   CA   sing N N 118 
ILE N   H    sing N N 119 
ILE N   H2   sing N N 120 
ILE CA  C    sing N N 121 
ILE CA  CB   sing N N 122 
ILE CA  HA   sing N N 123 
ILE C   O    doub N N 124 
ILE C   OXT  sing N N 125 
ILE CB  CG1  sing N N 126 
ILE CB  CG2  sing N N 127 
ILE CB  HB   sing N N 128 
ILE CG1 CD1  sing N N 129 
ILE CG1 HG12 sing N N 130 
ILE CG1 HG13 sing N N 131 
ILE CG2 HG21 sing N N 132 
ILE CG2 HG22 sing N N 133 
ILE CG2 HG23 sing N N 134 
ILE CD1 HD11 sing N N 135 
ILE CD1 HD12 sing N N 136 
ILE CD1 HD13 sing N N 137 
ILE OXT HXT  sing N N 138 
LEU N   CA   sing N N 139 
LEU N   H    sing N N 140 
LEU N   H2   sing N N 141 
LEU CA  C    sing N N 142 
LEU CA  CB   sing N N 143 
LEU CA  HA   sing N N 144 
LEU C   O    doub N N 145 
LEU C   OXT  sing N N 146 
LEU CB  CG   sing N N 147 
LEU CB  HB2  sing N N 148 
LEU CB  HB3  sing N N 149 
LEU CG  CD1  sing N N 150 
LEU CG  CD2  sing N N 151 
LEU CG  HG   sing N N 152 
LEU CD1 HD11 sing N N 153 
LEU CD1 HD12 sing N N 154 
LEU CD1 HD13 sing N N 155 
LEU CD2 HD21 sing N N 156 
LEU CD2 HD22 sing N N 157 
LEU CD2 HD23 sing N N 158 
LEU OXT HXT  sing N N 159 
LYS N   CA   sing N N 160 
LYS N   H    sing N N 161 
LYS N   H2   sing N N 162 
LYS CA  C    sing N N 163 
LYS CA  CB   sing N N 164 
LYS CA  HA   sing N N 165 
LYS C   O    doub N N 166 
LYS C   OXT  sing N N 167 
LYS CB  CG   sing N N 168 
LYS CB  HB2  sing N N 169 
LYS CB  HB3  sing N N 170 
LYS CG  CD   sing N N 171 
LYS CG  HG2  sing N N 172 
LYS CG  HG3  sing N N 173 
LYS CD  CE   sing N N 174 
LYS CD  HD2  sing N N 175 
LYS CD  HD3  sing N N 176 
LYS CE  NZ   sing N N 177 
LYS CE  HE2  sing N N 178 
LYS CE  HE3  sing N N 179 
LYS NZ  HZ1  sing N N 180 
LYS NZ  HZ2  sing N N 181 
LYS NZ  HZ3  sing N N 182 
LYS OXT HXT  sing N N 183 
MET N   CA   sing N N 184 
MET N   H    sing N N 185 
MET N   H2   sing N N 186 
MET CA  C    sing N N 187 
MET CA  CB   sing N N 188 
MET CA  HA   sing N N 189 
MET C   O    doub N N 190 
MET C   OXT  sing N N 191 
MET CB  CG   sing N N 192 
MET CB  HB2  sing N N 193 
MET CB  HB3  sing N N 194 
MET CG  SD   sing N N 195 
MET CG  HG2  sing N N 196 
MET CG  HG3  sing N N 197 
MET SD  CE   sing N N 198 
MET CE  HE1  sing N N 199 
MET CE  HE2  sing N N 200 
MET CE  HE3  sing N N 201 
MET OXT HXT  sing N N 202 
PRO N   CA   sing N N 203 
PRO N   CD   sing N N 204 
PRO N   H    sing N N 205 
PRO CA  C    sing N N 206 
PRO CA  CB   sing N N 207 
PRO CA  HA   sing N N 208 
PRO C   O    doub N N 209 
PRO C   OXT  sing N N 210 
PRO CB  CG   sing N N 211 
PRO CB  HB2  sing N N 212 
PRO CB  HB3  sing N N 213 
PRO CG  CD   sing N N 214 
PRO CG  HG2  sing N N 215 
PRO CG  HG3  sing N N 216 
PRO CD  HD2  sing N N 217 
PRO CD  HD3  sing N N 218 
PRO OXT HXT  sing N N 219 
SER N   CA   sing N N 220 
SER N   H    sing N N 221 
SER N   H2   sing N N 222 
SER CA  C    sing N N 223 
SER CA  CB   sing N N 224 
SER CA  HA   sing N N 225 
SER C   O    doub N N 226 
SER C   OXT  sing N N 227 
SER CB  OG   sing N N 228 
SER CB  HB2  sing N N 229 
SER CB  HB3  sing N N 230 
SER OG  HG   sing N N 231 
SER OXT HXT  sing N N 232 
THR N   CA   sing N N 233 
THR N   H    sing N N 234 
THR N   H2   sing N N 235 
THR CA  C    sing N N 236 
THR CA  CB   sing N N 237 
THR CA  HA   sing N N 238 
THR C   O    doub N N 239 
THR C   OXT  sing N N 240 
THR CB  OG1  sing N N 241 
THR CB  CG2  sing N N 242 
THR CB  HB   sing N N 243 
THR OG1 HG1  sing N N 244 
THR CG2 HG21 sing N N 245 
THR CG2 HG22 sing N N 246 
THR CG2 HG23 sing N N 247 
THR OXT HXT  sing N N 248 
TYR N   CA   sing N N 249 
TYR N   H    sing N N 250 
TYR N   H2   sing N N 251 
TYR CA  C    sing N N 252 
TYR CA  CB   sing N N 253 
TYR CA  HA   sing N N 254 
TYR C   O    doub N N 255 
TYR C   OXT  sing N N 256 
TYR CB  CG   sing N N 257 
TYR CB  HB2  sing N N 258 
TYR CB  HB3  sing N N 259 
TYR CG  CD1  doub Y N 260 
TYR CG  CD2  sing Y N 261 
TYR CD1 CE1  sing Y N 262 
TYR CD1 HD1  sing N N 263 
TYR CD2 CE2  doub Y N 264 
TYR CD2 HD2  sing N N 265 
TYR CE1 CZ   doub Y N 266 
TYR CE1 HE1  sing N N 267 
TYR CE2 CZ   sing Y N 268 
TYR CE2 HE2  sing N N 269 
TYR CZ  OH   sing N N 270 
TYR OH  HH   sing N N 271 
TYR OXT HXT  sing N N 272 
VAL N   CA   sing N N 273 
VAL N   H    sing N N 274 
VAL N   H2   sing N N 275 
VAL CA  C    sing N N 276 
VAL CA  CB   sing N N 277 
VAL CA  HA   sing N N 278 
VAL C   O    doub N N 279 
VAL C   OXT  sing N N 280 
VAL CB  CG1  sing N N 281 
VAL CB  CG2  sing N N 282 
VAL CB  HB   sing N N 283 
VAL CG1 HG11 sing N N 284 
VAL CG1 HG12 sing N N 285 
VAL CG1 HG13 sing N N 286 
VAL CG2 HG21 sing N N 287 
VAL CG2 HG22 sing N N 288 
VAL CG2 HG23 sing N N 289 
VAL OXT HXT  sing N N 290 
# 
_pdbx_initial_refinement_model.id               1 
_pdbx_initial_refinement_model.entity_id_list   ? 
_pdbx_initial_refinement_model.type             'experimental model' 
_pdbx_initial_refinement_model.source_name      PDB 
_pdbx_initial_refinement_model.accession_code   5FZQ 
_pdbx_initial_refinement_model.details          'PDB ENTRY 5FZQ' 
# 
_atom_sites.entry_id                    5FZS 
_atom_sites.fract_transf_matrix[1][1]   -0.01176103 
_atom_sites.fract_transf_matrix[1][2]   0.01289712 
_atom_sites.fract_transf_matrix[1][3]   0.00365440 
_atom_sites.fract_transf_matrix[2][1]   -0.01745929 
_atom_sites.fract_transf_matrix[2][2]   -0.00362942 
_atom_sites.fract_transf_matrix[2][3]   0.00012828 
_atom_sites.fract_transf_matrix[3][1]   0.00062376 
_atom_sites.fract_transf_matrix[3][2]   -0.00260476 
_atom_sites.fract_transf_matrix[3][3]   0.01120020 
_atom_sites.fract_transf_vector[1]      0.416011 
_atom_sites.fract_transf_vector[2]      0.345965 
_atom_sites.fract_transf_vector[3]      0.241341 
# 
loop_
_atom_type.symbol 
C 
N 
O 
S 
# 
loop_
_atom_site.group_PDB 
_atom_site.id 
_atom_site.type_symbol 
_atom_site.label_atom_id 
_atom_site.label_alt_id 
_atom_site.label_comp_id 
_atom_site.label_asym_id 
_atom_site.label_entity_id 
_atom_site.label_seq_id 
_atom_site.pdbx_PDB_ins_code 
_atom_site.Cartn_x 
_atom_site.Cartn_y 
_atom_site.Cartn_z 
_atom_site.occupancy 
_atom_site.B_iso_or_equiv 
_atom_site.pdbx_formal_charge 
_atom_site.auth_seq_id 
_atom_site.auth_comp_id 
_atom_site.auth_asym_id 
_atom_site.auth_atom_id 
_atom_site.pdbx_PDB_model_num 
ATOM   1   N N   . ASN A 1 3   ? -4.433  15.313  -14.957 1.00 58.42 ? 1    ASN A N   1 
ATOM   2   C CA  . ASN A 1 3   ? -3.866  14.643  -13.794 1.00 49.93 ? 1    ASN A CA  1 
ATOM   3   C C   . ASN A 1 3   ? -2.990  13.456  -14.211 1.00 44.11 ? 1    ASN A C   1 
ATOM   4   O O   . ASN A 1 3   ? -3.493  12.374  -14.520 1.00 36.63 ? 1    ASN A O   1 
ATOM   5   C CB  . ASN A 1 3   ? -4.987  14.195  -12.855 1.00 48.57 ? 1    ASN A CB  1 
ATOM   6   C CG  . ASN A 1 3   ? -4.483  13.826  -11.469 1.00 50.98 ? 1    ASN A CG  1 
ATOM   7   O OD1 . ASN A 1 3   ? -3.479  13.132  -11.322 1.00 38.07 ? 1    ASN A OD1 1 
ATOM   8   N ND2 . ASN A 1 3   ? -5.184  14.294  -10.444 1.00 61.53 ? 1    ASN A ND2 1 
ATOM   9   N N   . SER A 1 4   ? -1.678  13.662  -14.224 1.00 35.26 ? 2    SER A N   1 
ATOM   10  C CA  . SER A 1 4   ? -0.760  12.625  -14.683 1.00 33.12 ? 2    SER A CA  1 
ATOM   11  C C   . SER A 1 4   ? -0.726  11.414  -13.747 1.00 25.24 ? 2    SER A C   1 
ATOM   12  O O   . SER A 1 4   ? -0.564  10.288  -14.208 1.00 26.51 ? 2    SER A O   1 
ATOM   13  C CB  . SER A 1 4   ? 0.649   13.194  -14.855 1.00 44.84 ? 2    SER A CB  1 
ATOM   14  O OG  . SER A 1 4   ? 0.744   14.008  -16.015 1.00 48.72 ? 2    SER A OG  1 
ATOM   15  N N   . ILE A 1 5   ? -0.866  11.637  -12.442 1.00 22.26 ? 3    ILE A N   1 
ATOM   16  C CA  . ILE A 1 5   ? -0.909  10.521  -11.512 1.00 19.32 ? 3    ILE A CA  1 
ATOM   17  C C   . ILE A 1 5   ? -2.132  9.658   -11.810 1.00 21.92 ? 3    ILE A C   1 
ATOM   18  O O   . ILE A 1 5   ? -2.045  8.427   -11.824 1.00 22.92 ? 3    ILE A O   1 
ATOM   19  C CB  . ILE A 1 5   ? -0.939  10.987  -10.038 1.00 29.37 ? 3    ILE A CB  1 
ATOM   20  C CG1 . ILE A 1 5   ? 0.410   11.596  -9.655  1.00 28.93 ? 3    ILE A CG1 1 
ATOM   21  C CG2 . ILE A 1 5   ? -1.240  9.824   -9.108  1.00 27.59 ? 3    ILE A CG2 1 
ATOM   22  C CD1 . ILE A 1 5   ? 0.391   12.290  -8.306  1.00 32.44 ? 3    ILE A CD1 1 
ATOM   23  N N   . LYS A 1 6   ? -3.257  10.316  -12.088 1.00 25.78 ? 4    LYS A N   1 
ATOM   24  C CA  . LYS A 1 6   ? -4.498  9.615   -12.422 1.00 23.85 ? 4    LYS A CA  1 
ATOM   25  C C   . LYS A 1 6   ? -4.321  8.779   -13.691 1.00 20.91 ? 4    LYS A C   1 
ATOM   26  O O   . LYS A 1 6   ? -4.648  7.592   -13.719 1.00 23.09 ? 4    LYS A O   1 
ATOM   27  C CB  . LYS A 1 6   ? -5.644  10.614  -12.602 1.00 30.26 ? 4    LYS A CB  1 
ATOM   28  C CG  . LYS A 1 6   ? -6.927  10.000  -13.128 1.00 35.22 ? 4    LYS A CG  1 
ATOM   29  C CD  . LYS A 1 6   ? -7.973  11.069  -13.396 1.00 43.55 ? 4    LYS A CD  1 
ATOM   30  C CE  . LYS A 1 6   ? -7.469  12.119  -14.380 1.00 54.91 ? 4    LYS A CE  1 
ATOM   31  N NZ  . LYS A 1 6   ? -7.110  11.548  -15.707 1.00 56.37 ? 4    LYS A NZ  1 
ATOM   32  N N   . THR A 1 7   ? -3.782  9.404   -14.726 1.00 19.79 ? 5    THR A N   1 
ATOM   33  C CA  . THR A 1 7   ? -3.601  8.744   -16.017 1.00 19.66 ? 5    THR A CA  1 
ATOM   34  C C   . THR A 1 7   ? -2.646  7.569   -15.918 1.00 22.06 ? 5    THR A C   1 
ATOM   35  O O   . THR A 1 7   ? -2.904  6.494   -16.478 1.00 23.03 ? 5    THR A O   1 
ATOM   36  C CB  . THR A 1 7   ? -3.092  9.733   -17.072 1.00 27.09 ? 5    THR A CB  1 
ATOM   37  O OG1 . THR A 1 7   ? -4.048  10.795  -17.217 1.00 31.61 ? 5    THR A OG1 1 
ATOM   38  C CG2 . THR A 1 7   ? -2.920  9.047   -18.401 1.00 32.24 ? 5    THR A CG2 1 
ATOM   39  N N   . LEU A 1 8   ? -1.530  7.774   -15.227 1.00 20.15 ? 6    LEU A N   1 
ATOM   40  C CA  . LEU A 1 8   ? -0.574  6.702   -15.033 1.00 17.42 ? 6    LEU A CA  1 
ATOM   41  C C   . LEU A 1 8   ? -1.186  5.566   -14.236 1.00 18.38 ? 6    LEU A C   1 
ATOM   42  O O   . LEU A 1 8   ? -0.933  4.399   -14.524 1.00 21.66 ? 6    LEU A O   1 
ATOM   43  C CB  . LEU A 1 8   ? 0.683   7.211   -14.323 1.00 19.92 ? 6    LEU A CB  1 
ATOM   44  C CG  . LEU A 1 8   ? 1.628   8.023   -15.205 1.00 21.50 ? 6    LEU A CG  1 
ATOM   45  C CD1 . LEU A 1 8   ? 2.645   8.732   -14.340 1.00 25.44 ? 6    LEU A CD1 1 
ATOM   46  C CD2 . LEU A 1 8   ? 2.335   7.129   -16.216 1.00 22.42 ? 6    LEU A CD2 1 
ATOM   47  N N   . SER A 1 9   ? -1.971  5.910   -13.217 1.00 17.92 ? 7    SER A N   1 
ATOM   48  C CA  . SER A 1 9   ? -2.617  4.883   -12.393 1.00 17.03 ? 7    SER A CA  1 
ATOM   49  C C   . SER A 1 9   ? -3.648  4.110   -13.199 1.00 20.03 ? 7    SER A C   1 
ATOM   50  O O   . SER A 1 9   ? -3.754  2.889   -13.067 1.00 21.03 ? 7    SER A O   1 
ATOM   51  C CB  . SER A 1 9   ? -3.279  5.508   -11.165 1.00 24.11 ? 7    SER A CB  1 
ATOM   52  O OG  . SER A 1 9   ? -2.290  6.047   -10.310 1.00 27.44 ? 7    SER A OG  1 
ATOM   53  N N   . ASN A 1 10  ? -4.402  4.817   -14.035 1.00 17.57 ? 8    ASN A N   1 
ATOM   54  C CA  . ASN A 1 10  ? -5.388  4.157   -14.901 1.00 17.85 ? 8    ASN A CA  1 
ATOM   55  C C   . ASN A 1 10  ? -4.698  3.209   -15.867 1.00 18.92 ? 8    ASN A C   1 
ATOM   56  O O   . ASN A 1 10  ? -5.159  2.087   -16.085 1.00 22.73 ? 8    ASN A O   1 
ATOM   57  C CB  . ASN A 1 10  ? -6.203  5.180   -15.695 1.00 19.32 ? 8    ASN A CB  1 
ATOM   58  C CG  . ASN A 1 10  ? -7.193  5.915   -14.839 1.00 23.10 ? 8    ASN A CG  1 
ATOM   59  O OD1 . ASN A 1 10  ? -7.483  5.506   -13.716 1.00 25.25 ? 8    ASN A OD1 1 
ATOM   60  N ND2 . ASN A 1 10  ? -7.736  7.007   -15.371 1.00 24.51 ? 8    ASN A ND2 1 
ATOM   61  N N   . LEU A 1 11  ? -3.612  3.680   -16.473 1.00 17.48 ? 9    LEU A N   1 
ATOM   62  C CA  . LEU A 1 11  ? -2.856  2.881   -17.420 1.00 17.64 ? 9    LEU A CA  1 
ATOM   63  C C   . LEU A 1 11  ? -2.302  1.638   -16.734 1.00 19.51 ? 9    LEU A C   1 
ATOM   64  O O   . LEU A 1 11  ? -2.331  0.542   -17.288 1.00 21.49 ? 9    LEU A O   1 
ATOM   65  C CB  . LEU A 1 11  ? -1.714  3.702   -18.019 1.00 19.29 ? 9    LEU A CB  1 
ATOM   66  C CG  . LEU A 1 11  ? -0.791  2.948   -18.967 1.00 25.78 ? 9    LEU A CG  1 
ATOM   67  C CD1 . LEU A 1 11  ? -1.596  2.433   -20.150 1.00 29.19 ? 9    LEU A CD1 1 
ATOM   68  C CD2 . LEU A 1 11  ? 0.315   3.872   -19.432 1.00 29.42 ? 9    LEU A CD2 1 
ATOM   69  N N   . ALA A 1 12  ? -1.768  1.816   -15.532 1.00 18.10 ? 10   ALA A N   1 
ATOM   70  C CA  . ALA A 1 12  ? -1.217  0.675   -14.797 1.00 18.33 ? 10   ALA A CA  1 
ATOM   71  C C   . ALA A 1 12  ? -2.307  -0.342  -14.501 1.00 21.14 ? 10   ALA A C   1 
ATOM   72  O O   . ALA A 1 12  ? -2.102  -1.555  -14.623 1.00 21.70 ? 10   ALA A O   1 
ATOM   73  C CB  . ALA A 1 12  ? -0.559  1.138   -13.507 1.00 19.17 ? 10   ALA A CB  1 
ATOM   74  N N   . ASN A 1 13  ? -3.471  0.144   -14.092 1.00 19.74 ? 11   ASN A N   1 
ATOM   75  C CA  . ASN A 1 13  ? -4.580  -0.760  -13.820 1.00 25.98 ? 11   ASN A CA  1 
ATOM   76  C C   . ASN A 1 13  ? -4.945  -1.567  -15.060 1.00 24.97 ? 11   ASN A C   1 
ATOM   77  O O   . ASN A 1 13  ? -5.124  -2.784  -14.990 1.00 24.27 ? 11   ASN A O   1 
ATOM   78  C CB  . ASN A 1 13  ? -5.796  0.021   -13.315 1.00 31.47 ? 11   ASN A CB  1 
ATOM   79  C CG  . ASN A 1 13  ? -6.950  -0.883  -12.926 1.00 46.10 ? 11   ASN A CG  1 
ATOM   80  O OD1 . ASN A 1 13  ? -6.751  -2.039  -12.543 1.00 43.93 ? 11   ASN A OD1 1 
ATOM   81  N ND2 . ASN A 1 13  ? -8.168  -0.361  -13.023 1.00 50.84 ? 11   ASN A ND2 1 
ATOM   82  N N   . LEU A 1 14  ? -5.034  -0.892  -16.203 1.00 20.59 ? 12   LEU A N   1 
ATOM   83  C CA  . LEU A 1 14  ? -5.396  -1.557  -17.448 1.00 21.12 ? 12   LEU A CA  1 
ATOM   84  C C   . LEU A 1 14  ? -4.338  -2.568  -17.875 1.00 26.14 ? 12   LEU A C   1 
ATOM   85  O O   . LEU A 1 14  ? -4.675  -3.647  -18.358 1.00 30.01 ? 12   LEU A O   1 
ATOM   86  C CB  . LEU A 1 14  ? -5.622  -0.524  -18.551 1.00 23.84 ? 12   LEU A CB  1 
ATOM   87  C CG  . LEU A 1 14  ? -6.795  0.385   -18.181 1.00 33.71 ? 12   LEU A CG  1 
ATOM   88  C CD1 . LEU A 1 14  ? -6.915  1.542   -19.143 1.00 41.90 ? 12   LEU A CD1 1 
ATOM   89  C CD2 . LEU A 1 14  ? -8.088  -0.413  -18.134 1.00 41.87 ? 12   LEU A CD2 1 
ATOM   90  N N   . LEU A 1 15  ? -3.066  -2.218  -17.704 1.00 20.75 ? 13   LEU A N   1 
ATOM   91  C CA  . LEU A 1 15  ? -1.981  -3.133  -18.059 1.00 19.46 ? 13   LEU A CA  1 
ATOM   92  C C   . LEU A 1 15  ? -2.020  -4.366  -17.157 1.00 21.45 ? 13   LEU A C   1 
ATOM   93  O O   . LEU A 1 15  ? -1.844  -5.485  -17.641 1.00 24.04 ? 13   LEU A O   1 
ATOM   94  C CB  . LEU A 1 15  ? -0.626  -2.444  -17.952 1.00 17.79 ? 13   LEU A CB  1 
ATOM   95  C CG  . LEU A 1 15  ? -0.356  -1.446  -19.078 1.00 19.06 ? 13   LEU A CG  1 
ATOM   96  C CD1 . LEU A 1 15  ? 0.753   -0.505  -18.671 1.00 18.21 ? 13   LEU A CD1 1 
ATOM   97  C CD2 . LEU A 1 15  ? 0.031   -2.197  -20.332 1.00 24.80 ? 13   LEU A CD2 1 
ATOM   98  N N   . ALA A 1 16  ? -2.248  -4.154  -15.863 1.00 20.34 ? 14   ALA A N   1 
ATOM   99  C CA  . ALA A 1 16  ? -2.273  -5.271  -14.903 1.00 20.80 ? 14   ALA A CA  1 
ATOM   100 C C   . ALA A 1 16  ? -3.459  -6.180  -15.170 1.00 31.03 ? 14   ALA A C   1 
ATOM   101 O O   . ALA A 1 16  ? -3.309  -7.406  -15.219 1.00 28.86 ? 14   ALA A O   1 
ATOM   102 C CB  . ALA A 1 16  ? -2.307  -4.761  -13.467 1.00 21.96 ? 14   ALA A CB  1 
ATOM   103 N N   . GLN A 1 17  ? -4.632  -5.578  -15.370 1.00 27.59 ? 15   GLN A N   1 
ATOM   104 C CA  . GLN A 1 17  ? -5.846  -6.343  -15.667 1.00 30.72 ? 15   GLN A CA  1 
ATOM   105 C C   . GLN A 1 17  ? -5.639  -7.310  -16.806 1.00 28.63 ? 15   GLN A C   1 
ATOM   106 O O   . GLN A 1 17  ? -6.274  -8.370  -16.845 1.00 33.72 ? 15   GLN A O   1 
ATOM   107 C CB  . GLN A 1 17  ? -7.014  -5.413  -16.025 1.00 22.67 ? 15   GLN A CB  1 
ATOM   108 C CG  . GLN A 1 17  ? -7.617  -4.706  -14.863 1.00 28.92 ? 15   GLN A CG  1 
ATOM   109 C CD  . GLN A 1 17  ? -8.661  -3.735  -15.337 1.00 30.25 ? 15   GLN A CD  1 
ATOM   110 O OE1 . GLN A 1 17  ? -8.964  -3.688  -16.527 1.00 33.40 ? 15   GLN A OE1 1 
ATOM   111 N NE2 . GLN A 1 17  ? -9.213  -2.952  -14.420 1.00 43.25 ? 15   GLN A NE2 1 
ATOM   112 N N   . GLU A 1 18  ? -4.768  -6.933  -17.740 1.00 26.40 ? 16   GLU A N   1 
ATOM   113 C CA  . GLU A 1 18  ? -4.514  -7.703  -18.942 1.00 31.82 ? 16   GLU A CA  1 
ATOM   114 C C   . GLU A 1 18  ? -3.173  -8.438  -18.916 1.00 30.34 ? 16   GLU A C   1 
ATOM   115 O O   . GLU A 1 18  ? -2.644  -8.805  -19.961 1.00 31.91 ? 16   GLU A O   1 
ATOM   116 C CB  . GLU A 1 18  ? -4.568  -6.791  -20.166 1.00 36.69 ? 16   GLU A CB  1 
ATOM   117 C CG  . GLU A 1 18  ? -5.909  -6.094  -20.335 1.00 43.03 ? 16   GLU A CG  1 
ATOM   118 C CD  . GLU A 1 18  ? -7.049  -7.068  -20.570 1.00 49.19 ? 16   GLU A CD  1 
ATOM   119 O OE1 . GLU A 1 18  ? -6.838  -8.096  -21.251 1.00 49.41 ? 16   GLU A OE1 1 
ATOM   120 O OE2 . GLU A 1 18  ? -8.163  -6.803  -20.075 1.00 54.29 ? 16   GLU A OE2 1 
ATOM   121 N N   . GLY A 1 19  ? -2.629  -8.650  -17.724 1.00 34.21 ? 17   GLY A N   1 
ATOM   122 C CA  . GLY A 1 19  ? -1.447  -9.487  -17.594 1.00 37.50 ? 17   GLY A CA  1 
ATOM   123 C C   . GLY A 1 19  ? -0.165  -8.890  -18.143 1.00 35.13 ? 17   GLY A C   1 
ATOM   124 O O   . GLY A 1 19  ? 0.710   -9.607  -18.625 1.00 34.08 ? 17   GLY A O   1 
ATOM   125 N N   . LYS A 1 20  ? -0.060  -7.570  -18.096 1.00 24.75 ? 18   LYS A N   1 
ATOM   126 C CA  . LYS A 1 20  ? 1.211   -6.910  -18.374 1.00 24.83 ? 18   LYS A CA  1 
ATOM   127 C C   . LYS A 1 20  ? 1.631   -6.155  -17.119 1.00 23.20 ? 18   LYS A C   1 
ATOM   128 O O   . LYS A 1 20  ? 1.849   -4.948  -17.144 1.00 22.12 ? 18   LYS A O   1 
ATOM   129 C CB  . LYS A 1 20  ? 1.112   -5.960  -19.571 1.00 26.14 ? 18   LYS A CB  1 
ATOM   130 C CG  . LYS A 1 20  ? 0.644   -6.633  -20.880 1.00 38.27 ? 18   LYS A CG  1 
ATOM   131 C CD  . LYS A 1 20  ? -0.842  -6.354  -21.135 1.00 44.97 ? 18   LYS A CD  1 
ATOM   132 C CE  . LYS A 1 20  ? -1.304  -6.794  -22.527 1.00 46.97 ? 18   LYS A CE  1 
ATOM   133 N NZ  . LYS A 1 20  ? -1.543  -8.262  -22.640 1.00 47.79 ? 18   LYS A NZ  1 
ATOM   134 N N   . ALA A 1 21  ? 1.744   -6.864  -16.004 1.00 21.87 ? 19   ALA A N   1 
ATOM   135 C CA  . ALA A 1 21  ? 1.938   -6.163  -14.741 1.00 21.48 ? 19   ALA A CA  1 
ATOM   136 C C   . ALA A 1 21  ? 3.366   -5.662  -14.501 1.00 21.21 ? 19   ALA A C   1 
ATOM   137 O O   . ALA A 1 21  ? 3.573   -4.785  -13.667 1.00 23.27 ? 19   ALA A O   1 
ATOM   138 C CB  . ALA A 1 21  ? 1.492   -7.042  -13.598 1.00 27.57 ? 19   ALA A CB  1 
ATOM   139 N N   . GLU A 1 22  ? 4.347   -6.189  -15.224 1.00 26.32 ? 20   GLU A N   1 
ATOM   140 C CA  . GLU A 1 22  ? 5.686   -5.612  -15.174 1.00 29.56 ? 20   GLU A CA  1 
ATOM   141 C C   . GLU A 1 22  ? 5.642   -4.173  -15.680 1.00 27.50 ? 20   GLU A C   1 
ATOM   142 O O   . GLU A 1 22  ? 6.224   -3.266  -15.067 1.00 24.96 ? 20   GLU A O   1 
ATOM   143 C CB  . GLU A 1 22  ? 6.676   -6.444  -15.998 1.00 33.27 ? 20   GLU A CB  1 
ATOM   144 N N   . GLU A 1 23  ? 4.937   -3.969  -16.793 1.00 25.73 ? 21   GLU A N   1 
ATOM   145 C CA  . GLU A 1 23  ? 4.707   -2.633  -17.326 1.00 24.06 ? 21   GLU A CA  1 
ATOM   146 C C   . GLU A 1 23  ? 3.880   -1.806  -16.352 1.00 21.26 ? 21   GLU A C   1 
ATOM   147 O O   . GLU A 1 23  ? 4.158   -0.626  -16.148 1.00 22.83 ? 21   GLU A O   1 
ATOM   148 C CB  . GLU A 1 23  ? 4.006   -2.695  -18.682 1.00 24.11 ? 21   GLU A CB  1 
ATOM   149 C CG  . GLU A 1 23  ? 4.843   -3.353  -19.764 1.00 29.02 ? 21   GLU A CG  1 
ATOM   150 N N   . ALA A 1 24  ? 2.844   -2.414  -15.776 1.00 18.74 ? 22   ALA A N   1 
ATOM   151 C CA  . ALA A 1 24  ? 2.009   -1.715  -14.805 1.00 15.87 ? 22   ALA A CA  1 
ATOM   152 C C   . ALA A 1 24  ? 2.837   -1.177  -13.647 1.00 15.99 ? 22   ALA A C   1 
ATOM   153 O O   . ALA A 1 24  ? 2.609   -0.064  -13.167 1.00 17.44 ? 22   ALA A O   1 
ATOM   154 C CB  . ALA A 1 24  ? 0.910   -2.636  -14.269 1.00 17.66 ? 22   ALA A CB  1 
ATOM   155 N N   . ILE A 1 25  ? 3.776   -1.992  -13.171 1.00 15.66 ? 23   ILE A N   1 
ATOM   156 C CA  . ILE A 1 25  ? 4.628   -1.572  -12.060 1.00 15.96 ? 23   ILE A CA  1 
ATOM   157 C C   . ILE A 1 25  ? 5.467   -0.370  -12.453 1.00 15.57 ? 23   ILE A C   1 
ATOM   158 O O   . ILE A 1 25  ? 5.613   0.562   -11.668 1.00 17.76 ? 23   ILE A O   1 
ATOM   159 C CB  . ILE A 1 25  ? 5.525   -2.727  -11.585 1.00 20.93 ? 23   ILE A CB  1 
ATOM   160 C CG1 . ILE A 1 25  ? 4.665   -3.739  -10.828 1.00 19.14 ? 23   ILE A CG1 1 
ATOM   161 C CG2 . ILE A 1 25  ? 6.630   -2.221  -10.652 1.00 22.18 ? 23   ILE A CG2 1 
ATOM   162 C CD1 . ILE A 1 25  ? 5.353   -5.096  -10.620 1.00 21.28 ? 23   ILE A CD1 1 
ATOM   163 N N   . LYS A 1 26  ? 5.970   -0.368  -13.681 1.00 17.85 ? 24   LYS A N   1 
ATOM   164 C CA  . LYS A 1 26  ? 6.760   0.769   -14.143 1.00 19.19 ? 24   LYS A CA  1 
ATOM   165 C C   . LYS A 1 26  ? 5.935   2.053   -14.123 1.00 19.50 ? 24   LYS A C   1 
ATOM   166 O O   . LYS A 1 26  ? 6.396   3.092   -13.647 1.00 18.37 ? 24   LYS A O   1 
ATOM   167 C CB  . LYS A 1 26  ? 7.311   0.517   -15.544 1.00 21.99 ? 24   LYS A CB  1 
ATOM   168 C CG  . LYS A 1 26  ? 8.188   1.653   -16.041 1.00 32.28 ? 24   LYS A CG  1 
ATOM   169 C CD  . LYS A 1 26  ? 8.466   1.542   -17.531 1.00 41.92 ? 24   LYS A CD  1 
ATOM   170 C CE  . LYS A 1 26  ? 7.289   2.031   -18.353 1.00 50.90 ? 24   LYS A CE  1 
ATOM   171 N NZ  . LYS A 1 26  ? 7.606   2.015   -19.809 1.00 57.61 ? 24   LYS A NZ  1 
ATOM   172 N N   . TYR A 1 27  ? 4.706   1.992   -14.622 1.00 18.08 ? 25   TYR A N   1 
ATOM   173 C CA  . TYR A 1 27  ? 3.880   3.195   -14.624 1.00 15.52 ? 25   TYR A CA  1 
ATOM   174 C C   . TYR A 1 27  ? 3.443   3.595   -13.216 1.00 15.92 ? 25   TYR A C   1 
ATOM   175 O O   . TYR A 1 27  ? 3.313   4.779   -12.931 1.00 19.06 ? 25   TYR A O   1 
ATOM   176 C CB  . TYR A 1 27  ? 2.673   3.009   -15.543 1.00 16.71 ? 25   TYR A CB  1 
ATOM   177 C CG  . TYR A 1 27  ? 3.146   2.907   -16.970 1.00 18.48 ? 25   TYR A CG  1 
ATOM   178 C CD1 . TYR A 1 27  ? 3.777   3.979   -17.588 1.00 27.95 ? 25   TYR A CD1 1 
ATOM   179 C CD2 . TYR A 1 27  ? 3.031   1.723   -17.673 1.00 30.03 ? 25   TYR A CD2 1 
ATOM   180 C CE1 . TYR A 1 27  ? 4.242   3.876   -18.891 1.00 33.09 ? 25   TYR A CE1 1 
ATOM   181 C CE2 . TYR A 1 27  ? 3.489   1.613   -18.966 1.00 34.62 ? 25   TYR A CE2 1 
ATOM   182 C CZ  . TYR A 1 27  ? 4.091   2.687   -19.574 1.00 34.53 ? 25   TYR A CZ  1 
ATOM   183 O OH  . TYR A 1 27  ? 4.544   2.559   -20.869 1.00 37.65 ? 25   TYR A OH  1 
ATOM   184 N N   . MET A 1 28  ? 3.228   2.629   -12.322 1.00 16.10 ? 26   MET A N   1 
ATOM   185 C CA  . MET A 1 28  ? 2.930   3.002   -10.938 1.00 18.12 ? 26   MET A CA  1 
ATOM   186 C C   . MET A 1 28  ? 4.130   3.644   -10.253 1.00 18.24 ? 26   MET A C   1 
ATOM   187 O O   . MET A 1 28  ? 3.961   4.550   -9.428  1.00 19.64 ? 26   MET A O   1 
ATOM   188 C CB  . MET A 1 28  ? 2.459   1.792   -10.130 1.00 18.25 ? 26   MET A CB  1 
ATOM   189 C CG  . MET A 1 28  ? 1.010   1.430   -10.321 1.00 22.67 ? 26   MET A CG  1 
ATOM   190 S SD  . MET A 1 28  ? -0.136  2.831   -10.169 1.00 22.94 ? 26   MET A SD  1 
ATOM   191 C CE  . MET A 1 28  ? 0.152   3.390   -8.516  1.00 19.54 ? 26   MET A CE  1 
ATOM   192 N N   . ARG A 1 29  ? 5.346   3.189   -10.571 1.00 16.82 ? 27   ARG A N   1 
ATOM   193 C CA  A ARG A 1 29  ? 6.546   3.811   -10.014 0.50 18.24 ? 27   ARG A CA  1 
ATOM   194 C CA  B ARG A 1 29  ? 6.543   3.813   -10.017 0.50 18.23 ? 27   ARG A CA  1 
ATOM   195 C C   . ARG A 1 29  ? 6.655   5.253   -10.490 1.00 20.20 ? 27   ARG A C   1 
ATOM   196 O O   . ARG A 1 29  ? 7.024   6.141   -9.727  1.00 18.69 ? 27   ARG A O   1 
ATOM   197 C CB  A ARG A 1 29  ? 7.809   3.037   -10.401 0.50 19.91 ? 27   ARG A CB  1 
ATOM   198 C CB  B ARG A 1 29  ? 7.797   3.034   -10.406 0.50 19.95 ? 27   ARG A CB  1 
ATOM   199 C CG  A ARG A 1 29  ? 7.977   1.702   -9.681  0.50 20.43 ? 27   ARG A CG  1 
ATOM   200 C CG  B ARG A 1 29  ? 7.921   1.703   -9.688  0.50 20.11 ? 27   ARG A CG  1 
ATOM   201 C CD  A ARG A 1 29  ? 9.334   1.098   -10.004 0.50 22.78 ? 27   ARG A CD  1 
ATOM   202 C CD  B ARG A 1 29  ? 9.254   1.057   -9.985  0.50 21.86 ? 27   ARG A CD  1 
ATOM   203 N NE  A ARG A 1 29  ? 9.430   -0.331  -9.701  0.50 24.71 ? 27   ARG A NE  1 
ATOM   204 N NE  B ARG A 1 29  ? 10.352  1.945   -9.621  0.50 27.03 ? 27   ARG A NE  1 
ATOM   205 C CZ  A ARG A 1 29  ? 9.670   -0.830  -8.494  0.50 24.92 ? 27   ARG A CZ  1 
ATOM   206 C CZ  B ARG A 1 29  ? 10.814  2.091   -8.384  0.50 30.32 ? 27   ARG A CZ  1 
ATOM   207 N NH1 A ARG A 1 29  ? 9.820   -0.021  -7.451  0.50 30.76 ? 27   ARG A NH1 1 
ATOM   208 N NH1 B ARG A 1 29  ? 10.282  1.399   -7.385  0.50 30.45 ? 27   ARG A NH1 1 
ATOM   209 N NH2 A ARG A 1 29  ? 9.749   -2.145  -8.327  0.50 22.49 ? 27   ARG A NH2 1 
ATOM   210 N NH2 B ARG A 1 29  ? 11.808  2.931   -8.145  0.50 31.47 ? 27   ARG A NH2 1 
ATOM   211 N N   . LYS A 1 30  ? 6.336   5.475   -11.755 1.00 20.38 ? 28   LYS A N   1 
ATOM   212 C CA  . LYS A 1 30  ? 6.324   6.824   -12.294 1.00 17.32 ? 28   LYS A CA  1 
ATOM   213 C C   . LYS A 1 30  ? 5.291   7.682   -11.567 1.00 17.43 ? 28   LYS A C   1 
ATOM   214 O O   . LYS A 1 30  ? 5.571   8.840   -11.231 1.00 18.94 ? 28   LYS A O   1 
ATOM   215 C CB  . LYS A 1 30  ? 6.038   6.787   -13.791 1.00 18.49 ? 28   LYS A CB  1 
ATOM   216 C CG  . LYS A 1 30  ? 7.179   6.194   -14.620 1.00 24.76 ? 28   LYS A CG  1 
ATOM   217 C CD  . LYS A 1 30  ? 6.789   6.116   -16.095 1.00 27.08 ? 28   LYS A CD  1 
ATOM   218 C CE  . LYS A 1 30  ? 7.965   5.705   -16.968 1.00 34.66 ? 28   LYS A CE  1 
ATOM   219 N NZ  . LYS A 1 30  ? 9.018   6.764   -17.026 1.00 34.24 ? 28   LYS A NZ  1 
ATOM   220 N N   . ALA A 1 31  ? 4.114   7.116   -11.319 1.00 18.60 ? 29   ALA A N   1 
ATOM   221 C CA  . ALA A 1 31  ? 3.073   7.818   -10.572 1.00 20.81 ? 29   ALA A CA  1 
ATOM   222 C C   . ALA A 1 31  ? 3.581   8.228   -9.189  1.00 20.19 ? 29   ALA A C   1 
ATOM   223 O O   . ALA A 1 31  ? 3.354   9.364   -8.756  1.00 21.00 ? 29   ALA A O   1 
ATOM   224 C CB  . ALA A 1 31  ? 1.817   6.948   -10.457 1.00 18.26 ? 29   ALA A CB  1 
ATOM   225 N N   . VAL A 1 32  ? 4.291   7.329   -8.504  1.00 17.64 ? 30   VAL A N   1 
ATOM   226 C CA  . VAL A 1 32  ? 4.896   7.685   -7.216  1.00 21.38 ? 30   VAL A CA  1 
ATOM   227 C C   . VAL A 1 32  ? 5.919   8.824   -7.362  1.00 20.27 ? 30   VAL A C   1 
ATOM   228 O O   . VAL A 1 32  ? 5.917   9.758   -6.558  1.00 21.23 ? 30   VAL A O   1 
ATOM   229 C CB  . VAL A 1 32  ? 5.571   6.451   -6.534  1.00 16.80 ? 30   VAL A CB  1 
ATOM   230 C CG1 . VAL A 1 32  ? 6.407   6.889   -5.327  1.00 22.11 ? 30   VAL A CG1 1 
ATOM   231 C CG2 . VAL A 1 32  ? 4.515   5.434   -6.104  1.00 19.07 ? 30   VAL A CG2 1 
ATOM   232 N N   . SER A 1 33  ? 6.785   8.790   -8.388  1.00 19.24 ? 31   SER A N   1 
ATOM   233 C CA  . SER A 1 33  ? 7.798   9.838   -8.526  1.00 20.54 ? 31   SER A CA  1 
ATOM   234 C C   . SER A 1 33  ? 7.178   11.212  -8.698  1.00 21.62 ? 31   SER A C   1 
ATOM   235 O O   . SER A 1 33  ? 7.752   12.220  -8.285  1.00 24.89 ? 31   SER A O   1 
ATOM   236 C CB  . SER A 1 33  ? 8.726   9.570   -9.714  1.00 27.57 ? 31   SER A CB  1 
ATOM   237 O OG  . SER A 1 33  ? 9.356   8.318   -9.595  1.00 29.97 ? 31   SER A OG  1 
ATOM   238 N N   . LEU A 1 34  ? 6.009   11.259  -9.332  1.00 22.16 ? 32   LEU A N   1 
ATOM   239 C CA  . LEU A 1 34  ? 5.341   12.536  -9.533  1.00 22.26 ? 32   LEU A CA  1 
ATOM   240 C C   . LEU A 1 34  ? 4.930   13.187  -8.215  1.00 23.09 ? 32   LEU A C   1 
ATOM   241 O O   . LEU A 1 34  ? 4.868   14.408  -8.131  1.00 24.81 ? 32   LEU A O   1 
ATOM   242 C CB  . LEU A 1 34  ? 4.107   12.381  -10.417 1.00 21.61 ? 32   LEU A CB  1 
ATOM   243 C CG  . LEU A 1 34  ? 4.320   11.840  -11.824 1.00 31.44 ? 32   LEU A CG  1 
ATOM   244 C CD1 . LEU A 1 34  ? 2.996   11.870  -12.571 1.00 32.45 ? 32   LEU A CD1 1 
ATOM   245 C CD2 . LEU A 1 34  ? 5.371   12.626  -12.554 1.00 32.74 ? 32   LEU A CD2 1 
ATOM   246 N N   . ASP A 1 35  ? 4.630   12.371  -7.208  1.00 23.35 ? 33   ASP A N   1 
ATOM   247 C CA  . ASP A 1 35  ? 4.312   12.874  -5.865  1.00 24.72 ? 33   ASP A CA  1 
ATOM   248 C C   . ASP A 1 35  ? 4.600   11.779  -4.856  1.00 21.69 ? 33   ASP A C   1 
ATOM   249 O O   . ASP A 1 35  ? 3.727   10.991  -4.514  1.00 21.26 ? 33   ASP A O   1 
ATOM   250 C CB  . ASP A 1 35  ? 2.850   13.326  -5.770  1.00 24.50 ? 33   ASP A CB  1 
ATOM   251 C CG  . ASP A 1 35  ? 2.469   13.807  -4.371  1.00 37.21 ? 33   ASP A CG  1 
ATOM   252 O OD1 . ASP A 1 35  ? 3.370   14.006  -3.523  1.00 33.44 ? 33   ASP A OD1 1 
ATOM   253 O OD2 . ASP A 1 35  ? 1.259   13.991  -4.123  1.00 47.99 ? 33   ASP A OD2 1 
ATOM   254 N N   . PRO A 1 36  ? 5.848   11.712  -4.381  1.00 24.88 ? 34   PRO A N   1 
ATOM   255 C CA  . PRO A 1 36  ? 6.278   10.565  -3.565  1.00 23.20 ? 34   PRO A CA  1 
ATOM   256 C C   . PRO A 1 36  ? 5.634   10.505  -2.180  1.00 25.49 ? 34   PRO A C   1 
ATOM   257 O O   . PRO A 1 36  ? 5.755   9.477   -1.516  1.00 30.83 ? 34   PRO A O   1 
ATOM   258 C CB  . PRO A 1 36  ? 7.789   10.769  -3.442  1.00 26.78 ? 34   PRO A CB  1 
ATOM   259 C CG  . PRO A 1 36  ? 8.148   11.759  -4.510  1.00 34.19 ? 34   PRO A CG  1 
ATOM   260 C CD  . PRO A 1 36  ? 6.954   12.617  -4.719  1.00 26.93 ? 34   PRO A CD  1 
ATOM   261 N N   . ASN A 1 37  ? 4.957   11.571  -1.761  1.00 28.96 ? 35   ASN A N   1 
ATOM   262 C CA  . ASN A 1 37  ? 4.307   11.590  -0.450  1.00 31.82 ? 35   ASN A CA  1 
ATOM   263 C C   . ASN A 1 37  ? 2.836   11.203  -0.500  1.00 32.92 ? 35   ASN A C   1 
ATOM   264 O O   . ASN A 1 37  ? 2.146   11.208  0.518   1.00 32.68 ? 35   ASN A O   1 
ATOM   265 C CB  . ASN A 1 37  ? 4.453   12.974  0.191   1.00 37.22 ? 35   ASN A CB  1 
ATOM   266 C CG  . ASN A 1 37  ? 5.860   13.238  0.666   1.00 47.35 ? 35   ASN A CG  1 
ATOM   267 O OD1 . ASN A 1 37  ? 6.592   12.309  0.998   1.00 48.03 ? 35   ASN A OD1 1 
ATOM   268 N ND2 . ASN A 1 37  ? 6.250   14.504  0.694   1.00 56.96 ? 35   ASN A ND2 1 
ATOM   269 N N   . ASN A 1 38  ? 2.361   10.857  -1.689  1.00 28.16 ? 36   ASN A N   1 
ATOM   270 C CA  . ASN A 1 38  ? 0.977   10.470  -1.873  1.00 24.89 ? 36   ASN A CA  1 
ATOM   271 C C   . ASN A 1 38  ? 0.757   9.061   -1.347  1.00 24.28 ? 36   ASN A C   1 
ATOM   272 O O   . ASN A 1 38  ? 1.195   8.090   -1.948  1.00 22.31 ? 36   ASN A O   1 
ATOM   273 C CB  . ASN A 1 38  ? 0.601   10.573  -3.353  1.00 23.10 ? 36   ASN A CB  1 
ATOM   274 C CG  . ASN A 1 38  ? -0.879  10.419  -3.594  1.00 25.00 ? 36   ASN A CG  1 
ATOM   275 O OD1 . ASN A 1 38  ? -1.518  9.519   -3.063  1.00 25.00 ? 36   ASN A OD1 1 
ATOM   276 N ND2 . ASN A 1 38  ? -1.436  11.306  -4.413  1.00 29.30 ? 36   ASN A ND2 1 
ATOM   277 N N   . ILE A 1 39  ? 0.081   8.957   -0.208  1.00 22.71 ? 37   ILE A N   1 
ATOM   278 C CA  . ILE A 1 39  ? -0.135  7.677   0.461   1.00 18.08 ? 37   ILE A CA  1 
ATOM   279 C C   . ILE A 1 39  ? -0.946  6.708   -0.386  1.00 19.16 ? 37   ILE A C   1 
ATOM   280 O O   . ILE A 1 39  ? -0.749  5.485   -0.325  1.00 21.07 ? 37   ILE A O   1 
ATOM   281 C CB  . ILE A 1 39  ? -0.854  7.900   1.811   1.00 22.83 ? 37   ILE A CB  1 
ATOM   282 C CG1 . ILE A 1 39  ? -0.053  8.865   2.666   1.00 36.88 ? 37   ILE A CG1 1 
ATOM   283 C CG2 . ILE A 1 39  ? -1.050  6.590   2.557   1.00 27.69 ? 37   ILE A CG2 1 
ATOM   284 C CD1 . ILE A 1 39  ? 1.333   8.390   2.898   1.00 38.22 ? 37   ILE A CD1 1 
ATOM   285 N N   . LYS A 1 40  ? -1.872  7.249   -1.170  1.00 22.40 ? 38   LYS A N   1 
ATOM   286 C CA  . LYS A 1 40  ? -2.700  6.399   -2.007  1.00 19.94 ? 38   LYS A CA  1 
ATOM   287 C C   . LYS A 1 40  ? -1.869  5.788   -3.122  1.00 20.30 ? 38   LYS A C   1 
ATOM   288 O O   . LYS A 1 40  ? -1.968  4.598   -3.389  1.00 19.52 ? 38   LYS A O   1 
ATOM   289 C CB  . LYS A 1 40  ? -3.878  7.175   -2.595  1.00 24.02 ? 38   LYS A CB  1 
ATOM   290 C CG  . LYS A 1 40  ? -4.706  6.361   -3.599  1.00 31.27 ? 38   LYS A CG  1 
ATOM   291 C CD  . LYS A 1 40  ? -5.908  5.653   -2.951  1.00 44.10 ? 38   LYS A CD  1 
ATOM   292 C CE  . LYS A 1 40  ? -5.532  4.356   -2.243  1.00 50.19 ? 38   LYS A CE  1 
ATOM   293 N NZ  . LYS A 1 40  ? -6.706  3.733   -1.557  1.00 56.24 ? 38   LYS A NZ  1 
ATOM   294 N N   . THR A 1 41  ? -1.030  6.587   -3.763  1.00 18.65 ? 39   THR A N   1 
ATOM   295 C CA  . THR A 1 41  ? -0.186  6.028   -4.822  1.00 16.14 ? 39   THR A CA  1 
ATOM   296 C C   . THR A 1 41  ? 0.760   4.980   -4.247  1.00 16.14 ? 39   THR A C   1 
ATOM   297 O O   . THR A 1 41  ? 0.972   3.912   -4.841  1.00 17.92 ? 39   THR A O   1 
ATOM   298 C CB  . THR A 1 41  ? 0.622   7.113   -5.531  1.00 17.53 ? 39   THR A CB  1 
ATOM   299 O OG1 . THR A 1 41  ? -0.221  8.241   -5.800  1.00 21.83 ? 39   THR A OG1 1 
ATOM   300 C CG2 . THR A 1 41  ? 1.156   6.580   -6.835  1.00 18.74 ? 39   THR A CG2 1 
ATOM   301 N N   . LEU A 1 42  ? 1.359   5.295   -3.099  1.00 15.58 ? 40   LEU A N   1 
ATOM   302 C CA  . LEU A 1 42  ? 2.247   4.340   -2.440  1.00 16.11 ? 40   LEU A CA  1 
ATOM   303 C C   . LEU A 1 42  ? 1.541   3.035   -2.129  1.00 19.13 ? 40   LEU A C   1 
ATOM   304 O O   . LEU A 1 42  ? 2.092   1.954   -2.347  1.00 18.01 ? 40   LEU A O   1 
ATOM   305 C CB  . LEU A 1 42  ? 2.811   4.950   -1.153  1.00 16.51 ? 40   LEU A CB  1 
ATOM   306 C CG  . LEU A 1 42  ? 3.860   6.029   -1.355  1.00 19.65 ? 40   LEU A CG  1 
ATOM   307 C CD1 . LEU A 1 42  ? 4.134   6.702   -0.025  1.00 21.35 ? 40   LEU A CD1 1 
ATOM   308 C CD2 . LEU A 1 42  ? 5.161   5.444   -1.924  1.00 22.04 ? 40   LEU A CD2 1 
ATOM   309 N N   . SER A 1 43  ? 0.313   3.129   -1.629  1.00 17.14 ? 41   SER A N   1 
ATOM   310 C CA  . SER A 1 43  ? -0.454  1.939   -1.299  1.00 16.16 ? 41   SER A CA  1 
ATOM   311 C C   . SER A 1 43  ? -0.821  1.145   -2.532  1.00 17.13 ? 41   SER A C   1 
ATOM   312 O O   . SER A 1 43  ? -0.771  -0.082  -2.526  1.00 16.51 ? 41   SER A O   1 
ATOM   313 C CB  . SER A 1 43  ? -1.718  2.329   -0.538  1.00 20.16 ? 41   SER A CB  1 
ATOM   314 O OG  . SER A 1 43  ? -1.363  2.982   0.667   1.00 23.29 ? 41   SER A OG  1 
ATOM   315 N N   . ASN A 1 44  ? -1.212  1.847   -3.587  1.00 18.44 ? 42   ASN A N   1 
ATOM   316 C CA  . ASN A 1 44  ? -1.564  1.163   -4.819  1.00 18.49 ? 42   ASN A CA  1 
ATOM   317 C C   . ASN A 1 44  ? -0.372  0.421   -5.424  1.00 17.48 ? 42   ASN A C   1 
ATOM   318 O O   . ASN A 1 44  ? -0.511  -0.722  -5.880  1.00 18.47 ? 42   ASN A O   1 
ATOM   319 C CB  . ASN A 1 44  ? -2.156  2.157   -5.821  1.00 20.26 ? 42   ASN A CB  1 
ATOM   320 C CG  . ASN A 1 44  ? -3.571  2.550   -5.465  1.00 26.17 ? 42   ASN A CG  1 
ATOM   321 O OD1 . ASN A 1 44  ? -4.241  1.854   -4.697  1.00 28.23 ? 42   ASN A OD1 1 
ATOM   322 N ND2 . ASN A 1 44  ? -4.042  3.664   -6.025  1.00 25.80 ? 42   ASN A ND2 1 
ATOM   323 N N   . LEU A 1 45  ? 0.801   1.036   -5.385  1.00 15.61 ? 43   LEU A N   1 
ATOM   324 C CA  . LEU A 1 45  ? 2.003   0.381   -5.878  1.00 14.78 ? 43   LEU A CA  1 
ATOM   325 C C   . LEU A 1 45  ? 2.320   -0.842  -5.026  1.00 18.38 ? 43   LEU A C   1 
ATOM   326 O O   . LEU A 1 45  ? 2.667   -1.909  -5.547  1.00 16.28 ? 43   LEU A O   1 
ATOM   327 C CB  . LEU A 1 45  ? 3.180   1.361   -5.885  1.00 17.04 ? 43   LEU A CB  1 
ATOM   328 C CG  . LEU A 1 45  ? 4.549   0.762   -6.180  1.00 18.14 ? 43   LEU A CG  1 
ATOM   329 C CD1 . LEU A 1 45  ? 4.524   0.073   -7.538  1.00 18.87 ? 43   LEU A CD1 1 
ATOM   330 C CD2 . LEU A 1 45  ? 5.631   1.824   -6.134  1.00 19.38 ? 43   LEU A CD2 1 
ATOM   331 N N   . ALA A 1 46  ? 2.200   -0.695  -3.711  1.00 17.27 ? 44   ALA A N   1 
ATOM   332 C CA  . ALA A 1 46  ? 2.484   -1.812  -2.813  1.00 17.60 ? 44   ALA A CA  1 
ATOM   333 C C   . ALA A 1 46  ? 1.588   -3.001  -3.129  1.00 14.87 ? 44   ALA A C   1 
ATOM   334 O O   . ALA A 1 46  ? 2.051   -4.130  -3.171  1.00 16.11 ? 44   ALA A O   1 
ATOM   335 C CB  . ALA A 1 46  ? 2.313   -1.383  -1.340  1.00 18.33 ? 44   ALA A CB  1 
ATOM   336 N N   . ASN A 1 47  ? 0.303   -2.749  -3.334  1.00 15.43 ? 45   ASN A N   1 
ATOM   337 C CA  . ASN A 1 47  ? -0.644  -3.817  -3.599  1.00 19.22 ? 45   ASN A CA  1 
ATOM   338 C C   . ASN A 1 47  ? -0.319  -4.516  -4.911  1.00 16.63 ? 45   ASN A C   1 
ATOM   339 O O   . ASN A 1 47  ? -0.393  -5.742  -5.000  1.00 18.41 ? 45   ASN A O   1 
ATOM   340 C CB  . ASN A 1 47  ? -2.073  -3.266  -3.612  1.00 21.76 ? 45   ASN A CB  1 
ATOM   341 C CG  . ASN A 1 47  ? -2.565  -2.917  -2.221  1.00 35.40 ? 45   ASN A CG  1 
ATOM   342 O OD1 . ASN A 1 47  ? -2.136  -3.519  -1.237  1.00 41.33 ? 45   ASN A OD1 1 
ATOM   343 N ND2 . ASN A 1 47  ? -3.465  -1.944  -2.129  1.00 38.62 ? 45   ASN A ND2 1 
ATOM   344 N N   . LEU A 1 48  ? 0.061   -3.735  -5.914  1.00 17.84 ? 46   LEU A N   1 
ATOM   345 C CA  . LEU A 1 48  ? 0.461   -4.293  -7.206  1.00 16.54 ? 46   LEU A CA  1 
ATOM   346 C C   . LEU A 1 48  ? 1.729   -5.130  -7.069  1.00 18.82 ? 46   LEU A C   1 
ATOM   347 O O   . LEU A 1 48  ? 1.821   -6.233  -7.623  1.00 17.38 ? 46   LEU A O   1 
ATOM   348 C CB  . LEU A 1 48  ? 0.660   -3.166  -8.212  1.00 16.70 ? 46   LEU A CB  1 
ATOM   349 C CG  . LEU A 1 48  ? 1.200   -3.540  -9.588  1.00 15.66 ? 46   LEU A CG  1 
ATOM   350 C CD1 . LEU A 1 48  ? 0.281   -4.553  -10.260 1.00 21.28 ? 46   LEU A CD1 1 
ATOM   351 C CD2 . LEU A 1 48  ? 1.277   -2.267  -10.394 1.00 19.43 ? 46   LEU A CD2 1 
ATOM   352 N N   . LEU A 1 49  ? 2.699   -4.615  -6.318  1.00 15.53 ? 47   LEU A N   1 
ATOM   353 C CA  . LEU A 1 49  ? 3.924   -5.354  -6.083  1.00 16.24 ? 47   LEU A CA  1 
ATOM   354 C C   . LEU A 1 49  ? 3.620   -6.686  -5.428  1.00 17.06 ? 47   LEU A C   1 
ATOM   355 O O   . LEU A 1 49  ? 4.169   -7.706  -5.811  1.00 18.11 ? 47   LEU A O   1 
ATOM   356 C CB  . LEU A 1 49  ? 4.885   -4.548  -5.209  1.00 16.08 ? 47   LEU A CB  1 
ATOM   357 C CG  . LEU A 1 49  ? 5.522   -3.373  -5.936  1.00 15.73 ? 47   LEU A CG  1 
ATOM   358 C CD1 . LEU A 1 49  ? 6.199   -2.450  -4.902  1.00 16.85 ? 47   LEU A CD1 1 
ATOM   359 C CD2 . LEU A 1 49  ? 6.518   -3.852  -6.973  1.00 21.17 ? 47   LEU A CD2 1 
ATOM   360 N N   . ALA A 1 50  ? 2.740   -6.666  -4.430  1.00 19.90 ? 48   ALA A N   1 
ATOM   361 C CA  . ALA A 1 50  ? 2.400   -7.883  -3.686  1.00 19.12 ? 48   ALA A CA  1 
ATOM   362 C C   . ALA A 1 50  ? 1.750   -8.914  -4.598  1.00 21.48 ? 48   ALA A C   1 
ATOM   363 O O   . ALA A 1 50  ? 2.031   -10.118 -4.522  1.00 20.63 ? 48   ALA A O   1 
ATOM   364 C CB  . ALA A 1 50  ? 1.474   -7.543  -2.516  1.00 19.55 ? 48   ALA A CB  1 
ATOM   365 N N   . GLN A 1 51  ? 0.868   -8.430  -5.459  1.00 21.25 ? 49   GLN A N   1 
ATOM   366 C CA  . GLN A 1 51  ? 0.172   -9.286  -6.415  1.00 19.29 ? 49   GLN A CA  1 
ATOM   367 C C   . GLN A 1 51  ? 1.154   -9.990  -7.347  1.00 20.24 ? 49   GLN A C   1 
ATOM   368 O O   . GLN A 1 51  ? 0.941   -11.131 -7.771  1.00 21.76 ? 49   GLN A O   1 
ATOM   369 C CB  . GLN A 1 51  ? -0.817  -8.440  -7.214  1.00 22.86 ? 49   GLN A CB  1 
ATOM   370 C CG  . GLN A 1 51  ? -1.143  -8.944  -8.576  1.00 37.55 ? 49   GLN A CG  1 
ATOM   371 C CD  . GLN A 1 51  ? -2.014  -7.967  -9.320  1.00 37.81 ? 49   GLN A CD  1 
ATOM   372 O OE1 . GLN A 1 51  ? -2.887  -7.317  -8.725  1.00 39.04 ? 49   GLN A OE1 1 
ATOM   373 N NE2 . GLN A 1 51  ? -1.774  -7.833  -10.616 1.00 27.49 ? 49   GLN A NE2 1 
ATOM   374 N N   . GLU A 1 52  ? 2.241   -9.298  -7.655  1.00 19.58 ? 50   GLU A N   1 
ATOM   375 C CA  . GLU A 1 52  ? 3.235   -9.819  -8.584  1.00 20.51 ? 50   GLU A CA  1 
ATOM   376 C C   . GLU A 1 52  ? 4.382   -10.542 -7.896  1.00 21.51 ? 50   GLU A C   1 
ATOM   377 O O   . GLU A 1 52  ? 5.393   -10.838 -8.528  1.00 23.65 ? 50   GLU A O   1 
ATOM   378 C CB  . GLU A 1 52  ? 3.769   -8.678  -9.454  1.00 20.28 ? 50   GLU A CB  1 
ATOM   379 C CG  . GLU A 1 52  ? 2.680   -8.046  -10.307 1.00 21.63 ? 50   GLU A CG  1 
ATOM   380 C CD  . GLU A 1 52  ? 1.998   -9.080  -11.180 1.00 24.90 ? 50   GLU A CD  1 
ATOM   381 O OE1 . GLU A 1 52  ? 2.713   -9.926  -11.755 1.00 23.92 ? 50   GLU A OE1 1 
ATOM   382 O OE2 . GLU A 1 52  ? 0.752   -9.043  -11.300 1.00 25.76 ? 50   GLU A OE2 1 
ATOM   383 N N   . GLY A 1 53  ? 4.220   -10.850 -6.613  1.00 21.62 ? 51   GLY A N   1 
ATOM   384 C CA  . GLY A 1 53  ? 5.177   -11.706 -5.923  1.00 24.97 ? 51   GLY A CA  1 
ATOM   385 C C   . GLY A 1 53  ? 6.369   -10.968 -5.336  1.00 27.35 ? 51   GLY A C   1 
ATOM   386 O O   . GLY A 1 53  ? 7.302   -11.592 -4.824  1.00 31.81 ? 51   GLY A O   1 
ATOM   387 N N   . LYS A 1 54  ? 6.337   -9.642  -5.417  1.00 21.06 ? 52   LYS A N   1 
ATOM   388 C CA  . LYS A 1 54  ? 7.417   -8.824  -4.870  1.00 20.56 ? 52   LYS A CA  1 
ATOM   389 C C   . LYS A 1 54  ? 7.039   -8.405  -3.449  1.00 21.73 ? 52   LYS A C   1 
ATOM   390 O O   . LYS A 1 54  ? 6.794   -7.232  -3.175  1.00 21.23 ? 52   LYS A O   1 
ATOM   391 C CB  . LYS A 1 54  ? 7.668   -7.622  -5.784  1.00 21.69 ? 52   LYS A CB  1 
ATOM   392 C CG  . LYS A 1 54  ? 8.037   -8.089  -7.202  1.00 31.09 ? 52   LYS A CG  1 
ATOM   393 C CD  . LYS A 1 54  ? 8.049   -6.960  -8.207  1.00 38.45 ? 52   LYS A CD  1 
ATOM   394 C CE  . LYS A 1 54  ? 8.480   -7.459  -9.581  1.00 48.68 ? 52   LYS A CE  1 
ATOM   395 N NZ  . LYS A 1 54  ? 7.723   -8.671  -10.002 1.00 54.37 ? 52   LYS A NZ  1 
ATOM   396 N N   . ALA A 1 55  ? 6.970   -9.390  -2.560  1.00 22.75 ? 53   ALA A N   1 
ATOM   397 C CA  . ALA A 1 55  ? 6.385   -9.198  -1.236  1.00 24.58 ? 53   ALA A CA  1 
ATOM   398 C C   . ALA A 1 55  ? 7.223   -8.279  -0.370  1.00 22.59 ? 53   ALA A C   1 
ATOM   399 O O   . ALA A 1 55  ? 6.680   -7.412  0.322   1.00 21.82 ? 53   ALA A O   1 
ATOM   400 C CB  . ALA A 1 55  ? 6.201   -10.547 -0.546  1.00 30.59 ? 53   ALA A CB  1 
ATOM   401 N N   . GLU A 1 56  ? 8.539   -8.495  -0.397  1.00 25.97 ? 54   GLU A N   1 
ATOM   402 C CA  . GLU A 1 56  ? 9.477   -7.676  0.370   1.00 25.65 ? 54   GLU A CA  1 
ATOM   403 C C   . GLU A 1 56  ? 9.340   -6.210  -0.019  1.00 24.57 ? 54   GLU A C   1 
ATOM   404 O O   . GLU A 1 56  ? 9.218   -5.335  0.841   1.00 24.01 ? 54   GLU A O   1 
ATOM   405 C CB  . GLU A 1 56  ? 10.918  -8.149  0.156   1.00 29.78 ? 54   GLU A CB  1 
ATOM   406 C CG  . GLU A 1 56  ? 11.216  -9.511  0.751   1.00 40.30 ? 54   GLU A CG  1 
ATOM   407 N N   . GLU A 1 57  ? 9.343   -5.943  -1.317  1.00 24.28 ? 55   GLU A N   1 
ATOM   408 C CA  A GLU A 1 57  ? 9.222   -4.574  -1.787  0.50 23.77 ? 55   GLU A CA  1 
ATOM   409 C CA  B GLU A 1 57  ? 9.204   -4.576  -1.817  0.50 24.19 ? 55   GLU A CA  1 
ATOM   410 C C   . GLU A 1 57  ? 7.835   -4.011  -1.478  1.00 21.46 ? 55   GLU A C   1 
ATOM   411 O O   . GLU A 1 57  ? 7.708   -2.845  -1.116  1.00 20.67 ? 55   GLU A O   1 
ATOM   412 C CB  A GLU A 1 57  ? 9.518   -4.491  -3.286  0.50 24.99 ? 55   GLU A CB  1 
ATOM   413 C CB  B GLU A 1 57  ? 9.418   -4.515  -3.332  0.50 25.45 ? 55   GLU A CB  1 
ATOM   414 C CG  A GLU A 1 57  ? 9.645   -3.074  -3.801  0.50 24.08 ? 55   GLU A CG  1 
ATOM   415 C CG  B GLU A 1 57  ? 10.767  -5.001  -3.802  0.50 26.78 ? 55   GLU A CG  1 
ATOM   416 C CD  A GLU A 1 57  ? 10.312  -3.001  -5.158  0.50 29.64 ? 55   GLU A CD  1 
ATOM   417 C CD  B GLU A 1 57  ? 10.777  -5.317  -5.284  0.50 34.16 ? 55   GLU A CD  1 
ATOM   418 O OE1 A GLU A 1 57  ? 10.577  -4.066  -5.751  0.50 35.41 ? 55   GLU A OE1 1 
ATOM   419 O OE1 B GLU A 1 57  ? 10.147  -4.563  -6.055  0.50 35.17 ? 55   GLU A OE1 1 
ATOM   420 O OE2 A GLU A 1 57  ? 10.579  -1.877  -5.627  0.50 29.32 ? 55   GLU A OE2 1 
ATOM   421 O OE2 B GLU A 1 57  ? 11.397  -6.328  -5.676  0.50 32.09 ? 55   GLU A OE2 1 
ATOM   422 N N   . ALA A 1 58  ? 6.794   -4.833  -1.618  1.00 17.28 ? 56   ALA A N   1 
ATOM   423 C CA  . ALA A 1 58  ? 5.442   -4.376  -1.308  1.00 17.86 ? 56   ALA A CA  1 
ATOM   424 C C   . ALA A 1 58  ? 5.345   -3.924  0.141   1.00 21.73 ? 56   ALA A C   1 
ATOM   425 O O   . ALA A 1 58  ? 4.749   -2.894  0.448   1.00 19.15 ? 56   ALA A O   1 
ATOM   426 C CB  . ALA A 1 58  ? 4.417   -5.485  -1.572  1.00 17.74 ? 56   ALA A CB  1 
ATOM   427 N N   . ILE A 1 59  ? 5.921   -4.723  1.036   1.00 18.58 ? 57   ILE A N   1 
ATOM   428 C CA  . ILE A 1 59  ? 5.861   -4.411  2.452   1.00 17.63 ? 57   ILE A CA  1 
ATOM   429 C C   . ILE A 1 59  ? 6.619   -3.122  2.737   1.00 20.92 ? 57   ILE A C   1 
ATOM   430 O O   . ILE A 1 59  ? 6.129   -2.283  3.483   1.00 21.71 ? 57   ILE A O   1 
ATOM   431 C CB  . ILE A 1 59  ? 6.408   -5.576  3.284   1.00 18.38 ? 57   ILE A CB  1 
ATOM   432 C CG1 . ILE A 1 59  ? 5.398   -6.725  3.253   1.00 19.79 ? 57   ILE A CG1 1 
ATOM   433 C CG2 . ILE A 1 59  ? 6.693   -5.135  4.728   1.00 25.78 ? 57   ILE A CG2 1 
ATOM   434 C CD1 . ILE A 1 59  ? 5.983   -8.091  3.550   1.00 27.91 ? 57   ILE A CD1 1 
ATOM   435 N N   . LYS A 1 60  ? 7.786   -2.945  2.114   1.00 20.92 ? 58   LYS A N   1 
ATOM   436 C CA  . LYS A 1 60  ? 8.543   -1.700  2.244   1.00 21.97 ? 58   LYS A CA  1 
ATOM   437 C C   . LYS A 1 60  ? 7.709   -0.477  1.856   1.00 21.84 ? 58   LYS A C   1 
ATOM   438 O O   . LYS A 1 60  ? 7.700   0.530   2.566   1.00 23.02 ? 58   LYS A O   1 
ATOM   439 C CB  . LYS A 1 60  ? 9.813   -1.744  1.387   1.00 22.77 ? 58   LYS A CB  1 
ATOM   440 C CG  . LYS A 1 60  ? 10.636  -0.464  1.432   1.00 34.45 ? 58   LYS A CG  1 
ATOM   441 C CD  . LYS A 1 60  ? 11.837  -0.520  0.494   1.00 44.62 ? 58   LYS A CD  1 
ATOM   442 C CE  . LYS A 1 60  ? 11.420  -0.405  -0.963  1.00 46.82 ? 58   LYS A CE  1 
ATOM   443 N NZ  . LYS A 1 60  ? 12.562  -0.645  -1.889  1.00 46.49 ? 58   LYS A NZ  1 
ATOM   444 N N   . TYR A 1 61  ? 7.006   -0.567  0.735   1.00 20.70 ? 59   TYR A N   1 
ATOM   445 C CA  . TYR A 1 61  ? 6.238   0.574   0.263   1.00 17.47 ? 59   TYR A CA  1 
ATOM   446 C C   . TYR A 1 61  ? 5.047   0.832   1.171   1.00 19.79 ? 59   TYR A C   1 
ATOM   447 O O   . TYR A 1 61  ? 4.711   1.981   1.422   1.00 23.52 ? 59   TYR A O   1 
ATOM   448 C CB  . TYR A 1 61  ? 5.774   0.366   -1.185  1.00 18.98 ? 59   TYR A CB  1 
ATOM   449 C CG  . TYR A 1 61  ? 6.790   0.897   -2.164  1.00 18.03 ? 59   TYR A CG  1 
ATOM   450 C CD1 . TYR A 1 61  ? 6.763   2.224   -2.566  1.00 22.97 ? 59   TYR A CD1 1 
ATOM   451 C CD2 . TYR A 1 61  ? 7.797   0.083   -2.654  1.00 17.69 ? 59   TYR A CD2 1 
ATOM   452 C CE1 . TYR A 1 61  ? 7.704   2.721   -3.438  1.00 22.61 ? 59   TYR A CE1 1 
ATOM   453 C CE2 . TYR A 1 61  ? 8.735   0.568   -3.533  1.00 19.58 ? 59   TYR A CE2 1 
ATOM   454 C CZ  . TYR A 1 61  ? 8.679   1.886   -3.925  1.00 21.71 ? 59   TYR A CZ  1 
ATOM   455 O OH  . TYR A 1 61  ? 9.625   2.365   -4.791  1.00 20.65 ? 59   TYR A OH  1 
ATOM   456 N N   . MET A 1 62  ? 4.430   -0.228  1.683   1.00 18.13 ? 60   MET A N   1 
ATOM   457 C CA  . MET A 1 62  ? 3.265   -0.056  2.544   1.00 19.80 ? 60   MET A CA  1 
ATOM   458 C C   . MET A 1 62  ? 3.699   0.484   3.905   1.00 19.05 ? 60   MET A C   1 
ATOM   459 O O   . MET A 1 62  ? 3.008   1.316   4.502   1.00 24.76 ? 60   MET A O   1 
ATOM   460 C CB  . MET A 1 62  ? 2.499   -1.373  2.693   1.00 21.02 ? 60   MET A CB  1 
ATOM   461 C CG  . MET A 1 62  ? 1.075   -1.198  3.202   1.00 26.04 ? 60   MET A CG  1 
ATOM   462 S SD  . MET A 1 62  ? 0.012   -0.362  1.998   1.00 25.96 ? 60   MET A SD  1 
ATOM   463 C CE  . MET A 1 62  ? -0.924  0.692   3.070   1.00 41.85 ? 60   MET A CE  1 
ATOM   464 N N   . ARG A 1 63  ? 4.845   0.016   4.390   1.00 18.77 ? 61   ARG A N   1 
ATOM   465 C CA  . ARG A 1 63  ? 5.429   0.575   5.609   1.00 18.73 ? 61   ARG A CA  1 
ATOM   466 C C   . ARG A 1 63  ? 5.726   2.058   5.431   1.00 25.80 ? 61   ARG A C   1 
ATOM   467 O O   . ARG A 1 63  ? 5.545   2.843   6.361   1.00 26.16 ? 61   ARG A O   1 
ATOM   468 C CB  . ARG A 1 63  ? 6.709   -0.167  6.003   1.00 22.88 ? 61   ARG A CB  1 
ATOM   469 C CG  . ARG A 1 63  ? 6.465   -1.527  6.655   1.00 29.31 ? 61   ARG A CG  1 
ATOM   470 C CD  . ARG A 1 63  ? 7.752   -2.055  7.277   1.00 34.00 ? 61   ARG A CD  1 
ATOM   471 N N   . LYS A 1 64  ? 6.206   2.440   4.247   1.00 22.04 ? 62   LYS A N   1 
ATOM   472 C CA  . LYS A 1 64  ? 6.497   3.843   3.984   1.00 22.58 ? 62   LYS A CA  1 
ATOM   473 C C   . LYS A 1 64  ? 5.207   4.649   4.063   1.00 22.83 ? 62   LYS A C   1 
ATOM   474 O O   . LYS A 1 64  ? 5.176   5.716   4.676   1.00 25.91 ? 62   LYS A O   1 
ATOM   475 C CB  . LYS A 1 64  ? 7.153   4.035   2.617   1.00 23.38 ? 62   LYS A CB  1 
ATOM   476 C CG  . LYS A 1 64  ? 7.450   5.496   2.305   1.00 25.53 ? 62   LYS A CG  1 
ATOM   477 C CD  . LYS A 1 64  ? 8.370   6.095   3.350   1.00 30.57 ? 62   LYS A CD  1 
ATOM   478 C CE  . LYS A 1 64  ? 9.780   5.581   3.184   1.00 34.71 ? 62   LYS A CE  1 
ATOM   479 N NZ  . LYS A 1 64  ? 10.350  6.029   1.881   1.00 38.82 ? 62   LYS A NZ  1 
ATOM   480 N N   . ALA A 1 65  ? 4.147   4.119   3.464   1.00 23.09 ? 63   ALA A N   1 
ATOM   481 C CA  . ALA A 1 65  ? 2.855   4.794   3.478   1.00 20.33 ? 63   ALA A CA  1 
ATOM   482 C C   . ALA A 1 65  ? 2.390   5.011   4.915   1.00 25.40 ? 63   ALA A C   1 
ATOM   483 O O   . ALA A 1 65  ? 1.884   6.082   5.250   1.00 23.12 ? 63   ALA A O   1 
ATOM   484 C CB  . ALA A 1 65  ? 1.834   4.001   2.691   1.00 20.72 ? 63   ALA A CB  1 
ATOM   485 N N   . VAL A 1 66  ? 2.588   4.011   5.771   1.00 22.81 ? 64   VAL A N   1 
ATOM   486 C CA  . VAL A 1 66  ? 2.265   4.173   7.197   1.00 19.72 ? 64   VAL A CA  1 
ATOM   487 C C   . VAL A 1 66  ? 3.152   5.211   7.878   1.00 26.17 ? 64   VAL A C   1 
ATOM   488 O O   . VAL A 1 66  ? 2.668   6.052   8.641   1.00 29.44 ? 64   VAL A O   1 
ATOM   489 C CB  . VAL A 1 66  ? 2.392   2.838   7.967   1.00 21.42 ? 64   VAL A CB  1 
ATOM   490 C CG1 . VAL A 1 66  ? 2.221   3.057   9.475   1.00 27.21 ? 64   VAL A CG1 1 
ATOM   491 C CG2 . VAL A 1 66  ? 1.375   1.855   7.470   1.00 23.31 ? 64   VAL A CG2 1 
ATOM   492 N N   . SER A 1 67  ? 4.455   5.155   7.618   1.00 26.70 ? 65   SER A N   1 
ATOM   493 C CA  . SER A 1 67  ? 5.370   6.089   8.261   1.00 26.36 ? 65   SER A CA  1 
ATOM   494 C C   . SER A 1 67  ? 5.013   7.544   7.962   1.00 23.73 ? 65   SER A C   1 
ATOM   495 O O   . SER A 1 67  ? 5.260   8.429   8.783   1.00 30.75 ? 65   SER A O   1 
ATOM   496 C CB  . SER A 1 67  ? 6.814   5.796   7.833   1.00 31.20 ? 65   SER A CB  1 
ATOM   497 O OG  . SER A 1 67  ? 7.266   4.578   8.419   1.00 37.26 ? 65   SER A OG  1 
ATOM   498 N N   . LEU A 1 68  ? 4.420   7.789   6.798   1.00 25.88 ? 66   LEU A N   1 
ATOM   499 C CA  . LEU A 1 68  ? 4.079   9.150   6.383   1.00 25.08 ? 66   LEU A CA  1 
ATOM   500 C C   . LEU A 1 68  ? 2.777   9.662   6.991   1.00 30.26 ? 66   LEU A C   1 
ATOM   501 O O   . LEU A 1 68  ? 2.525   10.867  6.998   1.00 37.72 ? 66   LEU A O   1 
ATOM   502 C CB  . LEU A 1 68  ? 3.999   9.231   4.862   1.00 28.83 ? 66   LEU A CB  1 
ATOM   503 C CG  . LEU A 1 68  ? 5.316   9.031   4.107   1.00 32.15 ? 66   LEU A CG  1 
ATOM   504 C CD1 . LEU A 1 68  ? 5.054   9.009   2.610   1.00 34.05 ? 66   LEU A CD1 1 
ATOM   505 C CD2 . LEU A 1 68  ? 6.333   10.108  4.456   1.00 33.00 ? 66   LEU A CD2 1 
ATOM   506 N N   . ASP A 1 69  ? 1.950   8.748   7.485   1.00 25.50 ? 67   ASP A N   1 
ATOM   507 C CA  . ASP A 1 69  ? 0.787   9.116   8.306   1.00 28.33 ? 67   ASP A CA  1 
ATOM   508 C C   . ASP A 1 69  ? 0.450   7.944   9.209   1.00 27.37 ? 67   ASP A C   1 
ATOM   509 O O   . ASP A 1 69  ? -0.406  7.121   8.883   1.00 22.91 ? 67   ASP A O   1 
ATOM   510 C CB  . ASP A 1 69  ? -0.420  9.504   7.452   1.00 34.21 ? 67   ASP A CB  1 
ATOM   511 C CG  . ASP A 1 69  ? -1.608  9.967   8.292   1.00 37.90 ? 67   ASP A CG  1 
ATOM   512 O OD1 . ASP A 1 69  ? -1.425  10.241  9.498   1.00 39.81 ? 67   ASP A OD1 1 
ATOM   513 O OD2 . ASP A 1 69  ? -2.727  10.047  7.746   1.00 41.33 ? 67   ASP A OD2 1 
ATOM   514 N N   . PRO A 1 70  ? 1.136   7.864   10.356  1.00 24.46 ? 68   PRO A N   1 
ATOM   515 C CA  . PRO A 1 70  ? 1.141   6.677   11.217  1.00 24.71 ? 68   PRO A CA  1 
ATOM   516 C C   . PRO A 1 70  ? -0.161  6.427   11.963  1.00 24.84 ? 68   PRO A C   1 
ATOM   517 O O   . PRO A 1 70  ? -0.309  5.348   12.534  1.00 27.52 ? 68   PRO A O   1 
ATOM   518 C CB  . PRO A 1 70  ? 2.282   6.962   12.193  1.00 31.66 ? 68   PRO A CB  1 
ATOM   519 C CG  . PRO A 1 70  ? 2.413   8.442   12.200  1.00 34.16 ? 68   PRO A CG  1 
ATOM   520 C CD  . PRO A 1 70  ? 2.077   8.895   10.828  1.00 28.63 ? 68   PRO A CD  1 
ATOM   521 N N   . ASN A 1 71  ? -1.083  7.384   11.941  1.00 24.35 ? 69   ASN A N   1 
ATOM   522 C CA  . ASN A 1 71  ? -2.350  7.229   12.646  1.00 23.77 ? 69   ASN A CA  1 
ATOM   523 C C   . ASN A 1 71  ? -3.522  7.000   11.700  1.00 27.76 ? 69   ASN A C   1 
ATOM   524 O O   . ASN A 1 71  ? -4.679  7.101   12.097  1.00 29.32 ? 69   ASN A O   1 
ATOM   525 C CB  . ASN A 1 71  ? -2.614  8.452   13.518  1.00 32.07 ? 69   ASN A CB  1 
ATOM   526 C CG  . ASN A 1 71  ? -1.546  8.644   14.564  1.00 39.58 ? 69   ASN A CG  1 
ATOM   527 O OD1 . ASN A 1 71  ? -1.161  7.695   15.247  1.00 38.39 ? 69   ASN A OD1 1 
ATOM   528 N ND2 . ASN A 1 71  ? -1.037  9.867   14.682  1.00 46.00 ? 69   ASN A ND2 1 
ATOM   529 N N   . ASN A 1 72  ? -3.208  6.687   10.449  1.00 26.54 ? 70   ASN A N   1 
ATOM   530 C CA  . ASN A 1 72  ? -4.219  6.418   9.427   1.00 23.43 ? 70   ASN A CA  1 
ATOM   531 C C   . ASN A 1 72  ? -4.692  4.974   9.509   1.00 25.36 ? 70   ASN A C   1 
ATOM   532 O O   . ASN A 1 72  ? -3.935  4.055   9.211   1.00 24.47 ? 70   ASN A O   1 
ATOM   533 C CB  . ASN A 1 72  ? -3.639  6.712   8.041   1.00 20.77 ? 70   ASN A CB  1 
ATOM   534 C CG  . ASN A 1 72  ? -4.685  6.691   6.949   1.00 29.65 ? 70   ASN A CG  1 
ATOM   535 O OD1 . ASN A 1 72  ? -5.573  5.841   6.932   1.00 30.37 ? 70   ASN A OD1 1 
ATOM   536 N ND2 . ASN A 1 72  ? -4.582  7.635   6.022   1.00 29.06 ? 70   ASN A ND2 1 
ATOM   537 N N   . ILE A 1 73  ? -5.946  4.763   9.905   1.00 24.15 ? 71   ILE A N   1 
ATOM   538 C CA  . ILE A 1 73  ? -6.398  3.395   10.139  1.00 19.97 ? 71   ILE A CA  1 
ATOM   539 C C   . ILE A 1 73  ? -6.516  2.607   8.841   1.00 25.10 ? 71   ILE A C   1 
ATOM   540 O O   . ILE A 1 73  ? -6.452  1.381   8.859   1.00 23.31 ? 71   ILE A O   1 
ATOM   541 C CB  . ILE A 1 73  ? -7.747  3.347   10.891  1.00 22.04 ? 71   ILE A CB  1 
ATOM   542 C CG1 . ILE A 1 73  ? -8.825  4.120   10.133  1.00 24.37 ? 71   ILE A CG1 1 
ATOM   543 C CG2 . ILE A 1 73  ? -7.581  3.866   12.320  1.00 24.07 ? 71   ILE A CG2 1 
ATOM   544 C CD1 . ILE A 1 73  ? -10.229 3.858   10.664  1.00 27.58 ? 71   ILE A CD1 1 
ATOM   545 N N   . LYS A 1 74  ? -6.686  3.299   7.717   1.00 23.42 ? 72   LYS A N   1 
ATOM   546 C CA  . LYS A 1 74  ? -6.765  2.614   6.434   1.00 21.71 ? 72   LYS A CA  1 
ATOM   547 C C   . LYS A 1 74  ? -5.400  2.054   6.055   1.00 22.02 ? 72   LYS A C   1 
ATOM   548 O O   . LYS A 1 74  ? -5.272  0.892   5.690   1.00 23.69 ? 72   LYS A O   1 
ATOM   549 C CB  . LYS A 1 74  ? -7.284  3.557   5.342   1.00 24.68 ? 72   LYS A CB  1 
ATOM   550 N N   . THR A 1 75  ? -4.375  2.888   6.159   1.00 21.58 ? 73   THR A N   1 
ATOM   551 C CA  . THR A 1 75  ? -3.027  2.452   5.843   1.00 24.02 ? 73   THR A CA  1 
ATOM   552 C C   . THR A 1 75  ? -2.569  1.350   6.805   1.00 24.96 ? 73   THR A C   1 
ATOM   553 O O   . THR A 1 75  ? -1.977  0.356   6.388   1.00 23.21 ? 73   THR A O   1 
ATOM   554 C CB  . THR A 1 75  ? -2.058  3.638   5.900   1.00 28.47 ? 73   THR A CB  1 
ATOM   555 O OG1 . THR A 1 75  ? -2.715  4.799   5.375   1.00 33.52 ? 73   THR A OG1 1 
ATOM   556 C CG2 . THR A 1 75  ? -0.827  3.362   5.077   1.00 33.31 ? 73   THR A CG2 1 
ATOM   557 N N   . LEU A 1 76  ? -2.861  1.520   8.093   1.00 20.52 ? 74   LEU A N   1 
ATOM   558 C CA  . LEU A 1 76  ? -2.475  0.521   9.089   1.00 19.96 ? 74   LEU A CA  1 
ATOM   559 C C   . LEU A 1 76  ? -3.114  -0.818  8.816   1.00 21.05 ? 74   LEU A C   1 
ATOM   560 O O   . LEU A 1 76  ? -2.439  -1.844  8.874   1.00 22.79 ? 74   LEU A O   1 
ATOM   561 C CB  . LEU A 1 76  ? -2.854  0.974   10.503  1.00 22.60 ? 74   LEU A CB  1 
ATOM   562 C CG  . LEU A 1 76  ? -2.013  2.111   11.062  1.00 23.79 ? 74   LEU A CG  1 
ATOM   563 C CD1 . LEU A 1 76  ? -2.695  2.694   12.287  1.00 23.92 ? 74   LEU A CD1 1 
ATOM   564 C CD2 . LEU A 1 76  ? -0.630  1.609   11.420  1.00 22.80 ? 74   LEU A CD2 1 
ATOM   565 N N   . SER A 1 77  ? -4.415  -0.818  8.540   1.00 21.75 ? 75   SER A N   1 
ATOM   566 C CA  . SER A 1 77  ? -5.113  -2.075  8.312   1.00 22.32 ? 75   SER A CA  1 
ATOM   567 C C   . SER A 1 77  ? -4.663  -2.697  6.981   1.00 24.07 ? 75   SER A C   1 
ATOM   568 O O   . SER A 1 77  ? -4.565  -3.919  6.874   1.00 22.71 ? 75   SER A O   1 
ATOM   569 C CB  . SER A 1 77  ? -6.633  -1.875  8.359   1.00 23.29 ? 75   SER A CB  1 
ATOM   570 O OG  . SER A 1 77  ? -7.059  -0.929  7.412   1.00 33.90 ? 75   SER A OG  1 
ATOM   571 N N   . ASN A 1 78  ? -4.351  -1.871  5.982   1.00 21.05 ? 76   ASN A N   1 
ATOM   572 C CA  . ASN A 1 78  ? -3.796  -2.406  4.734   1.00 21.76 ? 76   ASN A CA  1 
ATOM   573 C C   . ASN A 1 78  ? -2.436  -3.065  4.946   1.00 19.96 ? 76   ASN A C   1 
ATOM   574 O O   . ASN A 1 78  ? -2.152  -4.124  4.375   1.00 22.05 ? 76   ASN A O   1 
ATOM   575 C CB  . ASN A 1 78  ? -3.670  -1.308  3.681   1.00 21.64 ? 76   ASN A CB  1 
ATOM   576 C CG  . ASN A 1 78  ? -5.000  -0.953  3.045   1.00 33.86 ? 76   ASN A CG  1 
ATOM   577 O OD1 . ASN A 1 78  ? -5.948  -1.737  3.080   1.00 38.77 ? 76   ASN A OD1 1 
ATOM   578 N ND2 . ASN A 1 78  ? -5.074  0.235   2.453   1.00 41.42 ? 76   ASN A ND2 1 
ATOM   579 N N   . LEU A 1 79  ? -1.588  -2.454  5.769   1.00 19.27 ? 77   LEU A N   1 
ATOM   580 C CA  . LEU A 1 79  ? -0.294  -3.057  6.058   1.00 20.24 ? 77   LEU A CA  1 
ATOM   581 C C   . LEU A 1 79  ? -0.481  -4.366  6.795   1.00 21.56 ? 77   LEU A C   1 
ATOM   582 O O   . LEU A 1 79  ? 0.189   -5.346  6.494   1.00 21.50 ? 77   LEU A O   1 
ATOM   583 C CB  . LEU A 1 79  ? 0.602   -2.109  6.869   1.00 20.70 ? 77   LEU A CB  1 
ATOM   584 C CG  . LEU A 1 79  ? 1.953   -2.671  7.317   1.00 20.63 ? 77   LEU A CG  1 
ATOM   585 C CD1 . LEU A 1 79  ? 2.794   -3.163  6.138   1.00 22.77 ? 77   LEU A CD1 1 
ATOM   586 C CD2 . LEU A 1 79  ? 2.743   -1.624  8.108   1.00 23.07 ? 77   LEU A CD2 1 
ATOM   587 N N   . ALA A 1 80  ? -1.402  -4.384  7.751   1.00 22.11 ? 78   ALA A N   1 
ATOM   588 C CA  . ALA A 1 80  ? -1.676  -5.605  8.499   1.00 22.55 ? 78   ALA A CA  1 
ATOM   589 C C   . ALA A 1 80  ? -2.165  -6.714  7.576   1.00 24.73 ? 78   ALA A C   1 
ATOM   590 O O   . ALA A 1 80  ? -1.730  -7.860  7.678   1.00 22.52 ? 78   ALA A O   1 
ATOM   591 C CB  . ALA A 1 80  ? -2.706  -5.336  9.603   1.00 22.52 ? 78   ALA A CB  1 
ATOM   592 N N   . VAL A 1 81  ? -3.074  -6.375  6.668   1.00 22.50 ? 79   VAL A N   1 
ATOM   593 C CA  . VAL A 1 81  ? -3.634  -7.390  5.785   1.00 22.78 ? 79   VAL A CA  1 
ATOM   594 C C   . VAL A 1 81  ? -2.549  -7.913  4.857   1.00 21.13 ? 79   VAL A C   1 
ATOM   595 O O   . VAL A 1 81  ? -2.446  -9.120  4.633   1.00 26.67 ? 79   VAL A O   1 
ATOM   596 C CB  . VAL A 1 81  ? -4.812  -6.849  4.969   1.00 22.30 ? 79   VAL A CB  1 
ATOM   597 C CG1 . VAL A 1 81  ? -5.199  -7.824  3.870   1.00 28.70 ? 79   VAL A CG1 1 
ATOM   598 C CG2 . VAL A 1 81  ? -5.998  -6.578  5.880   1.00 25.97 ? 79   VAL A CG2 1 
ATOM   599 N N   . LEU A 1 82  ? -1.723  -7.003  4.351   1.00 24.47 ? 80   LEU A N   1 
ATOM   600 C CA  . LEU A 1 82  ? -0.618  -7.386  3.477   1.00 20.46 ? 80   LEU A CA  1 
ATOM   601 C C   . LEU A 1 82  ? 0.359   -8.305  4.203   1.00 25.74 ? 80   LEU A C   1 
ATOM   602 O O   . LEU A 1 82  ? 0.738   -9.350  3.687   1.00 25.87 ? 80   LEU A O   1 
ATOM   603 C CB  . LEU A 1 82  ? 0.100   -6.132  2.952   1.00 20.83 ? 80   LEU A CB  1 
ATOM   604 C CG  . LEU A 1 82  ? 1.386   -6.381  2.177   1.00 29.07 ? 80   LEU A CG  1 
ATOM   605 C CD1 . LEU A 1 82  ? 1.066   -7.225  0.978   1.00 28.35 ? 80   LEU A CD1 1 
ATOM   606 C CD2 . LEU A 1 82  ? 1.968   -5.043  1.746   1.00 29.95 ? 80   LEU A CD2 1 
ATOM   607 N N   . LEU A 1 83  ? 0.776   -7.918  5.402   1.00 22.57 ? 81   LEU A N   1 
ATOM   608 C CA  . LEU A 1 83  ? 1.687   -8.756  6.174   1.00 22.92 ? 81   LEU A CA  1 
ATOM   609 C C   . LEU A 1 83  ? 1.096   -10.127 6.471   1.00 29.24 ? 81   LEU A C   1 
ATOM   610 O O   . LEU A 1 83  ? 1.782   -11.137 6.362   1.00 29.34 ? 81   LEU A O   1 
ATOM   611 C CB  . LEU A 1 83  ? 2.072   -8.056  7.475   1.00 25.30 ? 81   LEU A CB  1 
ATOM   612 C CG  . LEU A 1 83  ? 3.066   -6.901  7.332   1.00 25.08 ? 81   LEU A CG  1 
ATOM   613 C CD1 . LEU A 1 83  ? 3.040   -6.031  8.578   1.00 25.96 ? 81   LEU A CD1 1 
ATOM   614 C CD2 . LEU A 1 83  ? 4.467   -7.427  7.094   1.00 27.56 ? 81   LEU A CD2 1 
ATOM   615 N N   . ALA A 1 84  ? -0.179  -10.169 6.841   1.00 25.55 ? 82   ALA A N   1 
ATOM   616 C CA  . ALA A 1 84  ? -0.802  -11.450 7.145   1.00 27.35 ? 82   ALA A CA  1 
ATOM   617 C C   . ALA A 1 84  ? -0.833  -12.342 5.910   1.00 27.55 ? 82   ALA A C   1 
ATOM   618 O O   . ALA A 1 84  ? -0.528  -13.537 5.988   1.00 32.70 ? 82   ALA A O   1 
ATOM   619 C CB  . ALA A 1 84  ? -2.208  -11.246 7.684   1.00 30.56 ? 82   ALA A CB  1 
ATOM   620 N N   . GLN A 1 85  ? -1.215  -11.766 4.774   1.00 26.48 ? 83   GLN A N   1 
ATOM   621 C CA  . GLN A 1 85  ? -1.275  -12.525 3.531   1.00 29.29 ? 83   GLN A CA  1 
ATOM   622 C C   . GLN A 1 85  ? 0.099   -13.021 3.104   1.00 33.73 ? 83   GLN A C   1 
ATOM   623 O O   . GLN A 1 85  ? 0.203   -14.017 2.390   1.00 35.01 ? 83   GLN A O   1 
ATOM   624 C CB  . GLN A 1 85  ? -1.879  -11.686 2.411   1.00 33.63 ? 83   GLN A CB  1 
ATOM   625 C CG  . GLN A 1 85  ? -3.366  -11.450 2.547   1.00 43.40 ? 83   GLN A CG  1 
ATOM   626 C CD  . GLN A 1 85  ? -3.913  -10.607 1.420   1.00 52.12 ? 83   GLN A CD  1 
ATOM   627 O OE1 . GLN A 1 85  ? -3.162  -9.929  0.717   1.00 52.86 ? 83   GLN A OE1 1 
ATOM   628 N NE2 . GLN A 1 85  ? -5.227  -10.647 1.236   1.00 57.55 ? 83   GLN A NE2 1 
ATOM   629 N N   . GLU A 1 86  ? 1.150   -12.338 3.547   1.00 30.65 ? 84   GLU A N   1 
ATOM   630 C CA  . GLU A 1 86  ? 2.510   -12.726 3.175   1.00 39.38 ? 84   GLU A CA  1 
ATOM   631 C C   . GLU A 1 86  ? 3.191   -13.600 4.227   1.00 47.03 ? 84   GLU A C   1 
ATOM   632 O O   . GLU A 1 86  ? 4.410   -13.770 4.204   1.00 49.17 ? 84   GLU A O   1 
ATOM   633 C CB  . GLU A 1 86  ? 3.358   -11.482 2.900   1.00 34.30 ? 84   GLU A CB  1 
ATOM   634 C CG  . GLU A 1 86  ? 2.798   -10.593 1.793   1.00 28.01 ? 84   GLU A CG  1 
ATOM   635 C CD  . GLU A 1 86  ? 2.761   -11.281 0.442   1.00 37.13 ? 84   GLU A CD  1 
ATOM   636 O OE1 . GLU A 1 86  ? 3.573   -12.204 0.229   1.00 43.56 ? 84   GLU A OE1 1 
ATOM   637 O OE2 . GLU A 1 86  ? 1.918   -10.904 -0.402  1.00 35.62 ? 84   GLU A OE2 1 
ATOM   638 N N   . GLY A 1 87  ? 2.403   -14.151 5.145   1.00 46.15 ? 85   GLY A N   1 
ATOM   639 C CA  . GLY A 1 87  ? 2.908   -15.113 6.111   1.00 44.60 ? 85   GLY A CA  1 
ATOM   640 C C   . GLY A 1 87  ? 3.580   -14.517 7.333   1.00 43.51 ? 85   GLY A C   1 
ATOM   641 O O   . GLY A 1 87  ? 4.282   -15.215 8.063   1.00 51.05 ? 85   GLY A O   1 
ATOM   642 N N   . LYS A 1 88  ? 3.361   -13.228 7.564   1.00 32.95 ? 86   LYS A N   1 
ATOM   643 C CA  . LYS A 1 88  ? 3.949   -12.542 8.711   1.00 30.98 ? 86   LYS A CA  1 
ATOM   644 C C   . LYS A 1 88  ? 2.856   -12.058 9.654   1.00 32.15 ? 86   LYS A C   1 
ATOM   645 O O   . LYS A 1 88  ? 2.805   -10.884 10.014  1.00 32.92 ? 86   LYS A O   1 
ATOM   646 C CB  . LYS A 1 88  ? 4.817   -11.369 8.246   1.00 35.49 ? 86   LYS A CB  1 
ATOM   647 C CG  . LYS A 1 88  ? 5.966   -11.784 7.329   1.00 43.12 ? 86   LYS A CG  1 
ATOM   648 C CD  . LYS A 1 88  ? 6.547   -10.597 6.574   1.00 47.12 ? 86   LYS A CD  1 
ATOM   649 C CE  . LYS A 1 88  ? 7.744   -11.006 5.718   1.00 51.28 ? 86   LYS A CE  1 
ATOM   650 N NZ  . LYS A 1 88  ? 8.932   -11.374 6.542   1.00 56.23 ? 86   LYS A NZ  1 
ATOM   651 N N   . ALA A 1 89  ? 1.976   -12.976 10.042  1.00 37.12 ? 87   ALA A N   1 
ATOM   652 C CA  . ALA A 1 89  ? 0.824   -12.645 10.878  1.00 30.20 ? 87   ALA A CA  1 
ATOM   653 C C   . ALA A 1 89  ? 1.241   -12.046 12.218  1.00 32.78 ? 87   ALA A C   1 
ATOM   654 O O   . ALA A 1 89  ? 0.603   -11.119 12.713  1.00 33.13 ? 87   ALA A O   1 
ATOM   655 C CB  . ALA A 1 89  ? -0.042  -13.887 11.096  1.00 34.60 ? 87   ALA A CB  1 
ATOM   656 N N   . GLU A 1 90  ? 2.315   -12.566 12.800  1.00 39.09 ? 88   GLU A N   1 
ATOM   657 C CA  . GLU A 1 90  ? 2.807   -12.052 14.072  1.00 38.35 ? 88   GLU A CA  1 
ATOM   658 C C   . GLU A 1 90  ? 3.138   -10.565 13.987  1.00 37.88 ? 88   GLU A C   1 
ATOM   659 O O   . GLU A 1 90  ? 2.811   -9.798  14.891  1.00 39.05 ? 88   GLU A O   1 
ATOM   660 C CB  . GLU A 1 90  ? 4.040   -12.842 14.528  1.00 44.32 ? 88   GLU A CB  1 
ATOM   661 N N   . GLU A 1 91  ? 3.780   -10.163 12.893  1.00 39.69 ? 89   GLU A N   1 
ATOM   662 C CA  . GLU A 1 91  ? 4.102   -8.757  12.664  1.00 38.59 ? 89   GLU A CA  1 
ATOM   663 C C   . GLU A 1 91  ? 2.845   -7.960  12.332  1.00 38.26 ? 89   GLU A C   1 
ATOM   664 O O   . GLU A 1 91  ? 2.699   -6.804  12.724  1.00 39.54 ? 89   GLU A O   1 
ATOM   665 C CB  . GLU A 1 91  ? 5.127   -8.616  11.533  1.00 38.47 ? 89   GLU A CB  1 
ATOM   666 N N   . ALA A 1 92  ? 1.932   -8.600  11.613  1.00 31.70 ? 90   ALA A N   1 
ATOM   667 C CA  . ALA A 1 92  ? 0.713   -7.954  11.153  1.00 27.70 ? 90   ALA A CA  1 
ATOM   668 C C   . ALA A 1 92  ? -0.181  -7.519  12.303  1.00 30.74 ? 90   ALA A C   1 
ATOM   669 O O   . ALA A 1 92  ? -0.845  -6.487  12.227  1.00 32.19 ? 90   ALA A O   1 
ATOM   670 C CB  . ALA A 1 92  ? -0.048  -8.887  10.233  1.00 26.58 ? 90   ALA A CB  1 
ATOM   671 N N   . ILE A 1 93  ? -0.198  -8.306  13.371  1.00 27.71 ? 91   ILE A N   1 
ATOM   672 C CA  . ILE A 1 93  ? -1.176  -8.077  14.423  1.00 29.10 ? 91   ILE A CA  1 
ATOM   673 C C   . ILE A 1 93  ? -0.899  -6.771  15.179  1.00 29.59 ? 91   ILE A C   1 
ATOM   674 O O   . ILE A 1 93  ? -1.834  -6.121  15.629  1.00 27.67 ? 91   ILE A O   1 
ATOM   675 C CB  . ILE A 1 93  ? -1.242  -9.274  15.398  1.00 36.48 ? 91   ILE A CB  1 
ATOM   676 C CG1 . ILE A 1 93  ? -2.624  -9.350  16.043  1.00 40.92 ? 91   ILE A CG1 1 
ATOM   677 C CG2 . ILE A 1 93  ? -0.132  -9.216  16.429  1.00 44.31 ? 91   ILE A CG2 1 
ATOM   678 C CD1 . ILE A 1 93  ? -2.885  -10.652 16.739  1.00 43.01 ? 91   ILE A CD1 1 
ATOM   679 N N   . LYS A 1 94  ? 0.356   -6.343  15.284  1.00 29.57 ? 92   LYS A N   1 
ATOM   680 C CA  . LYS A 1 94  ? 0.599   -5.108  16.025  1.00 28.71 ? 92   LYS A CA  1 
ATOM   681 C C   . LYS A 1 94  ? 0.043   -3.905  15.262  1.00 28.92 ? 92   LYS A C   1 
ATOM   682 O O   . LYS A 1 94  ? -0.397  -2.924  15.865  1.00 29.60 ? 92   LYS A O   1 
ATOM   683 C CB  . LYS A 1 94  ? 2.087   -4.922  16.331  1.00 38.28 ? 92   LYS A CB  1 
ATOM   684 C CG  . LYS A 1 94  ? 2.971   -4.646  15.141  1.00 45.91 ? 92   LYS A CG  1 
ATOM   685 C CD  . LYS A 1 94  ? 4.324   -4.147  15.623  1.00 51.56 ? 92   LYS A CD  1 
ATOM   686 C CE  . LYS A 1 94  ? 5.294   -3.957  14.476  1.00 56.84 ? 92   LYS A CE  1 
ATOM   687 N NZ  . LYS A 1 94  ? 5.604   -5.252  13.809  1.00 62.05 ? 92   LYS A NZ  1 
ATOM   688 N N   . TYR A 1 95  ? 0.027   -3.991  13.936  1.00 29.59 ? 93   TYR A N   1 
ATOM   689 C CA  . TYR A 1 95  ? -0.489  -2.890  13.127  1.00 25.88 ? 93   TYR A CA  1 
ATOM   690 C C   . TYR A 1 95  ? -2.006  -2.840  13.185  1.00 25.89 ? 93   TYR A C   1 
ATOM   691 O O   . TYR A 1 95  ? -2.600  -1.763  13.253  1.00 24.43 ? 93   TYR A O   1 
ATOM   692 C CB  . TYR A 1 95  ? -0.007  -3.008  11.678  1.00 23.34 ? 93   TYR A CB  1 
ATOM   693 C CG  . TYR A 1 95  ? 1.454   -2.661  11.545  1.00 24.87 ? 93   TYR A CG  1 
ATOM   694 C CD1 . TYR A 1 95  ? 1.888   -1.355  11.705  1.00 28.34 ? 93   TYR A CD1 1 
ATOM   695 C CD2 . TYR A 1 95  ? 2.402   -3.644  11.286  1.00 27.69 ? 93   TYR A CD2 1 
ATOM   696 C CE1 . TYR A 1 95  ? 3.229   -1.028  11.600  1.00 37.00 ? 93   TYR A CE1 1 
ATOM   697 C CE2 . TYR A 1 95  ? 3.744   -3.325  11.171  1.00 33.27 ? 93   TYR A CE2 1 
ATOM   698 C CZ  . TYR A 1 95  ? 4.150   -2.019  11.333  1.00 39.70 ? 93   TYR A CZ  1 
ATOM   699 O OH  . TYR A 1 95  ? 5.484   -1.701  11.225  1.00 47.05 ? 93   TYR A OH  1 
ATOM   700 N N   . MET A 1 96  ? -2.657  -3.994  13.164  1.00 24.17 ? 94   MET A N   1 
ATOM   701 C CA  A MET A 1 96  ? -4.104  -3.979  13.241  0.50 23.55 ? 94   MET A CA  1 
ATOM   702 C CA  B MET A 1 96  ? -4.111  -4.022  13.247  0.50 23.93 ? 94   MET A CA  1 
ATOM   703 C C   . MET A 1 96  ? -4.561  -3.622  14.647  1.00 24.52 ? 94   MET A C   1 
ATOM   704 O O   . MET A 1 96  ? -5.603  -2.997  14.821  1.00 22.90 ? 94   MET A O   1 
ATOM   705 C CB  A MET A 1 96  ? -4.695  -5.315  12.820  0.50 26.29 ? 94   MET A CB  1 
ATOM   706 C CB  B MET A 1 96  ? -4.658  -5.406  12.887  0.50 25.63 ? 94   MET A CB  1 
ATOM   707 C CG  A MET A 1 96  ? -6.195  -5.249  12.692  0.50 30.05 ? 94   MET A CG  1 
ATOM   708 C CG  B MET A 1 96  ? -6.147  -5.415  12.566  0.50 29.56 ? 94   MET A CG  1 
ATOM   709 S SD  A MET A 1 96  ? -6.824  -6.563  11.661  0.50 38.95 ? 94   MET A SD  1 
ATOM   710 S SD  B MET A 1 96  ? -6.537  -4.691  10.960  0.50 22.13 ? 94   MET A SD  1 
ATOM   711 C CE  A MET A 1 96  ? -6.299  -6.008  10.040  0.50 28.63 ? 94   MET A CE  1 
ATOM   712 C CE  B MET A 1 96  ? -6.275  -6.092  9.874   0.50 28.49 ? 94   MET A CE  1 
ATOM   713 N N   . ARG A 1 97  ? -3.771  -3.998  15.650  1.00 25.92 ? 95   ARG A N   1 
ATOM   714 C CA  . ARG A 1 97  ? -4.091  -3.624  17.022  1.00 25.67 ? 95   ARG A CA  1 
ATOM   715 C C   . ARG A 1 97  ? -3.951  -2.117  17.219  1.00 27.44 ? 95   ARG A C   1 
ATOM   716 O O   . ARG A 1 97  ? -4.718  -1.516  17.973  1.00 28.71 ? 95   ARG A O   1 
ATOM   717 C CB  . ARG A 1 97  ? -3.199  -4.382  18.015  1.00 29.18 ? 95   ARG A CB  1 
ATOM   718 C CG  . ARG A 1 97  ? -3.718  -5.775  18.324  1.00 28.32 ? 95   ARG A CG  1 
ATOM   719 C CD  . ARG A 1 97  ? -2.785  -6.555  19.237  1.00 36.16 ? 95   ARG A CD  1 
ATOM   720 N NE  . ARG A 1 97  ? -3.409  -7.794  19.687  1.00 38.73 ? 95   ARG A NE  1 
ATOM   721 C CZ  . ARG A 1 97  ? -2.756  -8.936  19.881  1.00 40.60 ? 95   ARG A CZ  1 
ATOM   722 N NH1 . ARG A 1 97  ? -1.450  -9.000  19.662  1.00 41.83 ? 95   ARG A NH1 1 
ATOM   723 N NH2 . ARG A 1 97  ? -3.409  -10.015 20.295  1.00 39.47 ? 95   ARG A NH2 1 
ATOM   724 N N   . LYS A 1 98  ? -2.982  -1.509  16.539  1.00 27.33 ? 96   LYS A N   1 
ATOM   725 C CA  . LYS A 1 98  ? -2.842  -0.057  16.586  1.00 26.72 ? 96   LYS A CA  1 
ATOM   726 C C   . LYS A 1 98  ? -4.077  0.615   15.992  1.00 22.36 ? 96   LYS A C   1 
ATOM   727 O O   . LYS A 1 98  ? -4.586  1.598   16.534  1.00 27.20 ? 96   LYS A O   1 
ATOM   728 C CB  . LYS A 1 98  ? -1.589  0.405   15.848  1.00 25.67 ? 96   LYS A CB  1 
ATOM   729 C CG  . LYS A 1 98  ? -1.368  1.902   15.989  1.00 30.00 ? 96   LYS A CG  1 
ATOM   730 C CD  . LYS A 1 98  ? -0.105  2.375   15.310  1.00 37.00 ? 96   LYS A CD  1 
ATOM   731 C CE  . LYS A 1 98  ? 0.161   3.834   15.655  1.00 43.97 ? 96   LYS A CE  1 
ATOM   732 N NZ  . LYS A 1 98  ? 1.295   4.395   14.875  1.00 48.53 ? 96   LYS A NZ  1 
ATOM   733 N N   . ALA A 1 99  ? -4.561  0.080   14.878  1.00 23.91 ? 97   ALA A N   1 
ATOM   734 C CA  . ALA A 1 99  ? -5.764  0.601   14.248  1.00 20.34 ? 97   ALA A CA  1 
ATOM   735 C C   . ALA A 1 99  ? -6.976  0.471   15.168  1.00 22.09 ? 97   ALA A C   1 
ATOM   736 O O   . ALA A 1 99  ? -7.793  1.389   15.253  1.00 24.43 ? 97   ALA A O   1 
ATOM   737 C CB  . ALA A 1 99  ? -6.015  -0.117  12.924  1.00 23.22 ? 97   ALA A CB  1 
ATOM   738 N N   . VAL A 1 100 ? -7.086  -0.660  15.870  1.00 22.21 ? 98   VAL A N   1 
ATOM   739 C CA  . VAL A 1 100 ? -8.153  -0.839  16.853  1.00 22.92 ? 98   VAL A CA  1 
ATOM   740 C C   . VAL A 1 100 ? -8.094  0.252   17.908  1.00 23.39 ? 98   VAL A C   1 
ATOM   741 O O   . VAL A 1 100 ? -9.123  0.832   18.265  1.00 28.73 ? 98   VAL A O   1 
ATOM   742 C CB  . VAL A 1 100 ? -8.074  -2.213  17.555  1.00 26.78 ? 98   VAL A CB  1 
ATOM   743 C CG1 . VAL A 1 100 ? -8.987  -2.243  18.783  1.00 32.59 ? 98   VAL A CG1 1 
ATOM   744 C CG2 . VAL A 1 100 ? -8.460  -3.317  16.606  1.00 26.37 ? 98   VAL A CG2 1 
ATOM   745 N N   . SER A 1 101 ? -6.889  0.529   18.393  1.00 26.38 ? 99   SER A N   1 
ATOM   746 C CA  . SER A 1 101 ? -6.721  1.483   19.485  1.00 30.36 ? 99   SER A CA  1 
ATOM   747 C C   . SER A 1 101 ? -7.088  2.890   19.026  1.00 26.63 ? 99   SER A C   1 
ATOM   748 O O   . SER A 1 101 ? -7.626  3.688   19.804  1.00 30.64 ? 99   SER A O   1 
ATOM   749 C CB  . SER A 1 101 ? -5.285  1.455   20.018  1.00 37.60 ? 99   SER A CB  1 
ATOM   750 O OG  . SER A 1 101 ? -4.377  1.939   19.044  1.00 46.46 ? 99   SER A OG  1 
ATOM   751 N N   . LEU A 1 102 ? -6.797  3.186   17.761  1.00 26.26 ? 100  LEU A N   1 
ATOM   752 C CA  . LEU A 1 102 ? -7.148  4.480   17.179  1.00 26.12 ? 100  LEU A CA  1 
ATOM   753 C C   . LEU A 1 102 ? -8.651  4.599   16.962  1.00 27.42 ? 100  LEU A C   1 
ATOM   754 O O   . LEU A 1 102 ? -9.234  5.671   17.154  1.00 29.71 ? 100  LEU A O   1 
ATOM   755 C CB  . LEU A 1 102 ? -6.392  4.691   15.861  1.00 26.07 ? 100  LEU A CB  1 
ATOM   756 C CG  . LEU A 1 102 ? -4.906  5.005   16.009  1.00 28.63 ? 100  LEU A CG  1 
ATOM   757 C CD1 . LEU A 1 102 ? -4.191  4.749   14.698  1.00 28.32 ? 100  LEU A CD1 1 
ATOM   758 C CD2 . LEU A 1 102 ? -4.691  6.446   16.461  1.00 30.95 ? 100  LEU A CD2 1 
ATOM   759 N N   . ILE A 1 103 ? -9.298  3.496   16.595  1.00 26.22 ? 101  ILE A N   1 
ATOM   760 C CA  . ILE A 1 103 ? -10.754 3.491   16.521  1.00 28.70 ? 101  ILE A CA  1 
ATOM   761 C C   . ILE A 1 103 ? -11.345 3.658   17.926  1.00 30.39 ? 101  ILE A C   1 
ATOM   762 O O   . ILE A 1 103 ? -12.364 4.327   18.114  1.00 33.46 ? 101  ILE A O   1 
ATOM   763 C CB  . ILE A 1 103 ? -11.286 2.199   15.877  1.00 29.68 ? 101  ILE A CB  1 
ATOM   764 C CG1 . ILE A 1 103 ? -10.796 2.108   14.431  1.00 29.45 ? 101  ILE A CG1 1 
ATOM   765 C CG2 . ILE A 1 103 ? -12.805 2.161   15.918  1.00 28.79 ? 101  ILE A CG2 1 
ATOM   766 C CD1 . ILE A 1 103 ? -11.273 0.871   13.700  1.00 29.28 ? 101  ILE A CD1 1 
ATOM   767 N N   . ASP A 1 104 ? -10.687 3.059   18.911  1.00 27.59 ? 102  ASP A N   1 
ATOM   768 C CA  . ASP A 1 104 ? -11.165 3.154   20.284  1.00 32.47 ? 102  ASP A CA  1 
ATOM   769 C C   . ASP A 1 104 ? -11.072 4.600   20.748  1.00 32.70 ? 102  ASP A C   1 
ATOM   770 O O   . ASP A 1 104 ? -11.987 5.115   21.381  1.00 38.55 ? 102  ASP A O   1 
ATOM   771 C CB  . ASP A 1 104 ? -10.361 2.242   21.206  1.00 36.73 ? 102  ASP A CB  1 
ATOM   772 C CG  . ASP A 1 104 ? -11.182 1.721   22.366  1.00 52.61 ? 102  ASP A CG  1 
ATOM   773 O OD1 . ASP A 1 104 ? -12.198 2.361   22.710  1.00 52.26 ? 102  ASP A OD1 1 
ATOM   774 O OD2 . ASP A 1 104 ? -10.822 0.667   22.927  1.00 63.84 ? 102  ASP A OD2 1 
ATOM   775 N N   . LYS A 1 105 ? -9.961  5.252   20.417  1.00 34.43 ? 103  LYS A N   1 
ATOM   776 C CA  . LYS A 1 105 ? -9.798  6.660   20.748  1.00 33.92 ? 103  LYS A CA  1 
ATOM   777 C C   . LYS A 1 105 ? -10.892 7.480   20.084  1.00 37.18 ? 103  LYS A C   1 
ATOM   778 O O   . LYS A 1 105 ? -11.465 8.365   20.706  1.00 38.84 ? 103  LYS A O   1 
ATOM   779 C CB  . LYS A 1 105 ? -8.424  7.176   20.325  1.00 36.92 ? 103  LYS A CB  1 
ATOM   780 C CG  . LYS A 1 105 ? -7.282  6.695   21.190  1.00 45.97 ? 103  LYS A CG  1 
ATOM   781 C CD  . LYS A 1 105 ? -5.993  7.417   20.826  1.00 54.37 ? 103  LYS A CD  1 
ATOM   782 C CE  . LYS A 1 105 ? -4.780  6.641   21.304  1.00 59.90 ? 103  LYS A CE  1 
ATOM   783 N NZ  . LYS A 1 105 ? -4.942  6.199   22.714  1.00 63.88 ? 103  LYS A NZ  1 
ATOM   784 N N   . ALA A 1 106 ? -11.182 7.171   18.822  1.00 38.25 ? 104  ALA A N   1 
ATOM   785 C CA  . ALA A 1 106 ? -12.211 7.897   18.079  1.00 37.07 ? 104  ALA A CA  1 
ATOM   786 C C   . ALA A 1 106 ? -13.576 7.731   18.731  1.00 41.17 ? 104  ALA A C   1 
ATOM   787 O O   . ALA A 1 106 ? -14.373 8.665   18.773  1.00 44.96 ? 104  ALA A O   1 
ATOM   788 C CB  . ALA A 1 106 ? -12.254 7.430   16.633  1.00 35.21 ? 104  ALA A CB  1 
ATOM   789 N N   . ALA A 1 107 ? -13.842 6.533   19.242  1.00 37.61 ? 105  ALA A N   1 
ATOM   790 C CA  . ALA A 1 107 ? -15.113 6.251   19.887  1.00 38.17 ? 105  ALA A CA  1 
ATOM   791 C C   . ALA A 1 107 ? -15.247 7.091   21.148  1.00 40.56 ? 105  ALA A C   1 
ATOM   792 O O   . ALA A 1 107 ? -16.340 7.555   21.490  1.00 47.05 ? 105  ALA A O   1 
ATOM   793 C CB  . ALA A 1 107 ? -15.230 4.770   20.219  1.00 38.61 ? 105  ALA A CB  1 
ATOM   794 N N   . LYS A 1 108 ? -14.122 7.292   21.824  1.00 39.66 ? 106  LYS A N   1 
ATOM   795 C CA  . LYS A 1 108 ? -14.100 8.070   23.060  1.00 46.49 ? 106  LYS A CA  1 
ATOM   796 C C   . LYS A 1 108 ? -14.162 9.570   22.793  1.00 54.42 ? 106  LYS A C   1 
ATOM   797 O O   . LYS A 1 108 ? -14.659 10.337  23.621  1.00 56.56 ? 106  LYS A O   1 
ATOM   798 C CB  . LYS A 1 108 ? -12.848 7.738   23.871  1.00 47.41 ? 106  LYS A CB  1 
ATOM   799 C CG  . LYS A 1 108 ? -12.884 6.364   24.513  1.00 46.36 ? 106  LYS A CG  1 
ATOM   800 C CD  . LYS A 1 108 ? -11.545 6.010   25.130  1.00 49.19 ? 106  LYS A CD  1 
ATOM   801 C CE  . LYS A 1 108 ? -11.615 4.679   25.853  1.00 50.40 ? 106  LYS A CE  1 
ATOM   802 N NZ  . LYS A 1 108 ? -10.254 4.123   26.086  1.00 51.59 ? 106  LYS A NZ  1 
ATOM   803 N N   . GLY A 1 109 ? -13.659 9.981   21.633  1.00 56.55 ? 107  GLY A N   1 
ATOM   804 C CA  . GLY A 1 109 ? -13.643 11.384  21.263  1.00 61.89 ? 107  GLY A CA  1 
ATOM   805 C C   . GLY A 1 109 ? -12.689 12.196  22.117  1.00 66.50 ? 107  GLY A C   1 
ATOM   806 O O   . GLY A 1 109 ? -12.521 13.396  21.903  1.00 69.91 ? 107  GLY A O   1 
HETATM 807 O O   . HOH B 2 .   ? -4.129  13.063  -8.166  1.00 57.15 ? 2001 HOH A O   1 
HETATM 808 O O   . HOH B 2 .   ? -4.359  6.209   -18.780 1.00 50.40 ? 2002 HOH A O   1 
HETATM 809 O O   . HOH B 2 .   ? -6.654  4.089   -11.395 1.00 44.55 ? 2003 HOH A O   1 
HETATM 810 O O   . HOH B 2 .   ? -2.721  5.554   -7.721  1.00 31.58 ? 2004 HOH A O   1 
HETATM 811 O O   . HOH B 2 .   ? -6.745  7.632   -17.958 1.00 34.35 ? 2005 HOH A O   1 
HETATM 812 O O   . HOH B 2 .   ? -9.033  -4.568  -19.480 1.00 38.95 ? 2006 HOH A O   1 
HETATM 813 O O   . HOH B 2 .   ? -4.865  -7.795  -23.284 1.00 54.88 ? 2007 HOH A O   1 
HETATM 814 O O   . HOH B 2 .   ? -3.446  -9.418  -24.396 1.00 49.70 ? 2008 HOH A O   1 
HETATM 815 O O   . HOH B 2 .   ? 8.678   -3.094  -13.870 1.00 39.97 ? 2009 HOH A O   1 
HETATM 816 O O   . HOH B 2 .   ? 10.872  -1.020  5.931   1.00 53.00 ? 2010 HOH A O   1 
HETATM 817 O O   . HOH B 2 .   ? 10.438  10.412  0.111   1.00 54.02 ? 2011 HOH A O   1 
HETATM 818 O O   . HOH B 2 .   ? 9.706   -1.180  -12.709 1.00 41.02 ? 2012 HOH A O   1 
HETATM 819 O O   . HOH B 2 .   ? 11.121  -4.834  -8.608  1.00 55.89 ? 2013 HOH A O   1 
HETATM 820 O O   . HOH B 2 .   ? 10.262  -3.924  -10.568 1.00 56.54 ? 2014 HOH A O   1 
HETATM 821 O O   . HOH B 2 .   ? 11.489  5.658   -17.729 1.00 66.44 ? 2015 HOH A O   1 
HETATM 822 O O   . HOH B 2 .   ? 1.951   9.948   -6.371  1.00 22.22 ? 2016 HOH A O   1 
HETATM 823 O O   . HOH B 2 .   ? 10.053  13.553  -7.873  1.00 34.75 ? 2017 HOH A O   1 
HETATM 824 O O   . HOH B 2 .   ? 10.195  7.788   -11.977 1.00 32.67 ? 2018 HOH A O   1 
HETATM 825 O O   . HOH B 2 .   ? 0.545   14.463  -1.279  1.00 57.55 ? 2019 HOH A O   1 
HETATM 826 O O   . HOH B 2 .   ? -0.792  14.043  -5.227  1.00 38.12 ? 2020 HOH A O   1 
HETATM 827 O O   . HOH B 2 .   ? -1.490  11.391  0.648   1.00 35.62 ? 2021 HOH A O   1 
HETATM 828 O O   . HOH B 2 .   ? 1.440   12.785  3.121   1.00 53.59 ? 2022 HOH A O   1 
HETATM 829 O O   . HOH B 2 .   ? -2.921  7.980   -6.388  1.00 35.66 ? 2023 HOH A O   1 
HETATM 830 O O   . HOH B 2 .   ? 3.746   -11.164 -2.722  1.00 42.69 ? 2024 HOH A O   1 
HETATM 831 O O   . HOH B 2 .   ? -5.590  -6.865  -9.367  1.00 46.29 ? 2025 HOH A O   1 
HETATM 832 O O   . HOH B 2 .   ? 8.410   -12.019 -8.388  1.00 52.71 ? 2026 HOH A O   1 
HETATM 833 O O   . HOH B 2 .   ? 2.258   -12.493 -11.825 1.00 22.50 ? 2027 HOH A O   1 
HETATM 834 O O   . HOH B 2 .   ? 10.222  -8.086  -3.330  1.00 32.00 ? 2028 HOH A O   1 
HETATM 835 O O   . HOH B 2 .   ? 7.429   -8.276  -12.642 1.00 48.15 ? 2029 HOH A O   1 
HETATM 836 O O   . HOH B 2 .   ? 10.212  -10.372 -2.355  1.00 47.55 ? 2030 HOH A O   1 
HETATM 837 O O   . HOH B 2 .   ? 9.699   1.244   4.397   1.00 28.21 ? 2031 HOH A O   1 
HETATM 838 O O   . HOH B 2 .   ? 9.356   4.907   -5.352  1.00 20.79 ? 2032 HOH A O   1 
HETATM 839 O O   . HOH B 2 .   ? 10.126  3.490   -0.012  1.00 40.30 ? 2033 HOH A O   1 
HETATM 840 O O   . HOH B 2 .   ? 8.799   6.372   -1.110  1.00 43.43 ? 2034 HOH A O   1 
HETATM 841 O O   . HOH B 2 .   ? 9.472   7.880   0.538   1.00 62.07 ? 2035 HOH A O   1 
HETATM 842 O O   . HOH B 2 .   ? -0.582  6.438   6.282   1.00 28.40 ? 2036 HOH A O   1 
HETATM 843 O O   . HOH B 2 .   ? 6.375   7.736   11.288  1.00 44.12 ? 2037 HOH A O   1 
HETATM 844 O O   . HOH B 2 .   ? 6.575   5.273   11.670  1.00 51.92 ? 2038 HOH A O   1 
HETATM 845 O O   . HOH B 2 .   ? -7.435  7.217   10.382  1.00 43.48 ? 2039 HOH A O   1 
HETATM 846 O O   . HOH B 2 .   ? -1.112  -15.688 7.562   1.00 49.88 ? 2040 HOH A O   1 
HETATM 847 O O   . HOH B 2 .   ? 1.815   -16.217 2.203   1.00 35.34 ? 2041 HOH A O   1 
HETATM 848 O O   . HOH B 2 .   ? 5.082   -13.780 0.555   1.00 44.90 ? 2042 HOH A O   1 
HETATM 849 O O   . HOH B 2 .   ? 6.954   0.944   9.726   1.00 61.40 ? 2043 HOH A O   1 
HETATM 850 O O   . HOH B 2 .   ? -7.171  3.118   23.134  1.00 53.38 ? 2044 HOH A O   1 
HETATM 851 O O   . HOH B 2 .   ? -2.607  4.587   20.109  1.00 55.94 ? 2045 HOH A O   1 
# 
loop_
_atom_site_anisotrop.id 
_atom_site_anisotrop.type_symbol 
_atom_site_anisotrop.pdbx_label_atom_id 
_atom_site_anisotrop.pdbx_label_alt_id 
_atom_site_anisotrop.pdbx_label_comp_id 
_atom_site_anisotrop.pdbx_label_asym_id 
_atom_site_anisotrop.pdbx_label_seq_id 
_atom_site_anisotrop.pdbx_PDB_ins_code 
_atom_site_anisotrop.U[1][1] 
_atom_site_anisotrop.U[2][2] 
_atom_site_anisotrop.U[3][3] 
_atom_site_anisotrop.U[1][2] 
_atom_site_anisotrop.U[1][3] 
_atom_site_anisotrop.U[2][3] 
_atom_site_anisotrop.pdbx_auth_seq_id 
_atom_site_anisotrop.pdbx_auth_comp_id 
_atom_site_anisotrop.pdbx_auth_asym_id 
_atom_site_anisotrop.pdbx_auth_atom_id 
1   N N   . ASN A 3   ? 0.7715 0.6574 0.7909 0.1404  0.1014  0.0790  1   ASN A N   
2   C CA  . ASN A 3   ? 0.6632 0.5417 0.6923 0.1166  0.0924  0.0632  1   ASN A CA  
3   C C   . ASN A 3   ? 0.5664 0.4822 0.6274 0.0918  0.0788  0.0550  1   ASN A C   
4   O O   . ASN A 3   ? 0.4466 0.4133 0.5317 0.0926  0.0711  0.0521  1   ASN A O   
5   C CB  . ASN A 3   ? 0.6372 0.5382 0.6702 0.1295  0.0914  0.0593  1   ASN A CB  
6   C CG  . ASN A 3   ? 0.6746 0.5546 0.7077 0.1099  0.0856  0.0452  1   ASN A CG  
7   O OD1 . ASN A 3   ? 0.5038 0.3892 0.5535 0.0843  0.0759  0.0363  1   ASN A OD1 
8   N ND2 . ASN A 3   ? 0.8220 0.6806 0.8353 0.1240  0.0921  0.0440  1   ASN A ND2 
9   N N   . SER A 4   ? 0.4638 0.3538 0.5219 0.0697  0.0766  0.0517  2   SER A N   
10  C CA  . SER A 4   ? 0.4165 0.3408 0.5010 0.0507  0.0657  0.0458  2   SER A CA  
11  C C   . SER A 4   ? 0.3034 0.2496 0.4063 0.0398  0.0557  0.0333  2   SER A C   
12  O O   . SER A 4   ? 0.2998 0.2831 0.4242 0.0349  0.0476  0.0291  2   SER A O   
13  C CB  . SER A 4   ? 0.5766 0.4746 0.6528 0.0299  0.0664  0.0470  2   SER A CB  
14  O OG  . SER A 4   ? 0.6322 0.5215 0.6976 0.0374  0.0738  0.0597  2   SER A OG  
15  N N   . ILE A 5   ? 0.2780 0.1984 0.3695 0.0364  0.0566  0.0272  3   ILE A N   
16  C CA  . ILE A 5   ? 0.2289 0.1692 0.3361 0.0278  0.0481  0.0172  3   ILE A CA  
17  C C   . ILE A 5   ? 0.2438 0.2238 0.3652 0.0409  0.0454  0.0177  3   ILE A C   
18  O O   . ILE A 5   ? 0.2414 0.2489 0.3806 0.0325  0.0372  0.0117  3   ILE A O   
19  C CB  . ILE A 5   ? 0.3727 0.2800 0.4632 0.0233  0.0504  0.0112  3   ILE A CB  
20  C CG1 . ILE A 5   ? 0.3816 0.2576 0.4599 0.0021  0.0504  0.0081  3   ILE A CG1 
21  C CG2 . ILE A 5   ? 0.3367 0.2683 0.4430 0.0189  0.0427  0.0032  3   ILE A CG2 
22  C CD1 . ILE A 5   ? 0.4470 0.2838 0.5016 -0.0033 0.0542  0.0019  3   ILE A CD1 
23  N N   . LYS A 6   ? 0.2953 0.2780 0.4061 0.0614  0.0529  0.0258  4   LYS A N   
24  C CA  . LYS A 6   ? 0.2517 0.2801 0.3745 0.0723  0.0507  0.0282  4   LYS A CA  
25  C C   . LYS A 6   ? 0.1968 0.2611 0.3368 0.0663  0.0446  0.0281  4   LYS A C   
26  O O   . LYS A 6   ? 0.2097 0.3043 0.3635 0.0574  0.0371  0.0220  4   LYS A O   
27  C CB  . LYS A 6   ? 0.3376 0.3678 0.4443 0.0988  0.0612  0.0397  4   LYS A CB  
28  C CG  . LYS A 6   ? 0.3768 0.4655 0.4959 0.1097  0.0593  0.0449  4   LYS A CG  
29  C CD  . LYS A 6   ? 0.4856 0.5813 0.5879 0.1404  0.0711  0.0593  4   LYS A CD  
30  C CE  . LYS A 6   ? 0.6439 0.7115 0.7312 0.1522  0.0794  0.0692  4   LYS A CE  
31  N NZ  . LYS A 6   ? 0.6454 0.7464 0.7502 0.1429  0.0733  0.0703  4   LYS A NZ  
32  N N   . THR A 7   ? 0.1862 0.2435 0.3221 0.0703  0.0485  0.0348  5   THR A N   
33  C CA  . THR A 7   ? 0.1692 0.2596 0.3181 0.0670  0.0439  0.0353  5   THR A CA  
34  C C   . THR A 7   ? 0.1944 0.2880 0.3560 0.0477  0.0348  0.0239  5   THR A C   
35  O O   . THR A 7   ? 0.1937 0.3165 0.3649 0.0429  0.0289  0.0186  5   THR A O   
36  C CB  . THR A 7   ? 0.2698 0.3492 0.4104 0.0749  0.0505  0.0458  5   THR A CB  
37  O OG1 . THR A 7   ? 0.3335 0.4086 0.4588 0.0973  0.0604  0.0581  5   THR A OG1 
38  C CG2 . THR A 7   ? 0.3184 0.4349 0.4717 0.0726  0.0459  0.0458  5   THR A CG2 
39  N N   . LEU A 8   ? 0.1811 0.2445 0.3399 0.0370  0.0341  0.0204  6   LEU A N   
40  C CA  . LEU A 8   ? 0.1418 0.2094 0.3108 0.0231  0.0268  0.0116  6   LEU A CA  
41  C C   . LEU A 8   ? 0.1492 0.2257 0.3233 0.0183  0.0214  0.0033  6   LEU A C   
42  O O   . LEU A 8   ? 0.1848 0.2733 0.3649 0.0123  0.0160  -0.0032 6   LEU A O   
43  C CB  . LEU A 8   ? 0.1836 0.2249 0.3483 0.0122  0.0272  0.0110  6   LEU A CB  
44  C CG  . LEU A 8   ? 0.2065 0.2429 0.3675 0.0096  0.0308  0.0185  6   LEU A CG  
45  C CD1 . LEU A 8   ? 0.2681 0.2782 0.4202 -0.0046 0.0320  0.0185  6   LEU A CD1 
46  C CD2 . LEU A 8   ? 0.2047 0.2695 0.3777 0.0083  0.0264  0.0171  6   LEU A CD2 
47  N N   . SER A 9   ? 0.1480 0.2158 0.3170 0.0214  0.0234  0.0036  7   SER A N   
48  C CA  . SER A 9   ? 0.1322 0.2097 0.3053 0.0156  0.0187  -0.0028 7   SER A CA  
49  C C   . SER A 9   ? 0.1577 0.2684 0.3352 0.0160  0.0161  -0.0033 7   SER A C   
50  O O   . SER A 9   ? 0.1672 0.2844 0.3471 0.0051  0.0107  -0.0104 7   SER A O   
51  C CB  . SER A 9   ? 0.2282 0.2937 0.3941 0.0203  0.0222  -0.0013 7   SER A CB  
52  O OG  . SER A 9   ? 0.2828 0.3173 0.4426 0.0148  0.0233  -0.0034 7   SER A OG  
53  N N   . ASN A 10  ? 0.1204 0.2513 0.2960 0.0278  0.0204  0.0044  8   ASN A N   
54  C CA  . ASN A 10  ? 0.1095 0.2802 0.2885 0.0263  0.0176  0.0045  8   ASN A CA  
55  C C   . ASN A 10  ? 0.1213 0.2951 0.3026 0.0160  0.0127  -0.0028 8   ASN A C   
56  O O   . ASN A 10  ? 0.1648 0.3537 0.3449 0.0039  0.0076  -0.0099 8   ASN A O   
57  C CB  . ASN A 10  ? 0.1205 0.3167 0.2969 0.0443  0.0239  0.0164  8   ASN A CB  
58  C CG  . ASN A 10  ? 0.1683 0.3703 0.3392 0.0579  0.0294  0.0239  8   ASN A CG  
59  O OD1 . ASN A 10  ? 0.1970 0.3938 0.3683 0.0512  0.0273  0.0194  8   ASN A OD1 
60  N ND2 . ASN A 10  ? 0.1847 0.3980 0.3486 0.0794  0.0374  0.0363  8   ASN A ND2 
61  N N   . LEU A 11  ? 0.1079 0.2670 0.2894 0.0205  0.0147  -0.0008 9   LEU A N   
62  C CA  . LEU A 11  ? 0.1088 0.2708 0.2906 0.0150  0.0114  -0.0069 9   LEU A CA  
63  C C   . LEU A 11  ? 0.1400 0.2820 0.3192 0.0033  0.0066  -0.0175 9   LEU A C   
64  O O   . LEU A 11  ? 0.1659 0.3114 0.3392 -0.0037 0.0033  -0.0255 9   LEU A O   
65  C CB  . LEU A 11  ? 0.1326 0.2846 0.3156 0.0219  0.0150  -0.0009 9   LEU A CB  
66  C CG  . LEU A 11  ? 0.2132 0.3701 0.3962 0.0195  0.0124  -0.0061 9   LEU A CG  
67  C CD1 . LEU A 11  ? 0.2476 0.4339 0.4275 0.0198  0.0108  -0.0088 9   LEU A CD1 
68  C CD2 . LEU A 11  ? 0.2601 0.4121 0.4455 0.0248  0.0163  0.0021  9   LEU A CD2 
69  N N   . ALA A 12  ? 0.1295 0.2482 0.3101 0.0019  0.0070  -0.0174 10  ALA A N   
70  C CA  . ALA A 12  ? 0.1398 0.2396 0.3170 -0.0060 0.0035  -0.0250 10  ALA A CA  
71  C C   . ALA A 12  ? 0.1761 0.2800 0.3471 -0.0162 0.0004  -0.0310 10  ALA A C   
72  O O   . ALA A 12  ? 0.1907 0.2816 0.3521 -0.0234 -0.0020 -0.0386 10  ALA A O   
73  C CB  . ALA A 12  ? 0.1558 0.2368 0.3358 -0.0060 0.0043  -0.0226 10  ALA A CB  
74  N N   . ASN A 13  ? 0.1517 0.2727 0.3258 -0.0171 0.0010  -0.0269 11  ASN A N   
75  C CA  . ASN A 13  ? 0.2286 0.3613 0.3973 -0.0302 -0.0021 -0.0309 11  ASN A CA  
76  C C   . ASN A 13  ? 0.2137 0.3608 0.3740 -0.0394 -0.0046 -0.0370 11  ASN A C   
77  O O   . ASN A 13  ? 0.2136 0.3474 0.3612 -0.0546 -0.0076 -0.0453 11  ASN A O   
78  C CB  . ASN A 13  ? 0.2872 0.4471 0.4614 -0.0262 -0.0002 -0.0233 11  ASN A CB  
79  C CG  . ASN A 13  ? 0.4676 0.6466 0.6375 -0.0425 -0.0037 -0.0259 11  ASN A CG  
80  O OD1 . ASN A 13  ? 0.4501 0.6077 0.6115 -0.0576 -0.0069 -0.0332 11  ASN A OD1 
81  N ND2 . ASN A 13  ? 0.5125 0.7330 0.6863 -0.0394 -0.0024 -0.0187 11  ASN A ND2 
82  N N   . LEU A 14  ? 0.1490 0.3203 0.3131 -0.0308 -0.0031 -0.0331 12  LEU A N   
83  C CA  . LEU A 14  ? 0.1524 0.3421 0.3077 -0.0394 -0.0055 -0.0391 12  LEU A CA  
84  C C   . LEU A 14  ? 0.2316 0.3878 0.3736 -0.0432 -0.0065 -0.0495 12  LEU A C   
85  O O   . LEU A 14  ? 0.2881 0.4389 0.4133 -0.0579 -0.0091 -0.0595 12  LEU A O   
86  C CB  . LEU A 14  ? 0.1729 0.3971 0.3357 -0.0261 -0.0028 -0.0307 12  LEU A CB  
87  C CG  . LEU A 14  ? 0.2835 0.5426 0.4546 -0.0190 -0.0005 -0.0195 12  LEU A CG  
88  C CD1 . LEU A 14  ? 0.3766 0.6625 0.5530 -0.0005 0.0041  -0.0083 12  LEU A CD1 
89  C CD2 . LEU A 14  ? 0.3773 0.6700 0.5434 -0.0371 -0.0048 -0.0229 12  LEU A CD2 
90  N N   . LEU A 15  ? 0.1692 0.3031 0.3160 -0.0299 -0.0040 -0.0471 13  LEU A N   
91  C CA  . LEU A 15  ? 0.1666 0.2721 0.3005 -0.0279 -0.0037 -0.0549 13  LEU A CA  
92  C C   . LEU A 15  ? 0.2087 0.2796 0.3268 -0.0385 -0.0049 -0.0625 13  LEU A C   
93  O O   . LEU A 15  ? 0.2565 0.3041 0.3529 -0.0438 -0.0049 -0.0722 13  LEU A O   
94  C CB  . LEU A 15  ? 0.1443 0.2432 0.2884 -0.0121 -0.0007 -0.0483 13  LEU A CB  
95  C CG  . LEU A 15  ? 0.1486 0.2738 0.3019 -0.0024 0.0014  -0.0416 13  LEU A CG  
96  C CD1 . LEU A 15  ? 0.1351 0.2568 0.3001 0.0069  0.0041  -0.0326 13  LEU A CD1 
97  C CD2 . LEU A 15  ? 0.2249 0.3523 0.3652 0.0000  0.0015  -0.0490 13  LEU A CD2 
98  N N   . ALA A 16  ? 0.1939 0.2588 0.3201 -0.0410 -0.0053 -0.0579 14  ALA A N   
99  C CA  . ALA A 16  ? 0.2157 0.2473 0.3272 -0.0503 -0.0058 -0.0626 14  ALA A CA  
100 C C   . ALA A 16  ? 0.3513 0.3821 0.4455 -0.0721 -0.0084 -0.0701 14  ALA A C   
101 O O   . ALA A 16  ? 0.3445 0.3387 0.4134 -0.0809 -0.0078 -0.0786 14  ALA A O   
102 C CB  . ALA A 16  ? 0.2261 0.2572 0.3509 -0.0484 -0.0059 -0.0554 14  ALA A CB  
103 N N   . GLN A 17  ? 0.2908 0.3621 0.3956 -0.0809 -0.0107 -0.0666 15  GLN A N   
104 C CA  . GLN A 17  ? 0.3311 0.4147 0.4212 -0.1055 -0.0139 -0.0724 15  GLN A CA  
105 C C   . GLN A 17  ? 0.3203 0.3831 0.3844 -0.1153 -0.0142 -0.0847 15  GLN A C   
106 O O   . GLN A 17  ? 0.3985 0.4444 0.4384 -0.1396 -0.0160 -0.0932 15  GLN A O   
107 C CB  . GLN A 17  ? 0.2037 0.3473 0.3105 -0.1077 -0.0157 -0.0650 15  GLN A CB  
108 C CG  . GLN A 17  ? 0.2704 0.4347 0.3940 -0.1035 -0.0151 -0.0547 15  GLN A CG  
109 C CD  . GLN A 17  ? 0.2628 0.4864 0.4002 -0.0983 -0.0149 -0.0457 15  GLN A CD  
110 O OE1 . GLN A 17  ? 0.2945 0.5456 0.4291 -0.1008 -0.0160 -0.0473 15  GLN A OE1 
111 N NE2 . GLN A 17  ? 0.4161 0.6605 0.5667 -0.0890 -0.0130 -0.0357 15  GLN A NE2 
112 N N   . GLU A 18  ? 0.2909 0.3544 0.3578 -0.0976 -0.0121 -0.0856 16  GLU A N   
113 C CA  . GLU A 18  ? 0.3730 0.4206 0.4154 -0.1025 -0.0118 -0.0974 16  GLU A CA  
114 C C   . GLU A 18  ? 0.3784 0.3726 0.4018 -0.0874 -0.0072 -0.1028 16  GLU A C   
115 O O   . GLU A 18  ? 0.4075 0.3906 0.4143 -0.0809 -0.0053 -0.1104 16  GLU A O   
116 C CB  . GLU A 18  ? 0.4146 0.5082 0.4713 -0.0925 -0.0123 -0.0939 16  GLU A CB  
117 C CG  . GLU A 18  ? 0.4705 0.6218 0.5425 -0.1033 -0.0157 -0.0873 16  GLU A CG  
118 C CD  . GLU A 18  ? 0.5533 0.7127 0.6031 -0.1350 -0.0198 -0.0970 16  GLU A CD  
119 O OE1 . GLU A 18  ? 0.5764 0.7047 0.5963 -0.1480 -0.0201 -0.1110 16  GLU A OE1 
120 O OE2 . GLU A 18  ? 0.6018 0.7991 0.6619 -0.1477 -0.0226 -0.0905 16  GLU A OE2 
121 N N   . GLY A 19  ? 0.4366 0.4013 0.4618 -0.0799 -0.0052 -0.0983 17  GLY A N   
122 C CA  . GLY A 19  ? 0.5018 0.4175 0.5056 -0.0645 -0.0001 -0.1020 17  GLY A CA  
123 C C   . GLY A 19  ? 0.4633 0.3918 0.4798 -0.0373 0.0030  -0.0970 17  GLY A C   
124 O O   . GLY A 19  ? 0.4673 0.3662 0.4612 -0.0233 0.0076  -0.1022 17  GLY A O   
125 N N   . LYS A 20  ? 0.3061 0.2783 0.3561 -0.0297 0.0012  -0.0866 18  LYS A N   
126 C CA  . LYS A 20  ? 0.2975 0.2840 0.3619 -0.0073 0.0038  -0.0792 18  LYS A CA  
127 C C   . LYS A 20  ? 0.2663 0.2616 0.3537 -0.0020 0.0034  -0.0682 18  LYS A C   
128 O O   . LYS A 20  ? 0.2350 0.2603 0.3454 0.0024  0.0028  -0.0596 18  LYS A O   
129 C CB  . LYS A 20  ? 0.2959 0.3227 0.3747 -0.0041 0.0029  -0.0764 18  LYS A CB  
130 C CG  . LYS A 20  ? 0.4576 0.4827 0.5139 -0.0108 0.0027  -0.0879 18  LYS A CG  
131 C CD  . LYS A 20  ? 0.5321 0.5839 0.5927 -0.0314 -0.0017 -0.0897 18  LYS A CD  
132 C CE  . LYS A 20  ? 0.5599 0.6231 0.6016 -0.0396 -0.0027 -0.1000 18  LYS A CE  
133 N NZ  . LYS A 20  ? 0.5983 0.6164 0.6013 -0.0545 -0.0023 -0.1159 18  LYS A NZ  
134 N N   . ALA A 21  ? 0.2622 0.2286 0.3402 -0.0033 0.0042  -0.0683 19  ALA A N   
135 C CA  . ALA A 21  ? 0.2471 0.2238 0.3453 -0.0023 0.0031  -0.0592 19  ALA A CA  
136 C C   . ALA A 21  ? 0.2354 0.2250 0.3454 0.0148  0.0051  -0.0511 19  ALA A C   
137 O O   . ALA A 21  ? 0.2502 0.2557 0.3784 0.0134  0.0038  -0.0438 19  ALA A O   
138 C CB  . ALA A 21  ? 0.3384 0.2853 0.4237 -0.0107 0.0029  -0.0610 19  ALA A CB  
139 N N   . GLU A 22  ? 0.3054 0.2908 0.4038 0.0302  0.0086  -0.0520 20  GLU A N   
140 C CA  . GLU A 22  ? 0.3334 0.3445 0.4452 0.0445  0.0102  -0.0427 20  GLU A CA  
141 C C   . GLU A 22  ? 0.2882 0.3339 0.4227 0.0381  0.0081  -0.0373 20  GLU A C   
142 O O   . GLU A 22  ? 0.2441 0.3092 0.3949 0.0363  0.0074  -0.0291 20  GLU A O   
143 C CB  . GLU A 22  ? 0.3882 0.3939 0.4820 0.0648  0.0151  -0.0441 20  GLU A CB  
144 N N   . GLU A 23  ? 0.2645 0.3161 0.3971 0.0337  0.0077  -0.0417 21  GLU A N   
145 C CA  . GLU A 23  ? 0.2286 0.3073 0.3784 0.0288  0.0068  -0.0358 21  GLU A CA  
146 C C   . GLU A 23  ? 0.1897 0.2672 0.3509 0.0171  0.0048  -0.0325 21  GLU A C   
147 O O   . GLU A 23  ? 0.2012 0.2914 0.3748 0.0151  0.0055  -0.0248 21  GLU A O   
148 C CB  . GLU A 23  ? 0.2283 0.3158 0.3719 0.0277  0.0069  -0.0407 21  GLU A CB  
149 C CG  . GLU A 23  ? 0.2935 0.3845 0.4248 0.0406  0.0096  -0.0439 21  GLU A CG  
150 N N   . ALA A 24  ? 0.1657 0.2266 0.3198 0.0090  0.0030  -0.0384 22  ALA A N   
151 C CA  . ALA A 24  ? 0.1263 0.1877 0.2890 0.0005  0.0017  -0.0354 22  ALA A CA  
152 C C   . ALA A 24  ? 0.1262 0.1846 0.2968 0.0014  0.0020  -0.0298 22  ALA A C   
153 O O   . ALA A 24  ? 0.1404 0.2032 0.3191 -0.0022 0.0026  -0.0252 22  ALA A O   
154 C CB  . ALA A 24  ? 0.1570 0.2041 0.3098 -0.0093 -0.0003 -0.0418 22  ALA A CB  
155 N N   . ILE A 25  ? 0.1266 0.1764 0.2922 0.0066  0.0021  -0.0304 23  ILE A N   
156 C CA  . ILE A 25  ? 0.1267 0.1806 0.2992 0.0062  0.0018  -0.0249 23  ILE A CA  
157 C C   . ILE A 25  ? 0.1115 0.1860 0.2940 0.0052  0.0028  -0.0182 23  ILE A C   
158 O O   . ILE A 25  ? 0.1370 0.2131 0.3246 -0.0029 0.0024  -0.0148 23  ILE A O   
159 C CB  . ILE A 25  ? 0.1949 0.2419 0.3588 0.0159  0.0025  -0.0246 23  ILE A CB  
160 C CG1 . ILE A 25  ? 0.1849 0.2052 0.3372 0.0125  0.0019  -0.0295 23  ILE A CG1 
161 C CG2 . ILE A 25  ? 0.2016 0.2668 0.3742 0.0161  0.0020  -0.0174 23  ILE A CG2 
162 C CD1 . ILE A 25  ? 0.2238 0.2257 0.3591 0.0254  0.0046  -0.0296 23  ILE A CD1 
163 N N   . LYS A 26  ? 0.1359 0.2240 0.3183 0.0118  0.0042  -0.0166 24  LYS A N   
164 C CA  . LYS A 26  ? 0.1436 0.2517 0.3340 0.0085  0.0056  -0.0090 24  LYS A CA  
165 C C   . LYS A 26  ? 0.1496 0.2492 0.3423 -0.0008 0.0067  -0.0069 24  LYS A C   
166 O O   . LYS A 26  ? 0.1347 0.2343 0.3291 -0.0101 0.0076  -0.0019 24  LYS A O   
167 C CB  . LYS A 26  ? 0.1733 0.2993 0.3627 0.0181  0.0074  -0.0073 24  LYS A CB  
168 C CG  . LYS A 26  ? 0.2933 0.4426 0.4904 0.0128  0.0090  0.0021  24  LYS A CG  
169 C CD  . LYS A 26  ? 0.4096 0.5774 0.6060 0.0222  0.0111  0.0042  24  LYS A CD  
170 C CE  . LYS A 26  ? 0.5269 0.6855 0.7217 0.0209  0.0122  0.0025  24  LYS A CE  
171 N NZ  . LYS A 26  ? 0.6048 0.7850 0.7989 0.0293  0.0142  0.0053  24  LYS A NZ  
172 N N   . TYR A 27  ? 0.1350 0.2270 0.3250 0.0016  0.0072  -0.0103 25  TYR A N   
173 C CA  . TYR A 27  ? 0.1051 0.1899 0.2945 -0.0016 0.0098  -0.0066 25  TYR A CA  
174 C C   . TYR A 27  ? 0.1171 0.1840 0.3040 -0.0077 0.0096  -0.0079 25  TYR A C   
175 O O   . TYR A 27  ? 0.1623 0.2172 0.3448 -0.0110 0.0129  -0.0037 25  TYR A O   
176 C CB  . TYR A 27  ? 0.1185 0.2102 0.3061 0.0043  0.0105  -0.0083 25  TYR A CB  
177 C CG  . TYR A 27  ? 0.1346 0.2443 0.3233 0.0100  0.0114  -0.0060 25  TYR A CG  
178 C CD1 . TYR A 27  ? 0.2517 0.3680 0.4423 0.0105  0.0148  0.0029  25  TYR A CD1 
179 C CD2 . TYR A 27  ? 0.2795 0.3970 0.4643 0.0137  0.0092  -0.0131 25  TYR A CD2 
180 C CE1 . TYR A 27  ? 0.3097 0.4459 0.5015 0.0161  0.0158  0.0057  25  TYR A CE1 
181 C CE2 . TYR A 27  ? 0.3325 0.4668 0.5162 0.0199  0.0103  -0.0120 25  TYR A CE2 
182 C CZ  . TYR A 27  ? 0.3255 0.4722 0.5144 0.0218  0.0135  -0.0021 25  TYR A CZ  
183 O OH  . TYR A 27  ? 0.3584 0.5254 0.5467 0.0286  0.0147  -0.0002 25  TYR A OH  
184 N N   . MET A 28  ? 0.1210 0.1829 0.3077 -0.0088 0.0065  -0.0135 26  MET A N   
185 C CA  . MET A 28  ? 0.1520 0.2002 0.3362 -0.0145 0.0064  -0.0145 26  MET A CA  
186 C C   . MET A 28  ? 0.1542 0.2008 0.3379 -0.0226 0.0063  -0.0118 26  MET A C   
187 O O   . MET A 28  ? 0.1790 0.2108 0.3565 -0.0290 0.0080  -0.0116 26  MET A O   
188 C CB  . MET A 28  ? 0.1551 0.1997 0.3387 -0.0147 0.0032  -0.0197 26  MET A CB  
189 C CG  . MET A 28  ? 0.2114 0.2569 0.3929 -0.0134 0.0032  -0.0222 26  MET A CG  
190 S SD  . MET A 28  ? 0.2157 0.2609 0.3949 -0.0099 0.0075  -0.0179 26  MET A SD  
191 C CE  . MET A 28  ? 0.1799 0.2077 0.3547 -0.0145 0.0081  -0.0187 26  MET A CE  
192 N N   . ARG A 29  ? 0.1291 0.1925 0.3173 -0.0229 0.0047  -0.0097 27  ARG A N   
193 C CA  A ARG A 29  ? 0.1441 0.2164 0.3324 -0.0337 0.0040  -0.0059 27  ARG A CA  
194 C CA  B ARG A 29  ? 0.1441 0.2162 0.3323 -0.0337 0.0041  -0.0059 27  ARG A CA  
195 C C   . ARG A 29  ? 0.1742 0.2369 0.3564 -0.0431 0.0077  -0.0017 27  ARG A C   
196 O O   . ARG A 29  ? 0.1615 0.2132 0.3357 -0.0570 0.0085  -0.0013 27  ARG A O   
197 C CB  A ARG A 29  ? 0.1535 0.2548 0.3480 -0.0290 0.0024  -0.0022 27  ARG A CB  
198 C CB  B ARG A 29  ? 0.1541 0.2553 0.3487 -0.0290 0.0024  -0.0023 27  ARG A CB  
199 C CG  A ARG A 29  ? 0.1584 0.2643 0.3534 -0.0197 0.0001  -0.0045 27  ARG A CG  
200 C CG  B ARG A 29  ? 0.1548 0.2596 0.3497 -0.0196 0.0001  -0.0048 27  ARG A CG  
201 C CD  A ARG A 29  ? 0.1765 0.3138 0.3749 -0.0116 -0.0001 0.0014  27  ARG A CD  
202 C CD  B ARG A 29  ? 0.1657 0.3009 0.3638 -0.0112 0.0000  0.0009  27  ARG A CD  
203 N NE  A ARG A 29  ? 0.2035 0.3383 0.3972 0.0046  0.0001  0.0003  27  ARG A NE  
204 N NE  B ARG A 29  ? 0.2208 0.3829 0.4232 -0.0249 -0.0012 0.0073  27  ARG A NE  
205 C CZ  A ARG A 29  ? 0.2060 0.3427 0.3981 0.0061  -0.0011 0.0014  27  ARG A CZ  
206 C CZ  B ARG A 29  ? 0.2591 0.4316 0.4614 -0.0344 -0.0035 0.0084  27  ARG A CZ  
207 N NH1 A ARG A 29  ? 0.2764 0.4203 0.4720 -0.0093 -0.0035 0.0024  27  ARG A NH1 
208 N NH1 B ARG A 29  ? 0.2667 0.4244 0.4660 -0.0291 -0.0047 0.0045  27  ARG A NH1 
209 N NH2 A ARG A 29  ? 0.1809 0.3091 0.3645 0.0228  0.0005  0.0016  27  ARG A NH2 
210 N NH2 B ARG A 29  ? 0.2641 0.4635 0.4681 -0.0512 -0.0048 0.0137  27  ARG A NH2 
211 N N   . LYS A 30  ? 0.1755 0.2401 0.3586 -0.0360 0.0104  0.0015  28  LYS A N   
212 C CA  . LYS A 30  ? 0.1446 0.1948 0.3188 -0.0425 0.0152  0.0071  28  LYS A CA  
213 C C   . LYS A 30  ? 0.1620 0.1776 0.3225 -0.0428 0.0191  0.0050  28  LYS A C   
214 O O   . LYS A 30  ? 0.1943 0.1856 0.3398 -0.0544 0.0230  0.0073  28  LYS A O   
215 C CB  . LYS A 30  ? 0.1542 0.2160 0.3323 -0.0315 0.0176  0.0117  28  LYS A CB  
216 C CG  . LYS A 30  ? 0.2196 0.3141 0.4071 -0.0304 0.0154  0.0150  28  LYS A CG  
217 C CD  . LYS A 30  ? 0.2444 0.3505 0.4343 -0.0187 0.0177  0.0183  28  LYS A CD  
218 C CE  . LYS A 30  ? 0.3271 0.4659 0.5238 -0.0168 0.0168  0.0227  28  LYS A CE  
219 N NZ  . LYS A 30  ? 0.3198 0.4664 0.5146 -0.0323 0.0189  0.0322  28  LYS A NZ  
220 N N   . ALA A 31  ? 0.1771 0.1898 0.3399 -0.0309 0.0187  0.0007  29  ALA A N   
221 C CA  . ALA A 31  ? 0.2181 0.2043 0.3681 -0.0270 0.0228  -0.0007 29  ALA A CA  
222 C C   . ALA A 31  ? 0.2198 0.1876 0.3598 -0.0404 0.0221  -0.0051 29  ALA A C   
223 O O   . ALA A 31  ? 0.2473 0.1828 0.3678 -0.0436 0.0277  -0.0048 29  ALA A O   
224 C CB  . ALA A 31  ? 0.1796 0.1777 0.3364 -0.0147 0.0210  -0.0040 29  ALA A CB  
225 N N   . VAL A 32  ? 0.1778 0.1644 0.3281 -0.0476 0.0159  -0.0089 30  VAL A N   
226 C CA  . VAL A 32  ? 0.2313 0.2083 0.3728 -0.0623 0.0145  -0.0127 30  VAL A CA  
227 C C   . VAL A 32  ? 0.2256 0.1908 0.3539 -0.0809 0.0168  -0.0099 30  VAL A C   
228 O O   . VAL A 32  ? 0.2543 0.1898 0.3625 -0.0925 0.0198  -0.0133 30  VAL A O   
229 C CB  . VAL A 32  ? 0.1589 0.1650 0.3143 -0.0644 0.0077  -0.0147 30  VAL A CB  
230 C CG1 . VAL A 32  ? 0.2289 0.2352 0.3761 -0.0820 0.0057  -0.0173 30  VAL A CG1 
231 C CG2 . VAL A 32  ? 0.1851 0.1927 0.3468 -0.0515 0.0061  -0.0181 30  VAL A CG2 
232 N N   . SER A 33  ? 0.2026 0.1892 0.3392 -0.0851 0.0159  -0.0037 31  SER A N   
233 C CA  . SER A 33  ? 0.2258 0.2053 0.3494 -0.1071 0.0178  0.0000  31  SER A CA  
234 C C   . SER A 33  ? 0.2653 0.1937 0.3625 -0.1100 0.0263  0.0010  31  SER A C   
235 O O   . SER A 33  ? 0.3226 0.2253 0.3979 -0.1320 0.0290  0.0003  31  SER A O   
236 C CB  . SER A 33  ? 0.2984 0.3133 0.4357 -0.1087 0.0163  0.0083  31  SER A CB  
237 O OG  . SER A 33  ? 0.3076 0.3667 0.4647 -0.1023 0.0102  0.0083  31  SER A OG  
238 N N   . LEU A 34  ? 0.2773 0.1909 0.3738 -0.0879 0.0311  0.0031  32  LEU A N   
239 C CA  . LEU A 34  ? 0.3042 0.1684 0.3731 -0.0838 0.0407  0.0061  32  LEU A CA  
240 C C   . LEU A 34  ? 0.3371 0.1594 0.3805 -0.0887 0.0443  -0.0017 32  LEU A C   
241 O O   . LEU A 34  ? 0.3865 0.1585 0.3978 -0.0949 0.0527  -0.0007 32  LEU A O   
242 C CB  . LEU A 34  ? 0.2930 0.1601 0.3677 -0.0559 0.0450  0.0112  32  LEU A CB  
243 C CG  . LEU A 34  ? 0.3988 0.3021 0.4936 -0.0484 0.0428  0.0183  32  LEU A CG  
244 C CD1 . LEU A 34  ? 0.4110 0.3158 0.5062 -0.0229 0.0477  0.0232  32  LEU A CD1 
245 C CD2 . LEU A 34  ? 0.4205 0.3169 0.5066 -0.0646 0.0457  0.0259  32  LEU A CD2 
246 N N   . ASP A 35  ? 0.3309 0.1707 0.3857 -0.0850 0.0389  -0.0092 33  ASP A N   
247 C CA  . ASP A 35  ? 0.3669 0.1735 0.3989 -0.0901 0.0414  -0.0176 33  ASP A CA  
248 C C   . ASP A 35  ? 0.3099 0.1526 0.3616 -0.0953 0.0322  -0.0239 33  ASP A C   
249 O O   . ASP A 35  ? 0.2949 0.1533 0.3597 -0.0781 0.0304  -0.0256 33  ASP A O   
250 C CB  . ASP A 35  ? 0.3796 0.1557 0.3956 -0.0641 0.0499  -0.0170 33  ASP A CB  
251 C CG  . ASP A 35  ? 0.5602 0.3027 0.5509 -0.0658 0.0532  -0.0261 33  ASP A CG  
252 O OD1 . ASP A 35  ? 0.5162 0.2567 0.4974 -0.0883 0.0478  -0.0323 33  ASP A OD1 
253 O OD2 . ASP A 35  ? 0.7047 0.4331 0.6855 -0.0419 0.0594  -0.0257 33  ASP A OD2 
254 N N   . PRO A 36  ? 0.3440 0.2041 0.3972 -0.1194 0.0265  -0.0261 34  PRO A N   
255 C CA  . PRO A 36  ? 0.3017 0.2038 0.3758 -0.1219 0.0178  -0.0289 34  PRO A CA  
256 C C   . PRO A 36  ? 0.3386 0.2276 0.4022 -0.1182 0.0174  -0.0367 34  PRO A C   
257 O O   . PRO A 36  ? 0.3898 0.3105 0.4711 -0.1162 0.0117  -0.0381 34  PRO A O   
258 C CB  . PRO A 36  ? 0.3385 0.2672 0.4116 -0.1420 0.0111  -0.0253 34  PRO A CB  
259 C CG  . PRO A 36  ? 0.4428 0.3525 0.5040 -0.1498 0.0157  -0.0198 34  PRO A CG  
260 C CD  . PRO A 36  ? 0.3766 0.2318 0.4149 -0.1387 0.0250  -0.0219 34  PRO A CD  
261 N N   . ASN A 37  ? 0.4078 0.2507 0.4419 -0.1155 0.0240  -0.0408 35  ASN A N   
262 C CA  . ASN A 37  ? 0.4528 0.2819 0.4745 -0.1114 0.0251  -0.0486 35  ASN A CA  
263 C C   . ASN A 37  ? 0.4663 0.2903 0.4943 -0.0848 0.0301  -0.0480 35  ASN A C   
264 O O   . ASN A 37  ? 0.4693 0.2848 0.4876 -0.0773 0.0318  -0.0531 35  ASN A O   
265 C CB  . ASN A 37  ? 0.5479 0.3347 0.5314 -0.1202 0.0288  -0.0535 35  ASN A CB  
266 C CG  . ASN A 37  ? 0.6709 0.4771 0.6509 -0.1449 0.0219  -0.0545 35  ASN A CG  
267 O OD1 . ASN A 37  ? 0.6566 0.5087 0.6595 -0.1522 0.0138  -0.0529 35  ASN A OD1 
268 N ND2 . ASN A 37  ? 0.8141 0.5860 0.7639 -0.1569 0.0261  -0.0565 35  ASN A ND2 
269 N N   . ASN A 38  ? 0.3960 0.2333 0.4404 -0.0694 0.0313  -0.0402 36  ASN A N   
270 C CA  . ASN A 38  ? 0.3495 0.1949 0.4012 -0.0446 0.0342  -0.0370 36  ASN A CA  
271 C C   . ASN A 38  ? 0.3197 0.2057 0.3970 -0.0422 0.0264  -0.0375 36  ASN A C   
272 O O   . ASN A 38  ? 0.2775 0.1929 0.3773 -0.0447 0.0205  -0.0343 36  ASN A O   
273 C CB  . ASN A 38  ? 0.3227 0.1728 0.3820 -0.0319 0.0374  -0.0287 36  ASN A CB  
274 C CG  . ASN A 38  ? 0.3426 0.2027 0.4046 -0.0073 0.0417  -0.0242 36  ASN A CG  
275 O OD1 . ASN A 38  ? 0.3287 0.2162 0.4049 -0.0022 0.0377  -0.0253 36  ASN A OD1 
276 N ND2 . ASN A 38  ? 0.4085 0.2491 0.4557 0.0077  0.0503  -0.0179 36  ASN A ND2 
277 N N   . ILE A 39  ? 0.3025 0.1871 0.3733 -0.0369 0.0272  -0.0413 37  ILE A N   
278 C CA  . ILE A 39  ? 0.2264 0.1438 0.3166 -0.0366 0.0205  -0.0412 37  ILE A CA  
279 C C   . ILE A 39  ? 0.2246 0.1685 0.3348 -0.0253 0.0188  -0.0352 37  ILE A C   
280 O O   . ILE A 39  ? 0.2352 0.2027 0.3625 -0.0294 0.0128  -0.0339 37  ILE A O   
281 C CB  . ILE A 39  ? 0.2936 0.2037 0.3700 -0.0315 0.0232  -0.0455 37  ILE A CB  
282 C CG1 . ILE A 39  ? 0.4893 0.3705 0.5413 -0.0454 0.0249  -0.0535 37  ILE A CG1 
283 C CG2 . ILE A 39  ? 0.3383 0.2808 0.4330 -0.0328 0.0168  -0.0441 37  ILE A CG2 
284 C CD1 . ILE A 39  ? 0.4968 0.3961 0.5594 -0.0659 0.0172  -0.0550 37  ILE A CD1 
285 N N   . LYS A 40  ? 0.2690 0.2080 0.3741 -0.0113 0.0246  -0.0313 38  LYS A N   
286 C CA  . LYS A 40  ? 0.2228 0.1906 0.3445 -0.0035 0.0227  -0.0261 38  LYS A CA  
287 C C   . LYS A 40  ? 0.2194 0.1967 0.3551 -0.0109 0.0181  -0.0247 38  LYS A C   
288 O O   . LYS A 40  ? 0.1981 0.1960 0.3475 -0.0141 0.0131  -0.0242 38  LYS A O   
289 C CB  . LYS A 40  ? 0.2772 0.2455 0.3898 0.0150  0.0303  -0.0206 38  LYS A CB  
290 C CG  . LYS A 40  ? 0.3518 0.3557 0.4807 0.0196  0.0278  -0.0151 38  LYS A CG  
291 C CD  . LYS A 40  ? 0.5021 0.5367 0.6368 0.0227  0.0265  -0.0131 38  LYS A CD  
292 C CE  . LYS A 40  ? 0.5726 0.6157 0.7185 0.0063  0.0187  -0.0171 38  LYS A CE  
293 N NZ  . LYS A 40  ? 0.6387 0.7102 0.7880 0.0066  0.0180  -0.0141 38  LYS A NZ  
294 N N   . THR A 41  ? 0.2063 0.1667 0.3356 -0.0143 0.0204  -0.0242 39  THR A N   
295 C CA  . THR A 41  ? 0.1660 0.1390 0.3081 -0.0198 0.0164  -0.0224 39  THR A CA  
296 C C   . THR A 41  ? 0.1586 0.1441 0.3107 -0.0300 0.0100  -0.0251 39  THR A C   
297 O O   . THR A 41  ? 0.1720 0.1734 0.3354 -0.0292 0.0063  -0.0242 39  THR A O   
298 C CB  . THR A 41  ? 0.1927 0.1479 0.3255 -0.0239 0.0201  -0.0201 39  THR A CB  
299 O OG1 . THR A 41  ? 0.2596 0.1937 0.3762 -0.0122 0.0282  -0.0169 39  THR A OG1 
300 C CG2 . THR A 41  ? 0.1974 0.1714 0.3434 -0.0239 0.0176  -0.0167 39  THR A CG2 
301 N N   . LEU A 42  ? 0.1565 0.1338 0.3016 -0.0386 0.0090  -0.0281 40  LEU A N   
302 C CA  . LEU A 42  ? 0.1552 0.1484 0.3085 -0.0455 0.0035  -0.0288 40  LEU A CA  
303 C C   . LEU A 42  ? 0.1870 0.1915 0.3484 -0.0394 0.0010  -0.0282 40  LEU A C   
304 O O   . LEU A 42  ? 0.1667 0.1820 0.3354 -0.0386 -0.0021 -0.0263 40  LEU A O   
305 C CB  . LEU A 42  ? 0.1659 0.1526 0.3088 -0.0562 0.0031  -0.0323 40  LEU A CB  
306 C CG  . LEU A 42  ? 0.2118 0.1899 0.3448 -0.0697 0.0042  -0.0331 40  LEU A CG  
307 C CD1 . LEU A 42  ? 0.2425 0.2093 0.3594 -0.0822 0.0043  -0.0388 40  LEU A CD1 
308 C CD2 . LEU A 42  ? 0.2285 0.2346 0.3745 -0.0752 0.0000  -0.0286 40  LEU A CD2 
309 N N   . SER A 43  ? 0.1642 0.1652 0.3217 -0.0350 0.0029  -0.0291 41  SER A N   
310 C CA  . SER A 43  ? 0.1467 0.1579 0.3095 -0.0333 0.0007  -0.0279 41  SER A CA  
311 C C   . SER A 43  ? 0.1549 0.1726 0.3235 -0.0312 -0.0001 -0.0265 41  SER A C   
312 O O   . SER A 43  ? 0.1460 0.1651 0.3163 -0.0337 -0.0027 -0.0260 41  SER A O   
313 C CB  . SER A 43  ? 0.1985 0.2116 0.3558 -0.0294 0.0036  -0.0279 41  SER A CB  
314 O OG  . SER A 43  ? 0.2439 0.2484 0.3925 -0.0317 0.0044  -0.0307 41  SER A OG  
315 N N   . ASN A 44  ? 0.1710 0.1899 0.3395 -0.0266 0.0025  -0.0257 42  ASN A N   
316 C CA  . ASN A 44  ? 0.1675 0.1952 0.3400 -0.0258 0.0015  -0.0253 42  ASN A CA  
317 C C   . ASN A 44  ? 0.1552 0.1789 0.3299 -0.0272 -0.0008 -0.0262 42  ASN A C   
318 O O   . ASN A 44  ? 0.1686 0.1916 0.3415 -0.0290 -0.0025 -0.0278 42  ASN A O   
319 C CB  . ASN A 44  ? 0.1881 0.2219 0.3598 -0.0186 0.0052  -0.0228 42  ASN A CB  
320 C CG  . ASN A 44  ? 0.2596 0.3061 0.4285 -0.0131 0.0081  -0.0201 42  ASN A CG  
321 O OD1 . ASN A 44  ? 0.2824 0.3383 0.4520 -0.0176 0.0062  -0.0205 42  ASN A OD1 
322 N ND2 . ASN A 44  ? 0.2558 0.3043 0.4202 -0.0020 0.0133  -0.0162 42  ASN A ND2 
323 N N   . LEU A 45  ? 0.1322 0.1530 0.3079 -0.0270 -0.0005 -0.0253 43  LEU A N   
324 C CA  . LEU A 45  ? 0.1198 0.1441 0.2976 -0.0254 -0.0020 -0.0246 43  LEU A CA  
325 C C   . LEU A 45  ? 0.1675 0.1884 0.3426 -0.0247 -0.0039 -0.0244 43  LEU A C   
326 O O   . LEU A 45  ? 0.1435 0.1603 0.3148 -0.0198 -0.0041 -0.0245 43  LEU A O   
327 C CB  . LEU A 45  ? 0.1460 0.1756 0.3256 -0.0283 -0.0014 -0.0221 43  LEU A CB  
328 C CG  . LEU A 45  ? 0.1543 0.1977 0.3371 -0.0254 -0.0028 -0.0193 43  LEU A CG  
329 C CD1 . LEU A 45  ? 0.1629 0.2082 0.3459 -0.0171 -0.0020 -0.0196 43  LEU A CD1 
330 C CD2 . LEU A 45  ? 0.1656 0.2209 0.3499 -0.0334 -0.0026 -0.0162 43  LEU A CD2 
331 N N   . ALA A 46  ? 0.1538 0.1740 0.3282 -0.0284 -0.0047 -0.0239 44  ALA A N   
332 C CA  . ALA A 46  ? 0.1604 0.1775 0.3310 -0.0268 -0.0059 -0.0219 44  ALA A CA  
333 C C   . ALA A 46  ? 0.1329 0.1358 0.2963 -0.0269 -0.0055 -0.0231 44  ALA A C   
334 O O   . ALA A 46  ? 0.1552 0.1466 0.3103 -0.0220 -0.0048 -0.0215 44  ALA A O   
335 C CB  . ALA A 46  ? 0.1684 0.1893 0.3388 -0.0316 -0.0066 -0.0214 44  ALA A CB  
336 N N   . ASN A 47  ? 0.1395 0.1432 0.3033 -0.0330 -0.0054 -0.0254 45  ASN A N   
337 C CA  . ASN A 47  ? 0.1936 0.1876 0.3489 -0.0392 -0.0057 -0.0269 45  ASN A CA  
338 C C   . ASN A 47  ? 0.1671 0.1500 0.3149 -0.0369 -0.0050 -0.0300 45  ASN A C   
339 O O   . ASN A 47  ? 0.2016 0.1632 0.3348 -0.0399 -0.0043 -0.0313 45  ASN A O   
340 C CB  . ASN A 47  ? 0.2195 0.2288 0.3786 -0.0460 -0.0058 -0.0273 45  ASN A CB  
341 C CG  . ASN A 47  ? 0.3890 0.4059 0.5503 -0.0478 -0.0056 -0.0245 45  ASN A CG  
342 O OD1 . ASN A 47  ? 0.4682 0.4763 0.6258 -0.0486 -0.0062 -0.0224 45  ASN A OD1 
343 N ND2 . ASN A 47  ? 0.4225 0.4566 0.5881 -0.0460 -0.0042 -0.0237 45  ASN A ND2 
344 N N   . LEU A 48  ? 0.1765 0.1704 0.3311 -0.0319 -0.0046 -0.0311 46  LEU A N   
345 C CA  . LEU A 48  ? 0.1647 0.1515 0.3122 -0.0279 -0.0038 -0.0343 46  LEU A CA  
346 C C   . LEU A 48  ? 0.2016 0.1734 0.3401 -0.0171 -0.0021 -0.0326 46  LEU A C   
347 O O   . LEU A 48  ? 0.1964 0.1461 0.3180 -0.0144 -0.0003 -0.0358 46  LEU A O   
348 C CB  . LEU A 48  ? 0.1571 0.1626 0.3149 -0.0238 -0.0034 -0.0339 46  LEU A CB  
349 C CG  . LEU A 48  ? 0.1462 0.1504 0.2986 -0.0179 -0.0023 -0.0365 46  LEU A CG  
350 C CD1 . LEU A 48  ? 0.2261 0.2185 0.3640 -0.0258 -0.0028 -0.0430 46  LEU A CD1 
351 C CD2 . LEU A 48  ? 0.1833 0.2080 0.3471 -0.0151 -0.0017 -0.0339 46  LEU A CD2 
352 N N   . LEU A 49  ? 0.1529 0.1369 0.3003 -0.0107 -0.0022 -0.0275 47  LEU A N   
353 C CA  . LEU A 49  ? 0.1656 0.1456 0.3059 0.0025  -0.0002 -0.0232 47  LEU A CA  
354 C C   . LEU A 49  ? 0.1919 0.1426 0.3140 0.0041  0.0018  -0.0227 47  LEU A C   
355 O O   . LEU A 49  ? 0.2178 0.1477 0.3225 0.0160  0.0054  -0.0220 47  LEU A O   
356 C CB  . LEU A 49  ? 0.1509 0.1566 0.3037 0.0046  -0.0014 -0.0172 47  LEU A CB  
357 C CG  . LEU A 49  ? 0.1342 0.1642 0.2992 0.0031  -0.0023 -0.0164 47  LEU A CG  
358 C CD1 . LEU A 49  ? 0.1380 0.1899 0.3121 -0.0035 -0.0041 -0.0125 47  LEU A CD1 
359 C CD2 . LEU A 49  ? 0.2017 0.2398 0.3629 0.0165  0.0001  -0.0141 47  LEU A CD2 
360 N N   . ALA A 50  ? 0.2284 0.1754 0.3523 -0.0072 0.0001  -0.0222 48  ALA A N   
361 C CA  . ALA A 50  ? 0.2340 0.1524 0.3399 -0.0084 0.0022  -0.0199 48  ALA A CA  
362 C C   . ALA A 50  ? 0.2829 0.1671 0.3665 -0.0145 0.0044  -0.0261 48  ALA A C   
363 O O   . ALA A 50  ? 0.2923 0.1404 0.3513 -0.0080 0.0087  -0.0248 48  ALA A O   
364 C CB  . ALA A 50  ? 0.2339 0.1613 0.3475 -0.0213 -0.0003 -0.0182 48  ALA A CB  
365 N N   . GLN A 51  ? 0.2744 0.1692 0.3639 -0.0272 0.0019  -0.0326 49  GLN A N   
366 C CA  . GLN A 51  ? 0.2653 0.1339 0.3336 -0.0379 0.0029  -0.0399 49  GLN A CA  
367 C C   . GLN A 51  ? 0.2922 0.1355 0.3414 -0.0222 0.0073  -0.0430 49  GLN A C   
368 O O   . GLN A 51  ? 0.3353 0.1371 0.3542 -0.0263 0.0106  -0.0482 49  GLN A O   
369 C CB  . GLN A 51  ? 0.2960 0.1941 0.3783 -0.0510 -0.0008 -0.0446 49  GLN A CB  
370 C CG  . GLN A 51  ? 0.4913 0.3778 0.5577 -0.0576 -0.0004 -0.0530 49  GLN A CG  
371 C CD  . GLN A 51  ? 0.4760 0.4014 0.5594 -0.0662 -0.0038 -0.0548 49  GLN A CD  
372 O OE1 . GLN A 51  ? 0.4776 0.4298 0.5758 -0.0743 -0.0061 -0.0509 49  GLN A OE1 
373 N NE2 . GLN A 51  ? 0.3441 0.2753 0.4250 -0.0620 -0.0035 -0.0596 49  GLN A NE2 
374 N N   . GLU A 52  ? 0.2708 0.1382 0.3349 -0.0048 0.0076  -0.0396 50  GLU A N   
375 C CA  . GLU A 52  ? 0.2923 0.1460 0.3411 0.0136  0.0121  -0.0412 50  GLU A CA  
376 C C   . GLU A 52  ? 0.3142 0.1528 0.3501 0.0359  0.0172  -0.0331 50  GLU A C   
377 O O   . GLU A 52  ? 0.3449 0.1824 0.3713 0.0568  0.0216  -0.0316 50  GLU A O   
378 C CB  . GLU A 52  ? 0.2686 0.1623 0.3398 0.0195  0.0099  -0.0407 50  GLU A CB  
379 C CG  . GLU A 52  ? 0.2780 0.1858 0.3580 0.0025  0.0062  -0.0475 50  GLU A CG  
380 C CD  . GLU A 52  ? 0.3393 0.2148 0.3917 -0.0062 0.0077  -0.0573 50  GLU A CD  
381 O OE1 . GLU A 52  ? 0.3436 0.1922 0.3729 0.0075  0.0125  -0.0604 50  GLU A OE1 
382 O OE2 . GLU A 52  ? 0.3493 0.2278 0.4013 -0.0267 0.0046  -0.0620 50  GLU A OE2 
383 N N   . GLY A 53  ? 0.3190 0.1489 0.3534 0.0334  0.0175  -0.0270 51  GLY A N   
384 C CA  . GLY A 53  ? 0.3733 0.1851 0.3903 0.0557  0.0234  -0.0180 51  GLY A CA  
385 C C   . GLY A 53  ? 0.3793 0.2400 0.4197 0.0718  0.0223  -0.0076 51  GLY A C   
386 O O   . GLY A 53  ? 0.4404 0.2989 0.4692 0.0943  0.0273  0.0020  51  GLY A O   
387 N N   . LYS A 54  ? 0.2748 0.1796 0.3456 0.0600  0.0161  -0.0089 52  LYS A N   
388 C CA  . LYS A 54  ? 0.2455 0.1984 0.3375 0.0679  0.0140  -0.0004 52  LYS A CA  
389 C C   . LYS A 54  ? 0.2521 0.2175 0.3559 0.0557  0.0103  0.0031  52  LYS A C   
390 O O   . LYS A 54  ? 0.2302 0.2219 0.3543 0.0404  0.0054  0.0007  52  LYS A O   
391 C CB  . LYS A 54  ? 0.2418 0.2284 0.3540 0.0607  0.0105  -0.0037 52  LYS A CB  
392 C CG  . LYS A 54  ? 0.3684 0.3449 0.4680 0.0740  0.0145  -0.0070 52  LYS A CG  
393 C CD  . LYS A 54  ? 0.4466 0.4505 0.5640 0.0647  0.0113  -0.0104 52  LYS A CD  
394 C CE  . LYS A 54  ? 0.5826 0.5801 0.6867 0.0796  0.0154  -0.0131 52  LYS A CE  
395 N NZ  . LYS A 54  ? 0.6815 0.6274 0.7568 0.0820  0.0191  -0.0216 52  LYS A NZ  
396 N N   . ALA A 55  ? 0.2783 0.2204 0.3658 0.0631  0.0137  0.0086  53  ALA A N   
397 C CA  . ALA A 55  ? 0.2977 0.2443 0.3920 0.0509  0.0107  0.0111  53  ALA A CA  
398 C C   . ALA A 55  ? 0.2494 0.2452 0.3636 0.0513  0.0071  0.0171  53  ALA A C   
399 O O   . ALA A 55  ? 0.2301 0.2408 0.3581 0.0344  0.0026  0.0139  53  ALA A O   
400 C CB  . ALA A 55  ? 0.3949 0.3033 0.4641 0.0600  0.0161  0.0174  53  ALA A CB  
401 N N   . GLU A 56  ? 0.2839 0.3058 0.3971 0.0706  0.0095  0.0259  54  GLU A N   
402 C CA  . GLU A 56  ? 0.2564 0.3318 0.3865 0.0689  0.0059  0.0322  54  GLU A CA  
403 C C   . GLU A 56  ? 0.2289 0.3268 0.3780 0.0471  0.0002  0.0239  54  GLU A C   
404 O O   . GLU A 56  ? 0.2121 0.3289 0.3711 0.0311  -0.0041 0.0220  54  GLU A O   
405 C CB  . GLU A 56  ? 0.2993 0.4069 0.4254 0.0939  0.0098  0.0439  54  GLU A CB  
406 C CG  . GLU A 56  ? 0.4460 0.5349 0.5505 0.1198  0.0167  0.0553  54  GLU A CG  
407 N N   . GLU A 57  ? 0.2265 0.3184 0.3775 0.0469  0.0009  0.0190  55  GLU A N   
408 C CA  A GLU A 57  ? 0.2102 0.3175 0.3753 0.0282  -0.0030 0.0126  55  GLU A CA  
409 C CA  B GLU A 57  ? 0.2158 0.3224 0.3809 0.0281  -0.0030 0.0125  55  GLU A CA  
410 C C   . GLU A 57  ? 0.1892 0.2704 0.3560 0.0108  -0.0051 0.0038  55  GLU A C   
411 O O   . GLU A 57  ? 0.1728 0.2651 0.3473 -0.0046 -0.0080 0.0003  55  GLU A O   
412 C CB  A GLU A 57  ? 0.2254 0.3329 0.3910 0.0340  -0.0012 0.0108  55  GLU A CB  
413 C CB  B GLU A 57  ? 0.2327 0.3368 0.3977 0.0337  -0.0010 0.0102  55  GLU A CB  
414 C CG  A GLU A 57  ? 0.2033 0.3298 0.3816 0.0168  -0.0041 0.0076  55  GLU A CG  
415 C CG  B GLU A 57  ? 0.2401 0.3740 0.4032 0.0532  0.0019  0.0192  55  GLU A CG  
416 C CD  A GLU A 57  ? 0.2682 0.4094 0.4486 0.0246  -0.0022 0.0096  55  GLU A CD  
417 C CD  B GLU A 57  ? 0.3401 0.4607 0.4970 0.0636  0.0052  0.0161  55  GLU A CD  
418 O OE1 A GLU A 57  ? 0.3473 0.4804 0.5178 0.0446  0.0016  0.0118  55  GLU A OE1 
419 O OE1 B GLU A 57  ? 0.3537 0.4655 0.5171 0.0497  0.0032  0.0089  55  GLU A OE1 
420 O OE2 A GLU A 57  ? 0.2556 0.4139 0.4447 0.0110  -0.0039 0.0091  55  GLU A OE2 
421 O OE2 B GLU A 57  ? 0.3191 0.4373 0.4628 0.0873  0.0103  0.0212  55  GLU A OE2 
422 N N   . ALA A 58  ? 0.1510 0.1974 0.3080 0.0131  -0.0033 0.0004  56  ALA A N   
423 C CA  . ALA A 58  ? 0.1633 0.1933 0.3221 -0.0013 -0.0049 -0.0060 56  ALA A CA  
424 C C   . ALA A 58  ? 0.2070 0.2493 0.3694 -0.0088 -0.0071 -0.0045 56  ALA A C   
425 O O   . ALA A 58  ? 0.1720 0.2165 0.3391 -0.0203 -0.0086 -0.0092 56  ALA A O   
426 C CB  . ALA A 58  ? 0.1770 0.1740 0.3229 -0.0006 -0.0028 -0.0082 56  ALA A CB  
427 N N   . ILE A 59  ? 0.1665 0.2154 0.3239 -0.0001 -0.0063 0.0027  57  ILE A N   
428 C CA  . ILE A 59  ? 0.1492 0.2121 0.3085 -0.0064 -0.0083 0.0045  57  ILE A CA  
429 C C   . ILE A 59  ? 0.1781 0.2710 0.3458 -0.0166 -0.0115 0.0023  57  ILE A C   
430 O O   . ILE A 59  ? 0.1876 0.2815 0.3557 -0.0287 -0.0131 -0.0027 57  ILE A O   
431 C CB  . ILE A 59  ? 0.1603 0.2267 0.3113 0.0073  -0.0064 0.0147  57  ILE A CB  
432 C CG1 . ILE A 59  ? 0.1957 0.2230 0.3333 0.0103  -0.0031 0.0156  57  ILE A CG1 
433 C CG2 . ILE A 59  ? 0.2437 0.3376 0.3984 0.0017  -0.0090 0.0176  57  ILE A CG2 
434 C CD1 . ILE A 59  ? 0.3083 0.3222 0.4299 0.0290  0.0017  0.0262  57  ILE A CD1 
435 N N   . LYS A 60  ? 0.1690 0.2851 0.3408 -0.0127 -0.0118 0.0059  58  LYS A N   
436 C CA  . LYS A 60  ? 0.1714 0.3148 0.3484 -0.0275 -0.0147 0.0037  58  LYS A CA  
437 C C   . LYS A 60  ? 0.1779 0.2983 0.3538 -0.0427 -0.0148 -0.0063 58  LYS A C   
438 O O   . LYS A 60  ? 0.1934 0.3162 0.3652 -0.0576 -0.0162 -0.0112 58  LYS A O   
439 C CB  . LYS A 60  ? 0.1700 0.3433 0.3518 -0.0217 -0.0144 0.0099  58  LYS A CB  
440 C CG  . LYS A 60  ? 0.3072 0.5096 0.4924 -0.0419 -0.0175 0.0083  58  LYS A CG  
441 C CD  . LYS A 60  ? 0.4223 0.6597 0.6135 -0.0367 -0.0171 0.0159  58  LYS A CD  
442 C CE  . LYS A 60  ? 0.4578 0.6705 0.6505 -0.0322 -0.0144 0.0126  58  LYS A CE  
443 N NZ  . LYS A 60  ? 0.4402 0.6884 0.6380 -0.0225 -0.0133 0.0210  58  LYS A NZ  
444 N N   . TYR A 61  ? 0.1710 0.2680 0.3476 -0.0378 -0.0126 -0.0090 59  TYR A N   
445 C CA  . TYR A 61  ? 0.1373 0.2146 0.3117 -0.0474 -0.0114 -0.0160 59  TYR A CA  
446 C C   . TYR A 61  ? 0.1746 0.2340 0.3432 -0.0506 -0.0107 -0.0207 59  TYR A C   
447 O O   . TYR A 61  ? 0.2280 0.2761 0.3897 -0.0593 -0.0094 -0.0258 59  TYR A O   
448 C CB  . TYR A 61  ? 0.1600 0.2240 0.3371 -0.0402 -0.0092 -0.0165 59  TYR A CB  
449 C CG  . TYR A 61  ? 0.1417 0.2209 0.3226 -0.0427 -0.0091 -0.0140 59  TYR A CG  
450 C CD1 . TYR A 61  ? 0.2077 0.2794 0.3854 -0.0541 -0.0079 -0.0167 59  TYR A CD1 
451 C CD2 . TYR A 61  ? 0.1289 0.2294 0.3138 -0.0327 -0.0093 -0.0081 59  TYR A CD2 
452 C CE1 . TYR A 61  ? 0.1974 0.2841 0.3777 -0.0590 -0.0076 -0.0133 59  TYR A CE1 
453 C CE2 . TYR A 61  ? 0.1448 0.2653 0.3337 -0.0352 -0.0091 -0.0047 59  TYR A CE2 
454 C CZ  . TYR A 61  ? 0.1742 0.2888 0.3618 -0.0500 -0.0086 -0.0072 59  TYR A CZ  
455 O OH  . TYR A 61  ? 0.1525 0.2884 0.3435 -0.0546 -0.0083 -0.0026 59  TYR A OH  
456 N N   . MET A 62  ? 0.1549 0.2102 0.3237 -0.0432 -0.0107 -0.0184 60  MET A N   
457 C CA  . MET A 62  ? 0.1811 0.2258 0.3453 -0.0454 -0.0100 -0.0214 60  MET A CA  
458 C C   . MET A 62  ? 0.1697 0.2254 0.3286 -0.0528 -0.0114 -0.0230 60  MET A C   
459 O O   . MET A 62  ? 0.2478 0.2938 0.3990 -0.0572 -0.0100 -0.0283 60  MET A O   
460 C CB  . MET A 62  ? 0.1989 0.2369 0.3630 -0.0392 -0.0096 -0.0176 60  MET A CB  
461 C CG  . MET A 62  ? 0.2655 0.2971 0.4268 -0.0416 -0.0082 -0.0197 60  MET A CG  
462 S SD  . MET A 62  ? 0.2669 0.2906 0.4289 -0.0410 -0.0057 -0.0239 60  MET A SD  
463 C CE  . MET A 62  ? 0.4701 0.4949 0.6251 -0.0409 -0.0032 -0.0268 60  MET A CE  
464 N N   . ARG A 63  ? 0.1580 0.2359 0.3194 -0.0528 -0.0139 -0.0181 61  ARG A N   
465 C CA  . ARG A 63  ? 0.1534 0.2489 0.3094 -0.0625 -0.0161 -0.0199 61  ARG A CA  
466 C C   . ARG A 63  ? 0.2483 0.3364 0.3957 -0.0777 -0.0158 -0.0278 61  ARG A C   
467 O O   . ARG A 63  ? 0.2588 0.3412 0.3940 -0.0876 -0.0157 -0.0342 61  ARG A O   
468 C CB  . ARG A 63  ? 0.1928 0.3226 0.3536 -0.0588 -0.0186 -0.0113 61  ARG A CB  
469 C CG  . ARG A 63  ? 0.2730 0.4061 0.4346 -0.0446 -0.0179 -0.0027 61  ARG A CG  
470 C CD  . ARG A 63  ? 0.3189 0.4908 0.4823 -0.0390 -0.0197 0.0068  61  ARG A CD  
471 N N   . LYS A 64  ? 0.2004 0.2859 0.3511 -0.0802 -0.0151 -0.0274 62  LYS A N   
472 C CA  . LYS A 64  ? 0.2157 0.2876 0.3547 -0.0961 -0.0139 -0.0339 62  LYS A CA  
473 C C   . LYS A 64  ? 0.2361 0.2697 0.3617 -0.0938 -0.0093 -0.0411 62  LYS A C   
474 O O   . LYS A 64  ? 0.2874 0.3026 0.3942 -0.1054 -0.0073 -0.0484 62  LYS A O   
475 C CB  . LYS A 64  ? 0.2222 0.2987 0.3675 -0.0974 -0.0135 -0.0302 62  LYS A CB  
476 C CG  . LYS A 64  ? 0.2611 0.3181 0.3910 -0.1159 -0.0114 -0.0357 62  LYS A CG  
477 C CD  . LYS A 64  ? 0.3252 0.3952 0.4410 -0.1331 -0.0147 -0.0372 62  LYS A CD  
478 C CE  . LYS A 64  ? 0.3584 0.4750 0.4854 -0.1354 -0.0189 -0.0287 62  LYS A CE  
479 N NZ  . LYS A 64  ? 0.4098 0.5265 0.5388 -0.1384 -0.0175 -0.0246 62  LYS A NZ  
480 N N   . ALA A 65  ? 0.2405 0.2633 0.3735 -0.0785 -0.0069 -0.0387 63  ALA A N   
481 C CA  . ALA A 65  ? 0.2183 0.2140 0.3403 -0.0718 -0.0019 -0.0430 63  ALA A CA  
482 C C   . ALA A 65  ? 0.2876 0.2800 0.3975 -0.0732 -0.0012 -0.0476 63  ALA A C   
483 O O   . ALA A 65  ? 0.2738 0.2406 0.3642 -0.0736 0.0036  -0.0538 63  ALA A O   
484 C CB  . ALA A 65  ? 0.2186 0.2163 0.3523 -0.0577 -0.0008 -0.0385 63  ALA A CB  
485 N N   . VAL A 66  ? 0.2437 0.2601 0.3627 -0.0726 -0.0052 -0.0442 64  VAL A N   
486 C CA  . VAL A 66  ? 0.2074 0.2261 0.3157 -0.0746 -0.0051 -0.0481 64  VAL A CA  
487 C C   . VAL A 66  ? 0.2971 0.3100 0.3870 -0.0914 -0.0058 -0.0560 64  VAL A C   
488 O O   . VAL A 66  ? 0.3521 0.3449 0.4214 -0.0935 -0.0023 -0.0639 64  VAL A O   
489 C CB  . VAL A 66  ? 0.2156 0.2621 0.3363 -0.0707 -0.0091 -0.0409 64  VAL A CB  
490 C CG1 . VAL A 66  ? 0.2902 0.3441 0.3997 -0.0742 -0.0094 -0.0445 64  VAL A CG1 
491 C CG2 . VAL A 66  ? 0.2360 0.2817 0.3679 -0.0588 -0.0080 -0.0345 64  VAL A CG2 
492 N N   . SER A 67  ? 0.2958 0.3277 0.3911 -0.1039 -0.0099 -0.0540 65  SER A N   
493 C CA  . SER A 67  ? 0.2973 0.3299 0.3743 -0.1254 -0.0115 -0.0613 65  SER A CA  
494 C C   . SER A 67  ? 0.2889 0.2738 0.3389 -0.1337 -0.0054 -0.0713 65  SER A C   
495 O O   . SER A 67  ? 0.3919 0.3602 0.4162 -0.1497 -0.0044 -0.0810 65  SER A O   
496 C CB  . SER A 67  ? 0.3427 0.4112 0.4318 -0.1375 -0.0166 -0.0553 65  SER A CB  
497 O OG  . SER A 67  ? 0.3995 0.5109 0.5055 -0.1294 -0.0211 -0.0465 65  SER A OG  
498 N N   . LEU A 68  ? 0.3234 0.2839 0.3759 -0.1225 -0.0009 -0.0687 66  LEU A N   
499 C CA  . LEU A 68  ? 0.3391 0.2502 0.3638 -0.1264 0.0065  -0.0756 66  LEU A CA  
500 C C   . LEU A 68  ? 0.4224 0.3009 0.4264 -0.1103 0.0137  -0.0811 66  LEU A C   
501 O O   . LEU A 68  ? 0.5434 0.3748 0.5150 -0.1125 0.0211  -0.0883 66  LEU A O   
502 C CB  . LEU A 68  ? 0.3860 0.2885 0.4210 -0.1189 0.0090  -0.0689 66  LEU A CB  
503 C CG  . LEU A 68  ? 0.4147 0.3439 0.4630 -0.1325 0.0034  -0.0626 66  LEU A CG  
504 C CD1 . LEU A 68  ? 0.4375 0.3592 0.4972 -0.1226 0.0066  -0.0565 66  LEU A CD1 
505 C CD2 . LEU A 68  ? 0.4365 0.3561 0.4612 -0.1514 0.0018  -0.0647 66  LEU A CD2 
506 N N   . ASP A 69  ? 0.3487 0.2512 0.3690 -0.0936 0.0123  -0.0770 67  ASP A N   
507 C CA  . ASP A 69  ? 0.3964 0.2812 0.3987 -0.0787 0.0184  -0.0814 67  ASP A CA  
508 C C   . ASP A 69  ? 0.3645 0.2893 0.3864 -0.0730 0.0133  -0.0770 67  ASP A C   
509 O O   . ASP A 69  ? 0.2951 0.2390 0.3364 -0.0579 0.0132  -0.0688 67  ASP A O   
510 C CB  . ASP A 69  ? 0.4792 0.3433 0.4773 -0.0560 0.0264  -0.0772 67  ASP A CB  
511 C CG  . ASP A 69  ? 0.5378 0.3875 0.5149 -0.0375 0.0339  -0.0806 67  ASP A CG  
512 O OD1 . ASP A 69  ? 0.5704 0.4131 0.5289 -0.0444 0.0340  -0.0889 67  ASP A OD1 
513 O OD2 . ASP A 69  ? 0.5807 0.4302 0.5594 -0.0154 0.0398  -0.0745 67  ASP A OD2 
514 N N   . PRO A 70  ? 0.3252 0.2637 0.3405 -0.0867 0.0091  -0.0819 68  PRO A N   
515 C CA  . PRO A 70  ? 0.3082 0.2877 0.3426 -0.0845 0.0035  -0.0758 68  PRO A CA  
516 C C   . PRO A 70  ? 0.3095 0.2933 0.3412 -0.0676 0.0072  -0.0744 68  PRO A C   
517 O O   . PRO A 70  ? 0.3270 0.3427 0.3758 -0.0644 0.0033  -0.0669 68  PRO A O   
518 C CB  . PRO A 70  ? 0.3964 0.3879 0.4186 -0.1049 -0.0010 -0.0825 68  PRO A CB  
519 C CG  . PRO A 70  ? 0.4548 0.4014 0.4419 -0.1164 0.0043  -0.0955 68  PRO A CG  
520 C CD  . PRO A 70  ? 0.3945 0.3114 0.3821 -0.1086 0.0092  -0.0930 68  PRO A CD  
521 N N   . ASN A 71  ? 0.3208 0.2740 0.3305 -0.0558 0.0153  -0.0800 69  ASN A N   
522 C CA  . ASN A 71  ? 0.3115 0.2744 0.3173 -0.0382 0.0197  -0.0777 69  ASN A CA  
523 C C   . ASN A 71  ? 0.3561 0.3243 0.3743 -0.0196 0.0239  -0.0689 69  ASN A C   
524 O O   . ASN A 71  ? 0.3752 0.3517 0.3873 -0.0028 0.0292  -0.0664 69  ASN A O   
525 C CB  . ASN A 71  ? 0.4403 0.3704 0.4076 -0.0343 0.0269  -0.0900 69  ASN A CB  
526 C CG  . ASN A 71  ? 0.5399 0.4709 0.4931 -0.0552 0.0222  -0.0996 69  ASN A CG  
527 O OD1 . ASN A 71  ? 0.5053 0.4759 0.4774 -0.0622 0.0152  -0.0946 69  ASN A OD1 
528 N ND2 . ASN A 71  ? 0.6476 0.5348 0.5654 -0.0665 0.0263  -0.1129 69  ASN A ND2 
529 N N   . ASN A 72  ? 0.3349 0.3032 0.3704 -0.0229 0.0214  -0.0638 70  ASN A N   
530 C CA  . ASN A 72  ? 0.2880 0.2660 0.3363 -0.0088 0.0242  -0.0555 70  ASN A CA  
531 C C   . ASN A 72  ? 0.2907 0.3081 0.3650 -0.0104 0.0188  -0.0455 70  ASN A C   
532 O O   . ASN A 72  ? 0.2705 0.2977 0.3618 -0.0221 0.0124  -0.0423 70  ASN A O   
533 C CB  . ASN A 72  ? 0.2586 0.2192 0.3116 -0.0129 0.0239  -0.0549 70  ASN A CB  
534 C CG  . ASN A 72  ? 0.3655 0.3345 0.4265 0.0023  0.0279  -0.0475 70  ASN A CG  
535 O OD1 . ASN A 72  ? 0.3587 0.3600 0.4353 0.0075  0.0263  -0.0401 70  ASN A OD1 
536 N ND2 . ASN A 72  ? 0.3713 0.3128 0.4202 0.0081  0.0331  -0.0488 70  ASN A ND2 
537 N N   . ILE A 73  ? 0.2676 0.3071 0.3428 0.0013  0.0221  -0.0403 71  ILE A N   
538 C CA  . ILE A 73  ? 0.1968 0.2702 0.2919 -0.0048 0.0172  -0.0310 71  ILE A CA  
539 C C   . ILE A 73  ? 0.2532 0.3343 0.3661 -0.0101 0.0141  -0.0248 71  ILE A C   
540 O O   . ILE A 73  ? 0.2217 0.3163 0.3477 -0.0207 0.0093  -0.0189 71  ILE A O   
541 C CB  . ILE A 73  ? 0.2147 0.3166 0.3063 0.0063  0.0214  -0.0255 71  ILE A CB  
542 C CG1 . ILE A 73  ? 0.2444 0.3518 0.3297 0.0241  0.0285  -0.0229 71  ILE A CG1 
543 C CG2 . ILE A 73  ? 0.2478 0.3451 0.3218 0.0101  0.0236  -0.0315 71  ILE A CG2 
544 C CD1 . ILE A 73  ? 0.2702 0.4201 0.3575 0.0344  0.0319  -0.0139 71  ILE A CD1 
545 N N   . LYS A 74  ? 0.2365 0.3061 0.3471 -0.0029 0.0173  -0.0261 72  LYS A N   
546 C CA  . LYS A 74  ? 0.2075 0.2845 0.3329 -0.0083 0.0144  -0.0216 72  LYS A CA  
547 C C   . LYS A 74  ? 0.2148 0.2748 0.3473 -0.0208 0.0089  -0.0243 72  LYS A C   
548 O O   . LYS A 74  ? 0.2299 0.2971 0.3732 -0.0296 0.0046  -0.0202 72  LYS A O   
549 C CB  . LYS A 74  ? 0.2482 0.3207 0.3686 0.0046  0.0196  -0.0212 72  LYS A CB  
550 N N   . THR A 75  ? 0.2197 0.2570 0.3433 -0.0217 0.0094  -0.0308 73  THR A N   
551 C CA  . THR A 75  ? 0.2511 0.2804 0.3812 -0.0318 0.0047  -0.0320 73  THR A CA  
552 C C   . THR A 75  ? 0.2569 0.2990 0.3925 -0.0384 0.0003  -0.0286 73  THR A C   
553 O O   . THR A 75  ? 0.2310 0.2753 0.3755 -0.0423 -0.0030 -0.0246 73  THR A O   
554 C CB  . THR A 75  ? 0.3188 0.3268 0.4360 -0.0351 0.0062  -0.0392 73  THR A CB  
555 O OG1 . THR A 75  ? 0.3931 0.3831 0.4973 -0.0255 0.0126  -0.0418 73  THR A OG1 
556 C CG2 . THR A 75  ? 0.3779 0.3842 0.5037 -0.0431 0.0024  -0.0387 73  THR A CG2 
557 N N   . LEU A 76  ? 0.2006 0.2500 0.3289 -0.0377 0.0011  -0.0296 74  LEU A N   
558 C CA  . LEU A 76  ? 0.1877 0.2508 0.3197 -0.0423 -0.0023 -0.0247 74  LEU A CA  
559 C C   . LEU A 76  ? 0.1958 0.2669 0.3368 -0.0438 -0.0034 -0.0160 74  LEU A C   
560 O O   . LEU A 76  ? 0.2172 0.2869 0.3617 -0.0469 -0.0059 -0.0107 74  LEU A O   
561 C CB  . LEU A 76  ? 0.2216 0.2938 0.3432 -0.0405 -0.0007 -0.0270 74  LEU A CB  
562 C CG  . LEU A 76  ? 0.2451 0.3064 0.3522 -0.0440 -0.0003 -0.0366 74  LEU A CG  
563 C CD1 . LEU A 76  ? 0.2505 0.3158 0.3425 -0.0394 0.0030  -0.0408 74  LEU A CD1 
564 C CD2 . LEU A 76  ? 0.2275 0.2995 0.3394 -0.0529 -0.0054 -0.0350 74  LEU A CD2 
565 N N   . SER A 77  ? 0.2015 0.2812 0.3435 -0.0419 -0.0011 -0.0137 75  SER A N   
566 C CA  . SER A 77  ? 0.2047 0.2918 0.3516 -0.0489 -0.0022 -0.0060 75  SER A CA  
567 C C   . SER A 77  ? 0.2310 0.3020 0.3816 -0.0530 -0.0038 -0.0061 75  SER A C   
568 O O   . SER A 77  ? 0.2173 0.2795 0.3663 -0.0598 -0.0051 -0.0011 75  SER A O   
569 C CB  . SER A 77  ? 0.2091 0.3193 0.3562 -0.0480 0.0005  -0.0029 75  SER A CB  
570 O OG  . SER A 77  ? 0.3429 0.4547 0.4903 -0.0402 0.0030  -0.0067 75  SER A OG  
571 N N   . ASN A 78  ? 0.1945 0.2581 0.3472 -0.0483 -0.0032 -0.0117 76  ASN A N   
572 C CA  . ASN A 78  ? 0.2073 0.2570 0.3626 -0.0505 -0.0046 -0.0124 76  ASN A CA  
573 C C   . ASN A 78  ? 0.1890 0.2260 0.3432 -0.0496 -0.0064 -0.0109 76  ASN A C   
574 O O   . ASN A 78  ? 0.2210 0.2446 0.3723 -0.0514 -0.0068 -0.0083 76  ASN A O   
575 C CB  . ASN A 78  ? 0.2059 0.2528 0.3637 -0.0448 -0.0031 -0.0175 76  ASN A CB  
576 C CG  . ASN A 78  ? 0.3554 0.4170 0.5142 -0.0431 -0.0010 -0.0165 76  ASN A CG  
577 O OD1 . ASN A 78  ? 0.4127 0.4883 0.5722 -0.0501 -0.0016 -0.0124 76  ASN A OD1 
578 N ND2 . ASN A 78  ? 0.4520 0.5122 0.6095 -0.0342 0.0021  -0.0193 76  ASN A ND2 
579 N N   . LEU A 79  ? 0.1789 0.2206 0.3326 -0.0465 -0.0070 -0.0124 77  LEU A N   
580 C CA  . LEU A 79  ? 0.1919 0.2323 0.3449 -0.0439 -0.0085 -0.0089 77  LEU A CA  
581 C C   . LEU A 79  ? 0.2114 0.2484 0.3594 -0.0438 -0.0081 -0.0007 77  LEU A C   
582 O O   . LEU A 79  ? 0.2161 0.2413 0.3596 -0.0392 -0.0076 0.0043  77  LEU A O   
583 C CB  . LEU A 79  ? 0.1935 0.2469 0.3459 -0.0443 -0.0099 -0.0121 77  LEU A CB  
584 C CG  . LEU A 79  ? 0.1885 0.2539 0.3413 -0.0409 -0.0116 -0.0065 77  LEU A CG  
585 C CD1 . LEU A 79  ? 0.2164 0.2767 0.3721 -0.0351 -0.0115 -0.0040 77  LEU A CD1 
586 C CD2 . LEU A 79  ? 0.2141 0.2976 0.3649 -0.0468 -0.0136 -0.0109 77  LEU A CD2 
587 N N   . ALA A 80  ? 0.2161 0.2618 0.3621 -0.0480 -0.0077 0.0013  78  ALA A N   
588 C CA  . ALA A 80  ? 0.2255 0.2665 0.3648 -0.0500 -0.0068 0.0105  78  ALA A CA  
589 C C   . ALA A 80  ? 0.2634 0.2805 0.3955 -0.0555 -0.0054 0.0133  78  ALA A C   
590 O O   . ALA A 80  ? 0.2461 0.2426 0.3671 -0.0532 -0.0036 0.0201  78  ALA A O   
591 C CB  . ALA A 80  ? 0.2191 0.2783 0.3582 -0.0545 -0.0063 0.0122  78  ALA A CB  
592 N N   . VAL A 81  ? 0.2337 0.2522 0.3690 -0.0626 -0.0056 0.0081  79  VAL A N   
593 C CA  . VAL A 81  ? 0.2473 0.2451 0.3732 -0.0725 -0.0047 0.0091  79  VAL A CA  
594 C C   . VAL A 81  ? 0.2376 0.2088 0.3565 -0.0647 -0.0038 0.0074  79  VAL A C   
595 O O   . VAL A 81  ? 0.3235 0.2642 0.4257 -0.0674 -0.0014 0.0109  79  VAL A O   
596 C CB  . VAL A 81  ? 0.2337 0.2482 0.3654 -0.0815 -0.0056 0.0044  79  VAL A CB  
597 C CG1 . VAL A 81  ? 0.3256 0.3189 0.4459 -0.0939 -0.0054 0.0031  79  VAL A CG1 
598 C CG2 . VAL A 81  ? 0.2696 0.3125 0.4048 -0.0883 -0.0054 0.0086  79  VAL A CG2 
599 N N   . LEU A 82  ? 0.2731 0.2542 0.4021 -0.0548 -0.0049 0.0023  80  LEU A N   
600 C CA  . LEU A 82  ? 0.2296 0.1939 0.3539 -0.0449 -0.0038 0.0015  80  LEU A CA  
601 C C   . LEU A 82  ? 0.3042 0.2561 0.4177 -0.0336 -0.0014 0.0099  80  LEU A C   
602 O O   . LEU A 82  ? 0.3210 0.2436 0.4184 -0.0275 0.0019  0.0126  80  LEU A O   
603 C CB  . LEU A 82  ? 0.2233 0.2070 0.3612 -0.0385 -0.0055 -0.0037 80  LEU A CB  
604 C CG  . LEU A 82  ? 0.3304 0.3081 0.4661 -0.0269 -0.0045 -0.0031 80  LEU A CG  
605 C CD1 . LEU A 82  ? 0.3337 0.2855 0.4579 -0.0277 -0.0025 -0.0058 80  LEU A CD1 
606 C CD2 . LEU A 82  ? 0.3298 0.3293 0.4788 -0.0259 -0.0063 -0.0075 80  LEU A CD2 
607 N N   . LEU A 83  ? 0.2547 0.2284 0.3746 -0.0294 -0.0024 0.0143  81  LEU A N   
608 C CA  . LEU A 83  ? 0.2637 0.2333 0.3740 -0.0165 0.0001  0.0245  81  LEU A CA  
609 C C   . LEU A 83  ? 0.3623 0.2969 0.4520 -0.0191 0.0043  0.0318  81  LEU A C   
610 O O   . LEU A 83  ? 0.3779 0.2868 0.4501 -0.0056 0.0089  0.0389  81  LEU A O   
611 C CB  . LEU A 83  ? 0.2789 0.2831 0.3992 -0.0151 -0.0024 0.0274  81  LEU A CB  
612 C CG  . LEU A 83  ? 0.2616 0.2964 0.3951 -0.0123 -0.0056 0.0226  81  LEU A CG  
613 C CD1 . LEU A 83  ? 0.2610 0.3246 0.4007 -0.0187 -0.0085 0.0209  81  LEU A CD1 
614 C CD2 . LEU A 83  ? 0.2913 0.3345 0.4213 0.0041  -0.0039 0.0300  81  LEU A CD2 
615 N N   . ALA A 84  ? 0.3163 0.2490 0.4056 -0.0360 0.0033  0.0308  82  ALA A N   
616 C CA  . ALA A 84  ? 0.3578 0.2562 0.4252 -0.0438 0.0072  0.0381  82  ALA A CA  
617 C C   . ALA A 84  ? 0.3822 0.2359 0.4288 -0.0462 0.0107  0.0346  82  ALA A C   
618 O O   . ALA A 84  ? 0.4704 0.2816 0.4904 -0.0405 0.0164  0.0417  82  ALA A O   
619 C CB  . ALA A 84  ? 0.3916 0.3055 0.4642 -0.0642 0.0050  0.0379  82  ALA A CB  
620 N N   . GLN A 85  ? 0.3636 0.2238 0.4188 -0.0544 0.0077  0.0239  83  GLN A N   
621 C CA  . GLN A 85  ? 0.4192 0.2398 0.4540 -0.0584 0.0105  0.0184  83  GLN A CA  
622 C C   . GLN A 85  ? 0.4878 0.2845 0.5093 -0.0337 0.0152  0.0209  83  GLN A C   
623 O O   . GLN A 85  ? 0.5292 0.2787 0.5225 -0.0320 0.0202  0.0194  83  GLN A O   
624 C CB  . GLN A 85  ? 0.4622 0.3039 0.5118 -0.0693 0.0062  0.0073  83  GLN A CB  
625 C CG  . GLN A 85  ? 0.5771 0.4391 0.6329 -0.0933 0.0031  0.0054  83  GLN A CG  
626 C CD  . GLN A 85  ? 0.6746 0.5615 0.7443 -0.0997 -0.0004 -0.0036 83  GLN A CD  
627 O OE1 . GLN A 85  ? 0.6777 0.5729 0.7579 -0.0858 -0.0010 -0.0081 83  GLN A OE1 
628 N NE2 . GLN A 85  ? 0.7381 0.6411 0.8075 -0.1211 -0.0024 -0.0049 83  GLN A NE2 
629 N N   . GLU A 86  ? 0.4316 0.2619 0.4709 -0.0148 0.0140  0.0248  84  GLU A N   
630 C CA  . GLU A 86  ? 0.5486 0.3697 0.5781 0.0109  0.0183  0.0292  84  GLU A CA  
631 C C   . GLU A 86  ? 0.6552 0.4635 0.6682 0.0293  0.0240  0.0435  84  GLU A C   
632 O O   . GLU A 86  ? 0.6802 0.4980 0.6899 0.0546  0.0275  0.0505  84  GLU A O   
633 C CB  . GLU A 86  ? 0.4585 0.3291 0.5157 0.0194  0.0138  0.0261  84  GLU A CB  
634 C CG  . GLU A 86  ? 0.3703 0.2520 0.4419 0.0055  0.0095  0.0138  84  GLU A CG  
635 C CD  . GLU A 86  ? 0.5039 0.3500 0.5567 0.0078  0.0129  0.0080  84  GLU A CD  
636 O OE1 . GLU A 86  ? 0.6015 0.4208 0.6327 0.0266  0.0189  0.0128  84  GLU A OE1 
637 O OE2 . GLU A 86  ? 0.4834 0.3292 0.5408 -0.0080 0.0102  -0.0013 84  GLU A OE2 
638 N N   . GLY A 87  ? 0.6535 0.4442 0.6558 0.0175  0.0253  0.0493  85  GLY A N   
639 C CA  . GLY A 87  ? 0.6477 0.4179 0.6289 0.0344  0.0319  0.0643  85  GLY A CA  
640 C C   . GLY A 87  ? 0.6090 0.4327 0.6113 0.0462  0.0291  0.0735  85  GLY A C   
641 O O   . GLY A 87  ? 0.7113 0.5296 0.6988 0.0670  0.0348  0.0878  85  GLY A O   
642 N N   . LYS A 88  ? 0.4481 0.3221 0.4816 0.0332  0.0210  0.0658  86  LYS A N   
643 C CA  . LYS A 88  ? 0.3998 0.3255 0.4516 0.0394  0.0175  0.0716  86  LYS A CA  
644 C C   . LYS A 88  ? 0.4058 0.3476 0.4684 0.0188  0.0133  0.0693  86  LYS A C   
645 O O   . LYS A 88  ? 0.3949 0.3770 0.4787 0.0107  0.0074  0.0624  86  LYS A O   
646 C CB  . LYS A 88  ? 0.4345 0.4049 0.5090 0.0429  0.0123  0.0645  86  LYS A CB  
647 C CG  . LYS A 88  ? 0.5355 0.5011 0.6017 0.0649  0.0164  0.0681  86  LYS A CG  
648 C CD  . LYS A 88  ? 0.5667 0.5692 0.6544 0.0606  0.0111  0.0588  86  LYS A CD  
649 C CE  . LYS A 88  ? 0.6203 0.6273 0.7009 0.0840  0.0154  0.0642  86  LYS A CE  
650 N NZ  . LYS A 88  ? 0.6720 0.7149 0.7496 0.1067  0.0182  0.0796  86  LYS A NZ  
651 N N   . ALA A 89  ? 0.4859 0.3938 0.5307 0.0102  0.0170  0.0753  87  ALA A N   
652 C CA  . ALA A 89  ? 0.3904 0.3137 0.4433 -0.0093 0.0139  0.0745  87  ALA A CA  
653 C C   . ALA A 89  ? 0.4032 0.3729 0.4695 -0.0030 0.0112  0.0797  87  ALA A C   
654 O O   . ALA A 89  ? 0.3924 0.3923 0.4741 -0.0153 0.0066  0.0731  87  ALA A O   
655 C CB  . ALA A 89  ? 0.4693 0.3483 0.4970 -0.0203 0.0190  0.0828  87  ALA A CB  
656 N N   . GLU A 90  ? 0.4835 0.4598 0.5419 0.0173  0.0144  0.0919  88  GLU A N   
657 C CA  . GLU A 90  ? 0.4545 0.4789 0.5237 0.0230  0.0116  0.0972  88  GLU A CA  
658 C C   . GLU A 90  ? 0.4265 0.4944 0.5183 0.0159  0.0045  0.0835  88  GLU A C   
659 O O   . GLU A 90  ? 0.4280 0.5268 0.5291 0.0069  0.0007  0.0794  88  GLU A O   
660 C CB  . GLU A 90  ? 0.5320 0.5629 0.5891 0.0490  0.0166  0.1135  88  GLU A CB  
661 N N   . GLU A 91  ? 0.4478 0.5149 0.5454 0.0196  0.0032  0.0761  89  GLU A N   
662 C CA  . GLU A 91  ? 0.4173 0.5167 0.5320 0.0106  -0.0027 0.0630  89  GLU A CA  
663 C C   . GLU A 91  ? 0.4149 0.5027 0.5360 -0.0076 -0.0050 0.0499  89  GLU A C   
664 O O   . GLU A 91  ? 0.4208 0.5313 0.5503 -0.0169 -0.0087 0.0405  89  GLU A O   
665 C CB  . GLU A 91  ? 0.4140 0.5158 0.5320 0.0195  -0.0026 0.0608  89  GLU A CB  
666 N N   . ALA A 92  ? 0.3459 0.3983 0.4604 -0.0124 -0.0024 0.0495  90  ALA A N   
667 C CA  . ALA A 92  ? 0.2953 0.3417 0.4157 -0.0271 -0.0040 0.0393  90  ALA A CA  
668 C C   . ALA A 92  ? 0.3263 0.3925 0.4491 -0.0351 -0.0050 0.0391  90  ALA A C   
669 O O   . ALA A 92  ? 0.3387 0.4162 0.4683 -0.0419 -0.0066 0.0297  90  ALA A O   
670 C CB  . ALA A 92  ? 0.2965 0.3065 0.4068 -0.0328 -0.0011 0.0406  90  ALA A CB  
671 N N   . ILE A 93  ? 0.2891 0.3589 0.4045 -0.0322 -0.0032 0.0504  91  ILE A N   
672 C CA  . ILE A 93  ? 0.3007 0.3885 0.4167 -0.0398 -0.0034 0.0518  91  ILE A CA  
673 C C   . ILE A 93  ? 0.2935 0.4141 0.4167 -0.0389 -0.0065 0.0430  91  ILE A C   
674 O O   . ILE A 93  ? 0.2646 0.3977 0.3891 -0.0444 -0.0065 0.0380  91  ILE A O   
675 C CB  . ILE A 93  ? 0.3995 0.4825 0.5041 -0.0372 -0.0003 0.0676  91  ILE A CB  
676 C CG1 . ILE A 93  ? 0.4531 0.5453 0.5566 -0.0497 0.0006  0.0705  91  ILE A CG1 
677 C CG2 . ILE A 93  ? 0.4901 0.5991 0.5944 -0.0248 -0.0009 0.0738  91  ILE A CG2 
678 C CD1 . ILE A 93  ? 0.4892 0.5666 0.5785 -0.0518 0.0046  0.0869  91  ILE A CD1 
679 N N   . LYS A 94  ? 0.2879 0.4225 0.4132 -0.0328 -0.0086 0.0406  92  LYS A N   
680 C CA  . LYS A 94  ? 0.2680 0.4284 0.3944 -0.0365 -0.0114 0.0308  92  LYS A CA  
681 C C   . LYS A 94  ? 0.2737 0.4229 0.4021 -0.0428 -0.0117 0.0163  92  LYS A C   
682 O O   . LYS A 94  ? 0.2813 0.4389 0.4046 -0.0461 -0.0115 0.0076  92  LYS A O   
683 C CB  . LYS A 94  ? 0.3813 0.5652 0.5082 -0.0328 -0.0141 0.0319  92  LYS A CB  
684 C CG  . LYS A 94  ? 0.4786 0.6555 0.6103 -0.0320 -0.0153 0.0277  92  LYS A CG  
685 C CD  . LYS A 94  ? 0.5381 0.7507 0.6702 -0.0337 -0.0189 0.0270  92  LYS A CD  
686 C CE  . LYS A 94  ? 0.6030 0.8162 0.7405 -0.0327 -0.0200 0.0256  92  LYS A CE  
687 N NZ  . LYS A 94  ? 0.6729 0.8735 0.8113 -0.0161 -0.0166 0.0386  92  LYS A NZ  
688 N N   . TYR A 95  ? 0.2879 0.4159 0.4206 -0.0428 -0.0111 0.0141  93  TYR A N   
689 C CA  . TYR A 95  ? 0.2443 0.3610 0.3779 -0.0464 -0.0106 0.0025  93  TYR A CA  
690 C C   . TYR A 95  ? 0.2454 0.3602 0.3781 -0.0472 -0.0078 0.0025  93  TYR A C   
691 O O   . TYR A 95  ? 0.2281 0.3439 0.3563 -0.0462 -0.0060 -0.0057 93  TYR A O   
692 C CB  . TYR A 95  ? 0.2160 0.3158 0.3551 -0.0454 -0.0108 0.0010  93  TYR A CB  
693 C CG  . TYR A 95  ? 0.2319 0.3411 0.3720 -0.0454 -0.0132 -0.0008 93  TYR A CG  
694 C CD1 . TYR A 95  ? 0.2754 0.3900 0.4113 -0.0523 -0.0145 -0.0109 93  TYR A CD1 
695 C CD2 . TYR A 95  ? 0.2655 0.3787 0.4082 -0.0384 -0.0137 0.0083  93  TYR A CD2 
696 C CE1 . TYR A 95  ? 0.3798 0.5094 0.5165 -0.0566 -0.0172 -0.0118 93  TYR A CE1 
697 C CE2 . TYR A 95  ? 0.3290 0.4612 0.4740 -0.0379 -0.0159 0.0085  93  TYR A CE2 
698 C CZ  . TYR A 95  ? 0.4074 0.5506 0.5505 -0.0491 -0.0182 -0.0015 93  TYR A CZ  
699 O OH  . TYR A 95  ? 0.4915 0.6597 0.6366 -0.0527 -0.0209 -0.0008 93  TYR A OH  
700 N N   . MET A 96  ? 0.2240 0.3363 0.3581 -0.0490 -0.0069 0.0123  94  MET A N   
701 C CA  A MET A 96  ? 0.2135 0.3339 0.3475 -0.0522 -0.0047 0.0140  94  MET A CA  
702 C CA  B MET A 96  ? 0.2183 0.3385 0.3522 -0.0524 -0.0047 0.0143  94  MET A CA  
703 C C   . MET A 96  ? 0.2197 0.3631 0.3488 -0.0500 -0.0036 0.0151  94  MET A C   
704 O O   . MET A 96  ? 0.1953 0.3519 0.3227 -0.0477 -0.0012 0.0125  94  MET A O   
705 C CB  A MET A 96  ? 0.2514 0.3623 0.3851 -0.0603 -0.0041 0.0238  94  MET A CB  
706 C CB  B MET A 96  ? 0.2434 0.3540 0.3767 -0.0604 -0.0041 0.0247  94  MET A CB  
707 C CG  A MET A 96  ? 0.2932 0.4203 0.4284 -0.0667 -0.0025 0.0257  94  MET A CG  
708 C CG  B MET A 96  ? 0.2882 0.4117 0.4232 -0.0679 -0.0026 0.0264  94  MET A CG  
709 S SD  A MET A 96  ? 0.4125 0.5226 0.5447 -0.0824 -0.0025 0.0323  94  MET A SD  
710 S SD  B MET A 96  ? 0.1941 0.3121 0.3346 -0.0673 -0.0026 0.0176  94  MET A SD  
711 C CE  A MET A 96  ? 0.2865 0.3781 0.4233 -0.0781 -0.0036 0.0218  94  MET A CE  
712 C CE  B MET A 96  ? 0.2859 0.3744 0.4223 -0.0789 -0.0037 0.0217  94  MET A CE  
713 N N   . ARG A 97  ? 0.2358 0.3872 0.3620 -0.0487 -0.0050 0.0194  95  ARG A N   
714 C CA  . ARG A 97  ? 0.2268 0.4015 0.3470 -0.0464 -0.0042 0.0196  95  ARG A CA  
715 C C   . ARG A 97  ? 0.2516 0.4271 0.3640 -0.0424 -0.0035 0.0049  95  ARG A C   
716 O O   . ARG A 97  ? 0.2660 0.4545 0.3702 -0.0382 -0.0008 0.0016  95  ARG A O   
717 C CB  . ARG A 97  ? 0.2683 0.4540 0.3863 -0.0454 -0.0058 0.0284  95  ARG A CB  
718 C CG  . ARG A 97  ? 0.2577 0.4428 0.3755 -0.0483 -0.0042 0.0446  95  ARG A CG  
719 C CD  . ARG A 97  ? 0.3555 0.5492 0.4691 -0.0434 -0.0046 0.0556  95  ARG A CD  
720 N NE  . ARG A 97  ? 0.3912 0.5805 0.4998 -0.0467 -0.0017 0.0717  95  ARG A NE  
721 C CZ  . ARG A 97  ? 0.4217 0.5975 0.5234 -0.0420 0.0001  0.0855  95  ARG A CZ  
722 N NH1 . ARG A 97  ? 0.4384 0.6112 0.5400 -0.0315 -0.0009 0.0859  95  ARG A NH1 
723 N NH2 . ARG A 97  ? 0.4137 0.5793 0.5067 -0.0472 0.0036  0.1002  95  ARG A NH2 
724 N N   . LYS A 98  ? 0.2558 0.4153 0.3674 -0.0439 -0.0052 -0.0036 96  LYS A N   
725 C CA  . LYS A 98  ? 0.2555 0.4052 0.3545 -0.0430 -0.0037 -0.0180 96  LYS A CA  
726 C C   . LYS A 98  ? 0.2051 0.3445 0.3001 -0.0355 0.0012  -0.0219 96  LYS A C   
727 O O   . LYS A 98  ? 0.2725 0.4091 0.3517 -0.0289 0.0053  -0.0297 96  LYS A O   
728 C CB  . LYS A 98  ? 0.2472 0.3822 0.3461 -0.0492 -0.0064 -0.0246 96  LYS A CB  
729 C CG  . LYS A 98  ? 0.3140 0.4321 0.3938 -0.0525 -0.0044 -0.0396 96  LYS A CG  
730 C CD  . LYS A 98  ? 0.4065 0.5140 0.4853 -0.0630 -0.0074 -0.0452 96  LYS A CD  
731 C CE  . LYS A 98  ? 0.5103 0.5967 0.5637 -0.0709 -0.0051 -0.0604 96  LYS A CE  
732 N NZ  . LYS A 98  ? 0.5728 0.6475 0.6236 -0.0843 -0.0073 -0.0655 96  LYS A NZ  
733 N N   . ALA A 99  ? 0.2224 0.3569 0.3292 -0.0353 0.0015  -0.0160 97  ALA A N   
734 C CA  . ALA A 99  ? 0.1777 0.3122 0.2830 -0.0273 0.0060  -0.0169 97  ALA A CA  
735 C C   . ALA A 99  ? 0.1918 0.3536 0.2939 -0.0211 0.0093  -0.0111 97  ALA A C   
736 O O   . ALA A 99  ? 0.2240 0.3892 0.3152 -0.0087 0.0147  -0.0151 97  ALA A O   
737 C CB  . ALA A 99  ? 0.2108 0.3417 0.3300 -0.0316 0.0045  -0.0110 97  ALA A CB  
738 N N   . VAL A 100 ? 0.1844 0.3657 0.2937 -0.0284 0.0066  -0.0010 98  VAL A N   
739 C CA  . VAL A 100 ? 0.1840 0.3960 0.2906 -0.0246 0.0094  0.0059  98  VAL A CA  
740 C C   . VAL A 100 ? 0.1952 0.4092 0.2842 -0.0134 0.0129  -0.0036 98  VAL A C   
741 O O   . VAL A 100 ? 0.2601 0.4909 0.3405 -0.0011 0.0183  -0.0038 98  VAL A O   
742 C CB  . VAL A 100 ? 0.2257 0.4524 0.3393 -0.0356 0.0064  0.0187  98  VAL A CB  
743 C CG1 . VAL A 100 ? 0.2897 0.5504 0.3983 -0.0316 0.0093  0.0249  98  VAL A CG1 
744 C CG2 . VAL A 100 ? 0.2186 0.4411 0.3424 -0.0477 0.0048  0.0282  98  VAL A CG2 
745 N N   . SER A 101 ? 0.2408 0.4391 0.3225 -0.0176 0.0100  -0.0114 99  SER A N   
746 C CA  . SER A 101 ? 0.2984 0.4957 0.3593 -0.0114 0.0127  -0.0218 99  SER A CA  
747 C C   . SER A 101 ? 0.2665 0.4376 0.3078 0.0007  0.0191  -0.0344 99  SER A C   
748 O O   . SER A 101 ? 0.3241 0.4956 0.3443 0.0128  0.0249  -0.0409 99  SER A O   
749 C CB  . SER A 101 ? 0.3936 0.5846 0.4507 -0.0225 0.0075  -0.0273 99  SER A CB  
750 O OG  . SER A 101 ? 0.5152 0.6782 0.5719 -0.0288 0.0055  -0.0352 99  SER A OG  
751 N N   . LEU A 102 ? 0.2686 0.4148 0.3144 -0.0010 0.0189  -0.0372 100 LEU A N   
752 C CA  . LEU A 102 ? 0.2834 0.3997 0.3093 0.0117  0.0260  -0.0467 100 LEU A CA  
753 C C   . LEU A 102 ? 0.2928 0.4300 0.3188 0.0308  0.0326  -0.0391 100 LEU A C   
754 O O   . LEU A 102 ? 0.3347 0.4579 0.3364 0.0494  0.0412  -0.0452 100 LEU A O   
755 C CB  . LEU A 102 ? 0.2900 0.3781 0.3223 0.0040  0.0237  -0.0498 100 LEU A CB  
756 C CG  . LEU A 102 ? 0.3325 0.3983 0.3571 -0.0125 0.0191  -0.0594 100 LEU A CG  
757 C CD1 . LEU A 102 ? 0.3271 0.3813 0.3677 -0.0214 0.0153  -0.0569 100 LEU A CD1 
758 C CD2 . LEU A 102 ? 0.3859 0.4151 0.3748 -0.0101 0.0250  -0.0746 100 LEU A CD2 
759 N N   . ILE A 103 ? 0.2580 0.4299 0.3086 0.0262  0.0295  -0.0253 101 ILE A N   
760 C CA  . ILE A 103 ? 0.2770 0.4835 0.3298 0.0411  0.0350  -0.0160 101 ILE A CA  
761 C C   . ILE A 103 ? 0.2946 0.5259 0.3341 0.0517  0.0391  -0.0150 101 ILE A C   
762 O O   . ILE A 103 ? 0.3326 0.5800 0.3587 0.0734  0.0473  -0.0134 101 ILE A O   
763 C CB  . ILE A 103 ? 0.2695 0.5089 0.3491 0.0273  0.0299  -0.0017 101 ILE A CB  
764 C CG1 . ILE A 103 ? 0.2711 0.4869 0.3608 0.0197  0.0269  -0.0035 101 ILE A CG1 
765 C CG2 . ILE A 103 ? 0.2416 0.5286 0.3238 0.0390  0.0349  0.0093  101 ILE A CG2 
766 C CD1 . ILE A 103 ? 0.2540 0.4941 0.3645 0.0039  0.0221  0.0078  101 ILE A CD1 
767 N N   . ASP A 104 ? 0.2565 0.4929 0.2986 0.0385  0.0340  -0.0153 102 ASP A N   
768 C CA  . ASP A 104 ? 0.3141 0.5758 0.3439 0.0471  0.0372  -0.0144 102 ASP A CA  
769 C C   . ASP A 104 ? 0.3390 0.5692 0.3344 0.0654  0.0450  -0.0301 102 ASP A C   
770 O O   . ASP A 104 ? 0.4128 0.6604 0.3915 0.0857  0.0527  -0.0296 102 ASP A O   
771 C CB  . ASP A 104 ? 0.3618 0.6335 0.4002 0.0295  0.0302  -0.0112 102 ASP A CB  
772 C CG  . ASP A 104 ? 0.5475 0.8644 0.5870 0.0333  0.0319  -0.0007 102 ASP A CG  
773 O OD1 . ASP A 104 ? 0.5410 0.8773 0.5674 0.0524  0.0392  -0.0007 102 ASP A OD1 
774 O OD2 . ASP A 104 ? 0.6801 1.0136 0.7319 0.0188  0.0264  0.0086  102 ASP A OD2 
775 N N   . LYS A 105 ? 0.3812 0.5635 0.3633 0.0576  0.0435  -0.0439 103 LYS A N   
776 C CA  . LYS A 105 ? 0.4018 0.5416 0.3451 0.0708  0.0513  -0.0604 103 LYS A CA  
777 C C   . LYS A 105 ? 0.4510 0.5820 0.3796 0.0984  0.0622  -0.0584 103 LYS A C   
778 O O   . LYS A 105 ? 0.4867 0.6060 0.3832 0.1207  0.0720  -0.0648 103 LYS A O   
779 C CB  . LYS A 105 ? 0.4594 0.5509 0.3923 0.0527  0.0475  -0.0738 103 LYS A CB  
780 C CG  . LYS A 105 ? 0.5701 0.6699 0.5068 0.0301  0.0388  -0.0783 103 LYS A CG  
781 C CD  . LYS A 105 ? 0.6964 0.7525 0.6169 0.0124  0.0362  -0.0924 103 LYS A CD  
782 C CE  . LYS A 105 ? 0.7533 0.8325 0.6902 -0.0114 0.0257  -0.0909 103 LYS A CE  
783 N NZ  . LYS A 105 ? 0.7928 0.9072 0.7270 -0.0105 0.0241  -0.0890 103 LYS A NZ  
784 N N   . ALA A 106 ? 0.4550 0.5931 0.4053 0.0983  0.0608  -0.0492 104 ALA A N   
785 C CA  . ALA A 106 ? 0.4442 0.5813 0.3831 0.1255  0.0709  -0.0447 104 ALA A CA  
786 C C   . ALA A 106 ? 0.4781 0.6693 0.4169 0.1475  0.0771  -0.0334 104 ALA A C   
787 O O   . ALA A 106 ? 0.5367 0.7224 0.4490 0.1785  0.0889  -0.0338 104 ALA A O   
788 C CB  . ALA A 106 ? 0.4088 0.5541 0.3749 0.1178  0.0667  -0.0358 104 ALA A CB  
789 N N   . ALA A 107 ? 0.4062 0.6501 0.3728 0.1320  0.0697  -0.0223 105 ALA A N   
790 C CA  . ALA A 107 ? 0.3921 0.6963 0.3620 0.1478  0.0744  -0.0095 105 ALA A CA  
791 C C   . ALA A 107 ? 0.4380 0.7302 0.3728 0.1688  0.0827  -0.0192 105 ALA A C   
792 O O   . ALA A 107 ? 0.5152 0.8374 0.4351 0.1979  0.0927  -0.0133 105 ALA A O   
793 C CB  . ALA A 107 ? 0.3700 0.7239 0.3732 0.1217  0.0644  0.0040  105 ALA A CB  
794 N N   . LYS A 108 ? 0.4457 0.6957 0.3654 0.1542  0.0790  -0.0342 106 LYS A N   
795 C CA  . LYS A 108 ? 0.5505 0.7829 0.4331 0.1693  0.0860  -0.0465 106 LYS A CA  
796 C C   . LYS A 108 ? 0.6866 0.8579 0.5233 0.1956  0.0988  -0.0607 106 LYS A C   
797 O O   . LYS A 108 ? 0.7290 0.8910 0.5291 0.2210  0.1094  -0.0674 106 LYS A O   
798 C CB  . LYS A 108 ? 0.5685 0.7824 0.4504 0.1415  0.0768  -0.0573 106 LYS A CB  
799 C CG  . LYS A 108 ? 0.5248 0.7964 0.4402 0.1230  0.0677  -0.0431 106 LYS A CG  
800 C CD  . LYS A 108 ? 0.5657 0.8208 0.4826 0.0970  0.0585  -0.0518 106 LYS A CD  
801 C CE  . LYS A 108 ? 0.5538 0.8623 0.4987 0.0828  0.0512  -0.0361 106 LYS A CE  
802 N NZ  . LYS A 108 ? 0.5695 0.8665 0.5242 0.0577  0.0415  -0.0394 106 LYS A NZ  
803 N N   . GLY A 109 ? 0.7286 0.8556 0.5645 0.1904  0.0985  -0.0648 107 GLY A N   
804 C CA  . GLY A 109 ? 0.8338 0.8938 0.6241 0.2130  0.1110  -0.0770 107 GLY A CA  
805 C C   . GLY A 109 ? 0.9279 0.9240 0.6749 0.2027  0.1130  -0.0995 107 GLY A C   
806 O O   . GLY A 109 ? 1.0094 0.9360 0.7107 0.2162  0.1236  -0.1124 107 GLY A O   
# 
